data_3TU1
# 
_entry.id   3TU1 
# 
_audit_conform.dict_name       mmcif_pdbx.dic 
_audit_conform.dict_version    5.393 
_audit_conform.dict_location   http://mmcif.pdb.org/dictionaries/ascii/mmcif_pdbx.dic 
# 
loop_
_database_2.database_id 
_database_2.database_code 
_database_2.pdbx_database_accession 
_database_2.pdbx_DOI 
PDB   3TU1         pdb_00003tu1 10.2210/pdb3tu1/pdb 
RCSB  RCSB067918   ?            ?                   
WWPDB D_1000067918 ?            ?                   
# 
loop_
_pdbx_audit_revision_history.ordinal 
_pdbx_audit_revision_history.data_content_type 
_pdbx_audit_revision_history.major_revision 
_pdbx_audit_revision_history.minor_revision 
_pdbx_audit_revision_history.revision_date 
1 'Structure model' 1 0 2011-11-02 
2 'Structure model' 1 1 2012-01-18 
3 'Structure model' 1 2 2017-11-08 
4 'Structure model' 1 3 2024-02-28 
5 'Structure model' 2 0 2024-05-29 
# 
_pdbx_audit_revision_details.ordinal             1 
_pdbx_audit_revision_details.revision_ordinal    1 
_pdbx_audit_revision_details.data_content_type   'Structure model' 
_pdbx_audit_revision_details.provider            repository 
_pdbx_audit_revision_details.type                'Initial release' 
_pdbx_audit_revision_details.description         ? 
_pdbx_audit_revision_details.details             ? 
# 
loop_
_pdbx_audit_revision_group.ordinal 
_pdbx_audit_revision_group.revision_ordinal 
_pdbx_audit_revision_group.data_content_type 
_pdbx_audit_revision_group.group 
1 2 'Structure model' 'Database references'     
2 3 'Structure model' 'Refinement description'  
3 4 'Structure model' 'Data collection'         
4 4 'Structure model' 'Database references'     
5 4 'Structure model' 'Derived calculations'    
6 5 'Structure model' 'Data collection'         
7 5 'Structure model' 'Derived calculations'    
8 5 'Structure model' 'Non-polymer description' 
9 5 'Structure model' 'Structure summary'       
# 
loop_
_pdbx_audit_revision_category.ordinal 
_pdbx_audit_revision_category.revision_ordinal 
_pdbx_audit_revision_category.data_content_type 
_pdbx_audit_revision_category.category 
1  3 'Structure model' software             
2  4 'Structure model' chem_comp_atom       
3  4 'Structure model' chem_comp_bond       
4  4 'Structure model' database_2           
5  4 'Structure model' struct_site          
6  5 'Structure model' chem_comp            
7  5 'Structure model' chem_comp_atom       
8  5 'Structure model' chem_comp_bond       
9  5 'Structure model' entity               
10 5 'Structure model' pdbx_entity_nonpoly  
11 5 'Structure model' pdbx_validate_chiral 
# 
loop_
_pdbx_audit_revision_item.ordinal 
_pdbx_audit_revision_item.revision_ordinal 
_pdbx_audit_revision_item.data_content_type 
_pdbx_audit_revision_item.item 
1  3 'Structure model' '_software.name'                      
2  4 'Structure model' '_database_2.pdbx_DOI'                
3  4 'Structure model' '_database_2.pdbx_database_accession' 
4  4 'Structure model' '_struct_site.pdbx_auth_asym_id'      
5  4 'Structure model' '_struct_site.pdbx_auth_comp_id'      
6  4 'Structure model' '_struct_site.pdbx_auth_seq_id'       
7  5 'Structure model' '_chem_comp.formula'                  
8  5 'Structure model' '_chem_comp.formula_weight'           
9  5 'Structure model' '_chem_comp.name'                     
10 5 'Structure model' '_entity.formula_weight'              
11 5 'Structure model' '_entity.pdbx_description'            
12 5 'Structure model' '_pdbx_entity_nonpoly.name'           
# 
_pdbx_database_status.status_code                     REL 
_pdbx_database_status.entry_id                        3TU1 
_pdbx_database_status.recvd_initial_deposition_date   2011-09-15 
_pdbx_database_status.deposit_site                    RCSB 
_pdbx_database_status.process_site                    RCSB 
_pdbx_database_status.status_code_sf                  REL 
_pdbx_database_status.status_code_mr                  ? 
_pdbx_database_status.SG_entry                        ? 
_pdbx_database_status.status_code_cs                  ? 
_pdbx_database_status.pdb_format_compatible           Y 
_pdbx_database_status.methods_development_category    ? 
_pdbx_database_status.status_code_nmr_data            ? 
# 
loop_
_audit_author.name 
_audit_author.pdbx_ordinal 
'Wolf, S.'       1 
'Huang, Y.'      2 
'Koes, D.'       3 
'Popowicz, G.M.' 4 
'Camacho, C.J.'  5 
'Holak, T.A.'    6 
'Doemling, A.'   7 
# 
_citation.id                        primary 
_citation.title                     'Exhaustive Fluorine Scanning toward Potent p53-Mdm2 Antagonists.' 
_citation.journal_abbrev            Chemmedchem 
_citation.journal_volume            7 
_citation.page_first                49 
_citation.page_last                 52 
_citation.year                      2012 
_citation.journal_id_ASTM           ? 
_citation.country                   DE 
_citation.journal_id_ISSN           1860-7179 
_citation.journal_id_CSD            ? 
_citation.book_publisher            ? 
_citation.pdbx_database_id_PubMed   21954050 
_citation.pdbx_database_id_DOI      10.1002/cmdc.201100428 
# 
loop_
_citation_author.citation_id 
_citation_author.name 
_citation_author.ordinal 
_citation_author.identifier_ORCID 
primary 'Huang, Y.'      1 ? 
primary 'Wolf, S.'       2 ? 
primary 'Koes, D.'       3 ? 
primary 'Popowicz, G.M.' 4 ? 
primary 'Camacho, C.J.'  5 ? 
primary 'Holak, T.A.'    6 ? 
primary 'Domling, A.'    7 ? 
# 
loop_
_entity.id 
_entity.type 
_entity.src_method 
_entity.pdbx_description 
_entity.formula_weight 
_entity.pdbx_number_of_molecules 
_entity.pdbx_ec 
_entity.pdbx_mutation 
_entity.pdbx_fragment 
_entity.details 
1 polymer     man 'E3 ubiquitin-protein ligase Mdm2' 12448.272 1   6.3.2.- ? 'p53 binding domain (UNP Residues 18-105)' ? 
2 non-polymer syn 
'3-[(1S)-2-(tert-butylamino)-1-{N-[(3,4-difluorophenyl)methyl]formamido}-2-oxoethyl]-6-chloro-1H-indole-2-carboxylic acid' 477.888 
1   ?       ? ?                                          ? 
3 water       nat water 18.015    116 ?       ? ?                                          ? 
# 
_entity_name_com.entity_id   1 
_entity_name_com.name        'Double minute 2 protein, Hdm2, Oncoprotein Mdm2, p53-binding protein Mdm2' 
# 
_entity_poly.entity_id                      1 
_entity_poly.type                           'polypeptide(L)' 
_entity_poly.nstd_linkage                   no 
_entity_poly.nstd_monomer                   no 
_entity_poly.pdbx_seq_one_letter_code       
;QIPASEQETLVRPKPLLLKLLKSVGAQKDTYTMKEVLFYLGQYIMTKRLYDEKQQHIVYCSNDLLGDLFGVPSFSVKEHR
KIYTMIYRNLVVVNQQESSDSGTSVSEN
;
_entity_poly.pdbx_seq_one_letter_code_can   
;QIPASEQETLVRPKPLLLKLLKSVGAQKDTYTMKEVLFYLGQYIMTKRLYDEKQQHIVYCSNDLLGDLFGVPSFSVKEHR
KIYTMIYRNLVVVNQQESSDSGTSVSEN
;
_entity_poly.pdbx_strand_id                 A 
_entity_poly.pdbx_target_identifier         ? 
# 
loop_
_pdbx_entity_nonpoly.entity_id 
_pdbx_entity_nonpoly.name 
_pdbx_entity_nonpoly.comp_id 
2 '3-[(1S)-2-(tert-butylamino)-1-{N-[(3,4-difluorophenyl)methyl]formamido}-2-oxoethyl]-6-chloro-1H-indole-2-carboxylic acid' 07G 
3 water                                                                                                                      HOH 
# 
loop_
_entity_poly_seq.entity_id 
_entity_poly_seq.num 
_entity_poly_seq.mon_id 
_entity_poly_seq.hetero 
1 1   GLN n 
1 2   ILE n 
1 3   PRO n 
1 4   ALA n 
1 5   SER n 
1 6   GLU n 
1 7   GLN n 
1 8   GLU n 
1 9   THR n 
1 10  LEU n 
1 11  VAL n 
1 12  ARG n 
1 13  PRO n 
1 14  LYS n 
1 15  PRO n 
1 16  LEU n 
1 17  LEU n 
1 18  LEU n 
1 19  LYS n 
1 20  LEU n 
1 21  LEU n 
1 22  LYS n 
1 23  SER n 
1 24  VAL n 
1 25  GLY n 
1 26  ALA n 
1 27  GLN n 
1 28  LYS n 
1 29  ASP n 
1 30  THR n 
1 31  TYR n 
1 32  THR n 
1 33  MET n 
1 34  LYS n 
1 35  GLU n 
1 36  VAL n 
1 37  LEU n 
1 38  PHE n 
1 39  TYR n 
1 40  LEU n 
1 41  GLY n 
1 42  GLN n 
1 43  TYR n 
1 44  ILE n 
1 45  MET n 
1 46  THR n 
1 47  LYS n 
1 48  ARG n 
1 49  LEU n 
1 50  TYR n 
1 51  ASP n 
1 52  GLU n 
1 53  LYS n 
1 54  GLN n 
1 55  GLN n 
1 56  HIS n 
1 57  ILE n 
1 58  VAL n 
1 59  TYR n 
1 60  CYS n 
1 61  SER n 
1 62  ASN n 
1 63  ASP n 
1 64  LEU n 
1 65  LEU n 
1 66  GLY n 
1 67  ASP n 
1 68  LEU n 
1 69  PHE n 
1 70  GLY n 
1 71  VAL n 
1 72  PRO n 
1 73  SER n 
1 74  PHE n 
1 75  SER n 
1 76  VAL n 
1 77  LYS n 
1 78  GLU n 
1 79  HIS n 
1 80  ARG n 
1 81  LYS n 
1 82  ILE n 
1 83  TYR n 
1 84  THR n 
1 85  MET n 
1 86  ILE n 
1 87  TYR n 
1 88  ARG n 
1 89  ASN n 
1 90  LEU n 
1 91  VAL n 
1 92  VAL n 
1 93  VAL n 
1 94  ASN n 
1 95  GLN n 
1 96  GLN n 
1 97  GLU n 
1 98  SER n 
1 99  SER n 
1 100 ASP n 
1 101 SER n 
1 102 GLY n 
1 103 THR n 
1 104 SER n 
1 105 VAL n 
1 106 SER n 
1 107 GLU n 
1 108 ASN n 
# 
_entity_src_gen.entity_id                          1 
_entity_src_gen.pdbx_src_id                        1 
_entity_src_gen.pdbx_alt_source_flag               sample 
_entity_src_gen.pdbx_seq_type                      ? 
_entity_src_gen.pdbx_beg_seq_num                   ? 
_entity_src_gen.pdbx_end_seq_num                   ? 
_entity_src_gen.gene_src_common_name               human 
_entity_src_gen.gene_src_genus                     ? 
_entity_src_gen.pdbx_gene_src_gene                 MDM2 
_entity_src_gen.gene_src_species                   ? 
_entity_src_gen.gene_src_strain                    ? 
_entity_src_gen.gene_src_tissue                    ? 
_entity_src_gen.gene_src_tissue_fraction           ? 
_entity_src_gen.gene_src_details                   ? 
_entity_src_gen.pdbx_gene_src_fragment             ? 
_entity_src_gen.pdbx_gene_src_scientific_name      'Homo sapiens' 
_entity_src_gen.pdbx_gene_src_ncbi_taxonomy_id     9606 
_entity_src_gen.pdbx_gene_src_variant              ? 
_entity_src_gen.pdbx_gene_src_cell_line            ? 
_entity_src_gen.pdbx_gene_src_atcc                 ? 
_entity_src_gen.pdbx_gene_src_organ                ? 
_entity_src_gen.pdbx_gene_src_organelle            ? 
_entity_src_gen.pdbx_gene_src_cell                 ? 
_entity_src_gen.pdbx_gene_src_cellular_location    ? 
_entity_src_gen.host_org_common_name               ? 
_entity_src_gen.pdbx_host_org_scientific_name      'Escherichia coli' 
_entity_src_gen.pdbx_host_org_ncbi_taxonomy_id     562 
_entity_src_gen.host_org_genus                     ? 
_entity_src_gen.pdbx_host_org_gene                 ? 
_entity_src_gen.pdbx_host_org_organ                ? 
_entity_src_gen.host_org_species                   ? 
_entity_src_gen.pdbx_host_org_tissue               ? 
_entity_src_gen.pdbx_host_org_tissue_fraction      ? 
_entity_src_gen.pdbx_host_org_strain               ? 
_entity_src_gen.pdbx_host_org_variant              ? 
_entity_src_gen.pdbx_host_org_cell_line            ? 
_entity_src_gen.pdbx_host_org_atcc                 ? 
_entity_src_gen.pdbx_host_org_culture_collection   ? 
_entity_src_gen.pdbx_host_org_cell                 ? 
_entity_src_gen.pdbx_host_org_organelle            ? 
_entity_src_gen.pdbx_host_org_cellular_location    ? 
_entity_src_gen.pdbx_host_org_vector_type          ? 
_entity_src_gen.pdbx_host_org_vector               ? 
_entity_src_gen.host_org_details                   ? 
_entity_src_gen.expression_system_id               ? 
_entity_src_gen.plasmid_name                       ? 
_entity_src_gen.plasmid_details                    ? 
_entity_src_gen.pdbx_description                   ? 
# 
loop_
_chem_comp.id 
_chem_comp.type 
_chem_comp.mon_nstd_flag 
_chem_comp.name 
_chem_comp.pdbx_synonyms 
_chem_comp.formula 
_chem_comp.formula_weight 
07G non-polymer         . 
'3-[(1S)-2-(tert-butylamino)-1-{N-[(3,4-difluorophenyl)methyl]formamido}-2-oxoethyl]-6-chloro-1H-indole-2-carboxylic acid' ? 
'C23 H22 Cl F2 N3 O4' 477.888 
ALA 'L-peptide linking' y ALANINE ? 'C3 H7 N O2'          89.093  
ARG 'L-peptide linking' y ARGININE ? 'C6 H15 N4 O2 1'      175.209 
ASN 'L-peptide linking' y ASPARAGINE ? 'C4 H8 N2 O3'         132.118 
ASP 'L-peptide linking' y 'ASPARTIC ACID' ? 'C4 H7 N O4'          133.103 
CYS 'L-peptide linking' y CYSTEINE ? 'C3 H7 N O2 S'        121.158 
GLN 'L-peptide linking' y GLUTAMINE ? 'C5 H10 N2 O3'        146.144 
GLU 'L-peptide linking' y 'GLUTAMIC ACID' ? 'C5 H9 N O4'          147.129 
GLY 'peptide linking'   y GLYCINE ? 'C2 H5 N O2'          75.067  
HIS 'L-peptide linking' y HISTIDINE ? 'C6 H10 N3 O2 1'      156.162 
HOH non-polymer         . WATER ? 'H2 O'                18.015  
ILE 'L-peptide linking' y ISOLEUCINE ? 'C6 H13 N O2'         131.173 
LEU 'L-peptide linking' y LEUCINE ? 'C6 H13 N O2'         131.173 
LYS 'L-peptide linking' y LYSINE ? 'C6 H15 N2 O2 1'      147.195 
MET 'L-peptide linking' y METHIONINE ? 'C5 H11 N O2 S'       149.211 
PHE 'L-peptide linking' y PHENYLALANINE ? 'C9 H11 N O2'         165.189 
PRO 'L-peptide linking' y PROLINE ? 'C5 H9 N O2'          115.130 
SER 'L-peptide linking' y SERINE ? 'C3 H7 N O3'          105.093 
THR 'L-peptide linking' y THREONINE ? 'C4 H9 N O3'          119.119 
TYR 'L-peptide linking' y TYROSINE ? 'C9 H11 N O3'         181.189 
VAL 'L-peptide linking' y VALINE ? 'C5 H11 N O2'         117.146 
# 
loop_
_pdbx_poly_seq_scheme.asym_id 
_pdbx_poly_seq_scheme.entity_id 
_pdbx_poly_seq_scheme.seq_id 
_pdbx_poly_seq_scheme.mon_id 
_pdbx_poly_seq_scheme.ndb_seq_num 
_pdbx_poly_seq_scheme.pdb_seq_num 
_pdbx_poly_seq_scheme.auth_seq_num 
_pdbx_poly_seq_scheme.pdb_mon_id 
_pdbx_poly_seq_scheme.auth_mon_id 
_pdbx_poly_seq_scheme.pdb_strand_id 
_pdbx_poly_seq_scheme.pdb_ins_code 
_pdbx_poly_seq_scheme.hetero 
A 1 1   GLN 1   18  18  GLN GLN A . n 
A 1 2   ILE 2   19  19  ILE ILE A . n 
A 1 3   PRO 3   20  20  PRO PRO A . n 
A 1 4   ALA 4   21  21  ALA ALA A . n 
A 1 5   SER 5   22  22  SER SER A . n 
A 1 6   GLU 6   23  23  GLU GLU A . n 
A 1 7   GLN 7   24  24  GLN GLN A . n 
A 1 8   GLU 8   25  25  GLU GLU A . n 
A 1 9   THR 9   26  26  THR THR A . n 
A 1 10  LEU 10  27  27  LEU LEU A . n 
A 1 11  VAL 11  28  28  VAL VAL A . n 
A 1 12  ARG 12  29  29  ARG ARG A . n 
A 1 13  PRO 13  30  30  PRO PRO A . n 
A 1 14  LYS 14  31  31  LYS LYS A . n 
A 1 15  PRO 15  32  32  PRO PRO A . n 
A 1 16  LEU 16  33  33  LEU LEU A . n 
A 1 17  LEU 17  34  34  LEU LEU A . n 
A 1 18  LEU 18  35  35  LEU LEU A . n 
A 1 19  LYS 19  36  36  LYS LYS A . n 
A 1 20  LEU 20  37  37  LEU LEU A . n 
A 1 21  LEU 21  38  38  LEU LEU A . n 
A 1 22  LYS 22  39  39  LYS LYS A . n 
A 1 23  SER 23  40  40  SER SER A . n 
A 1 24  VAL 24  41  41  VAL VAL A . n 
A 1 25  GLY 25  42  42  GLY GLY A . n 
A 1 26  ALA 26  43  43  ALA ALA A . n 
A 1 27  GLN 27  44  44  GLN GLN A . n 
A 1 28  LYS 28  45  45  LYS LYS A . n 
A 1 29  ASP 29  46  46  ASP ASP A . n 
A 1 30  THR 30  47  47  THR THR A . n 
A 1 31  TYR 31  48  48  TYR TYR A . n 
A 1 32  THR 32  49  49  THR THR A . n 
A 1 33  MET 33  50  50  MET MET A . n 
A 1 34  LYS 34  51  51  LYS LYS A . n 
A 1 35  GLU 35  52  52  GLU GLU A . n 
A 1 36  VAL 36  53  53  VAL VAL A . n 
A 1 37  LEU 37  54  54  LEU LEU A . n 
A 1 38  PHE 38  55  55  PHE PHE A . n 
A 1 39  TYR 39  56  56  TYR TYR A . n 
A 1 40  LEU 40  57  57  LEU LEU A . n 
A 1 41  GLY 41  58  58  GLY GLY A . n 
A 1 42  GLN 42  59  59  GLN GLN A . n 
A 1 43  TYR 43  60  60  TYR TYR A . n 
A 1 44  ILE 44  61  61  ILE ILE A . n 
A 1 45  MET 45  62  62  MET MET A . n 
A 1 46  THR 46  63  63  THR THR A . n 
A 1 47  LYS 47  64  64  LYS LYS A . n 
A 1 48  ARG 48  65  65  ARG ARG A . n 
A 1 49  LEU 49  66  66  LEU LEU A . n 
A 1 50  TYR 50  67  67  TYR TYR A . n 
A 1 51  ASP 51  68  68  ASP ASP A . n 
A 1 52  GLU 52  69  69  GLU GLU A . n 
A 1 53  LYS 53  70  70  LYS LYS A . n 
A 1 54  GLN 54  71  71  GLN GLN A . n 
A 1 55  GLN 55  72  72  GLN GLN A . n 
A 1 56  HIS 56  73  73  HIS HIS A . n 
A 1 57  ILE 57  74  74  ILE ILE A . n 
A 1 58  VAL 58  75  75  VAL VAL A . n 
A 1 59  TYR 59  76  76  TYR TYR A . n 
A 1 60  CYS 60  77  77  CYS CYS A . n 
A 1 61  SER 61  78  78  SER SER A . n 
A 1 62  ASN 62  79  79  ASN ASN A . n 
A 1 63  ASP 63  80  80  ASP ASP A . n 
A 1 64  LEU 64  81  81  LEU LEU A . n 
A 1 65  LEU 65  82  82  LEU LEU A . n 
A 1 66  GLY 66  83  83  GLY GLY A . n 
A 1 67  ASP 67  84  84  ASP ASP A . n 
A 1 68  LEU 68  85  85  LEU LEU A . n 
A 1 69  PHE 69  86  86  PHE PHE A . n 
A 1 70  GLY 70  87  87  GLY GLY A . n 
A 1 71  VAL 71  88  88  VAL VAL A . n 
A 1 72  PRO 72  89  89  PRO PRO A . n 
A 1 73  SER 73  90  90  SER SER A . n 
A 1 74  PHE 74  91  91  PHE PHE A . n 
A 1 75  SER 75  92  92  SER SER A . n 
A 1 76  VAL 76  93  93  VAL VAL A . n 
A 1 77  LYS 77  94  94  LYS LYS A . n 
A 1 78  GLU 78  95  95  GLU GLU A . n 
A 1 79  HIS 79  96  96  HIS HIS A . n 
A 1 80  ARG 80  97  97  ARG ARG A . n 
A 1 81  LYS 81  98  98  LYS LYS A . n 
A 1 82  ILE 82  99  99  ILE ILE A . n 
A 1 83  TYR 83  100 100 TYR TYR A . n 
A 1 84  THR 84  101 101 THR THR A . n 
A 1 85  MET 85  102 102 MET MET A . n 
A 1 86  ILE 86  103 103 ILE ILE A . n 
A 1 87  TYR 87  104 104 TYR TYR A . n 
A 1 88  ARG 88  105 105 ARG ARG A . n 
A 1 89  ASN 89  106 106 ASN ASN A . n 
A 1 90  LEU 90  107 107 LEU LEU A . n 
A 1 91  VAL 91  108 108 VAL VAL A . n 
A 1 92  VAL 92  109 109 VAL VAL A . n 
A 1 93  VAL 93  110 110 VAL VAL A . n 
A 1 94  ASN 94  111 ?   ?   ?   A . n 
A 1 95  GLN 95  112 ?   ?   ?   A . n 
A 1 96  GLN 96  113 ?   ?   ?   A . n 
A 1 97  GLU 97  114 ?   ?   ?   A . n 
A 1 98  SER 98  115 ?   ?   ?   A . n 
A 1 99  SER 99  116 ?   ?   ?   A . n 
A 1 100 ASP 100 117 ?   ?   ?   A . n 
A 1 101 SER 101 118 ?   ?   ?   A . n 
A 1 102 GLY 102 119 ?   ?   ?   A . n 
A 1 103 THR 103 120 ?   ?   ?   A . n 
A 1 104 SER 104 121 ?   ?   ?   A . n 
A 1 105 VAL 105 122 ?   ?   ?   A . n 
A 1 106 SER 106 123 ?   ?   ?   A . n 
A 1 107 GLU 107 124 ?   ?   ?   A . n 
A 1 108 ASN 108 125 ?   ?   ?   A . n 
# 
loop_
_pdbx_nonpoly_scheme.asym_id 
_pdbx_nonpoly_scheme.entity_id 
_pdbx_nonpoly_scheme.mon_id 
_pdbx_nonpoly_scheme.ndb_seq_num 
_pdbx_nonpoly_scheme.pdb_seq_num 
_pdbx_nonpoly_scheme.auth_seq_num 
_pdbx_nonpoly_scheme.pdb_mon_id 
_pdbx_nonpoly_scheme.auth_mon_id 
_pdbx_nonpoly_scheme.pdb_strand_id 
_pdbx_nonpoly_scheme.pdb_ins_code 
B 2 07G 1   1   1   07G ZZZ A . 
C 3 HOH 1   2   2   HOH HOH A . 
C 3 HOH 2   3   3   HOH HOH A . 
C 3 HOH 3   4   4   HOH HOH A . 
C 3 HOH 4   5   5   HOH HOH A . 
C 3 HOH 5   6   6   HOH HOH A . 
C 3 HOH 6   7   7   HOH HOH A . 
C 3 HOH 7   8   8   HOH HOH A . 
C 3 HOH 8   9   9   HOH HOH A . 
C 3 HOH 9   10  10  HOH HOH A . 
C 3 HOH 10  11  11  HOH HOH A . 
C 3 HOH 11  12  12  HOH HOH A . 
C 3 HOH 12  13  13  HOH HOH A . 
C 3 HOH 13  14  14  HOH HOH A . 
C 3 HOH 14  15  15  HOH HOH A . 
C 3 HOH 15  16  16  HOH HOH A . 
C 3 HOH 16  17  17  HOH HOH A . 
C 3 HOH 17  126 126 HOH HOH A . 
C 3 HOH 18  127 127 HOH HOH A . 
C 3 HOH 19  128 128 HOH HOH A . 
C 3 HOH 20  129 129 HOH HOH A . 
C 3 HOH 21  130 18  HOH HOH A . 
C 3 HOH 22  131 19  HOH HOH A . 
C 3 HOH 23  132 132 HOH HOH A . 
C 3 HOH 24  133 20  HOH HOH A . 
C 3 HOH 25  134 21  HOH HOH A . 
C 3 HOH 26  135 135 HOH HOH A . 
C 3 HOH 27  136 136 HOH HOH A . 
C 3 HOH 28  137 22  HOH HOH A . 
C 3 HOH 29  138 23  HOH HOH A . 
C 3 HOH 30  139 24  HOH HOH A . 
C 3 HOH 31  140 25  HOH HOH A . 
C 3 HOH 32  141 26  HOH HOH A . 
C 3 HOH 33  142 27  HOH HOH A . 
C 3 HOH 34  143 28  HOH HOH A . 
C 3 HOH 35  144 29  HOH HOH A . 
C 3 HOH 36  145 30  HOH HOH A . 
C 3 HOH 37  146 31  HOH HOH A . 
C 3 HOH 38  147 32  HOH HOH A . 
C 3 HOH 39  148 33  HOH HOH A . 
C 3 HOH 40  149 34  HOH HOH A . 
C 3 HOH 41  150 35  HOH HOH A . 
C 3 HOH 42  151 36  HOH HOH A . 
C 3 HOH 43  152 37  HOH HOH A . 
C 3 HOH 44  153 38  HOH HOH A . 
C 3 HOH 45  154 39  HOH HOH A . 
C 3 HOH 46  155 40  HOH HOH A . 
C 3 HOH 47  156 41  HOH HOH A . 
C 3 HOH 48  157 42  HOH HOH A . 
C 3 HOH 49  158 43  HOH HOH A . 
C 3 HOH 50  159 44  HOH HOH A . 
C 3 HOH 51  160 45  HOH HOH A . 
C 3 HOH 52  161 46  HOH HOH A . 
C 3 HOH 53  162 47  HOH HOH A . 
C 3 HOH 54  163 48  HOH HOH A . 
C 3 HOH 55  164 49  HOH HOH A . 
C 3 HOH 56  165 50  HOH HOH A . 
C 3 HOH 57  166 51  HOH HOH A . 
C 3 HOH 58  167 52  HOH HOH A . 
C 3 HOH 59  168 53  HOH HOH A . 
C 3 HOH 60  169 55  HOH HOH A . 
C 3 HOH 61  170 56  HOH HOH A . 
C 3 HOH 62  171 57  HOH HOH A . 
C 3 HOH 63  172 58  HOH HOH A . 
C 3 HOH 64  173 59  HOH HOH A . 
C 3 HOH 65  174 60  HOH HOH A . 
C 3 HOH 66  175 61  HOH HOH A . 
C 3 HOH 67  176 62  HOH HOH A . 
C 3 HOH 68  177 63  HOH HOH A . 
C 3 HOH 69  178 64  HOH HOH A . 
C 3 HOH 70  179 65  HOH HOH A . 
C 3 HOH 71  180 66  HOH HOH A . 
C 3 HOH 72  181 67  HOH HOH A . 
C 3 HOH 73  182 68  HOH HOH A . 
C 3 HOH 74  183 69  HOH HOH A . 
C 3 HOH 75  184 70  HOH HOH A . 
C 3 HOH 76  185 72  HOH HOH A . 
C 3 HOH 77  186 73  HOH HOH A . 
C 3 HOH 78  187 74  HOH HOH A . 
C 3 HOH 79  188 75  HOH HOH A . 
C 3 HOH 80  189 76  HOH HOH A . 
C 3 HOH 81  190 78  HOH HOH A . 
C 3 HOH 82  191 80  HOH HOH A . 
C 3 HOH 83  192 82  HOH HOH A . 
C 3 HOH 84  193 83  HOH HOH A . 
C 3 HOH 85  194 84  HOH HOH A . 
C 3 HOH 86  195 85  HOH HOH A . 
C 3 HOH 87  196 86  HOH HOH A . 
C 3 HOH 88  197 87  HOH HOH A . 
C 3 HOH 89  198 88  HOH HOH A . 
C 3 HOH 90  199 89  HOH HOH A . 
C 3 HOH 91  200 91  HOH HOH A . 
C 3 HOH 92  201 92  HOH HOH A . 
C 3 HOH 93  202 93  HOH HOH A . 
C 3 HOH 94  203 94  HOH HOH A . 
C 3 HOH 95  204 95  HOH HOH A . 
C 3 HOH 96  205 97  HOH HOH A . 
C 3 HOH 97  206 98  HOH HOH A . 
C 3 HOH 98  207 99  HOH HOH A . 
C 3 HOH 99  208 100 HOH HOH A . 
C 3 HOH 100 209 101 HOH HOH A . 
C 3 HOH 101 210 102 HOH HOH A . 
C 3 HOH 102 211 103 HOH HOH A . 
C 3 HOH 103 212 104 HOH HOH A . 
C 3 HOH 104 213 105 HOH HOH A . 
C 3 HOH 105 214 106 HOH HOH A . 
C 3 HOH 106 215 107 HOH HOH A . 
C 3 HOH 107 216 109 HOH HOH A . 
C 3 HOH 108 217 112 HOH HOH A . 
C 3 HOH 109 218 113 HOH HOH A . 
C 3 HOH 110 219 116 HOH HOH A . 
C 3 HOH 111 220 117 HOH HOH A . 
C 3 HOH 112 221 118 HOH HOH A . 
C 3 HOH 113 222 119 HOH HOH A . 
C 3 HOH 114 223 120 HOH HOH A . 
C 3 HOH 115 224 121 HOH HOH A . 
C 3 HOH 116 225 124 HOH HOH A . 
# 
loop_
_pdbx_unobs_or_zero_occ_atoms.id 
_pdbx_unobs_or_zero_occ_atoms.PDB_model_num 
_pdbx_unobs_or_zero_occ_atoms.polymer_flag 
_pdbx_unobs_or_zero_occ_atoms.occupancy_flag 
_pdbx_unobs_or_zero_occ_atoms.auth_asym_id 
_pdbx_unobs_or_zero_occ_atoms.auth_comp_id 
_pdbx_unobs_or_zero_occ_atoms.auth_seq_id 
_pdbx_unobs_or_zero_occ_atoms.PDB_ins_code 
_pdbx_unobs_or_zero_occ_atoms.auth_atom_id 
_pdbx_unobs_or_zero_occ_atoms.label_alt_id 
_pdbx_unobs_or_zero_occ_atoms.label_asym_id 
_pdbx_unobs_or_zero_occ_atoms.label_comp_id 
_pdbx_unobs_or_zero_occ_atoms.label_seq_id 
_pdbx_unobs_or_zero_occ_atoms.label_atom_id 
1  1 Y 1 A LYS 36 ? NZ  ? A LYS 19 NZ  
2  1 Y 1 A LYS 39 ? CE  ? A LYS 22 CE  
3  1 Y 1 A LYS 39 ? NZ  ? A LYS 22 NZ  
4  1 Y 1 A GLN 44 ? CG  ? A GLN 27 CG  
5  1 Y 1 A GLN 44 ? CD  ? A GLN 27 CD  
6  1 Y 1 A GLN 44 ? OE1 ? A GLN 27 OE1 
7  1 Y 1 A GLN 44 ? NE2 ? A GLN 27 NE2 
8  1 Y 1 A LYS 51 ? CD  ? A LYS 34 CD  
9  1 Y 1 A LYS 51 ? CE  ? A LYS 34 CE  
10 1 Y 1 A LYS 51 ? NZ  ? A LYS 34 NZ  
11 1 Y 1 A ARG 65 ? CZ  ? A ARG 48 CZ  
12 1 Y 1 A ARG 65 ? NH1 ? A ARG 48 NH1 
13 1 Y 1 A ARG 65 ? NH2 ? A ARG 48 NH2 
14 1 Y 1 A LYS 94 ? CE  ? A LYS 77 CE  
15 1 Y 1 A LYS 94 ? NZ  ? A LYS 77 NZ  
# 
loop_
_software.name 
_software.classification 
_software.version 
_software.citation_id 
_software.pdbx_ordinal 
MAR345 'data collection' .        ? 1 
XFIT   'data reduction'  .        ? 2 
REFMAC refinement        5.5.0072 ? 3 
XDS    'data reduction'  .        ? 4 
XSCALE 'data scaling'    .        ? 5 
# 
_cell.entry_id           3TU1 
_cell.length_a           49.950 
_cell.length_b           59.250 
_cell.length_c           82.950 
_cell.angle_alpha        90.00 
_cell.angle_beta         90.00 
_cell.angle_gamma        90.00 
_cell.Z_PDB              8 
_cell.pdbx_unique_axis   ? 
_cell.length_a_esd       ? 
_cell.length_b_esd       ? 
_cell.length_c_esd       ? 
_cell.angle_alpha_esd    ? 
_cell.angle_beta_esd     ? 
_cell.angle_gamma_esd    ? 
# 
_symmetry.entry_id                         3TU1 
_symmetry.space_group_name_H-M             'I 2 2 2' 
_symmetry.pdbx_full_space_group_name_H-M   ? 
_symmetry.cell_setting                     ? 
_symmetry.Int_Tables_number                23 
_symmetry.space_group_name_Hall            ? 
# 
_exptl.entry_id          3TU1 
_exptl.method            'X-RAY DIFFRACTION' 
_exptl.crystals_number   1 
# 
_exptl_crystal.id                    1 
_exptl_crystal.density_meas          ? 
_exptl_crystal.density_Matthews      2.47 
_exptl_crystal.density_percent_sol   50.10 
_exptl_crystal.description           ? 
_exptl_crystal.F_000                 ? 
_exptl_crystal.preparation           ? 
# 
_exptl_crystal_grow.crystal_id      1 
_exptl_crystal_grow.method          'VAPOR DIFFUSION, SITTING DROP' 
_exptl_crystal_grow.temp            277 
_exptl_crystal_grow.temp_details    ? 
_exptl_crystal_grow.pH              4.8 
_exptl_crystal_grow.pdbx_details    
;0.1 M sodium acetate 
18% PEG 4000 
, pH 4.8, VAPOR DIFFUSION, SITTING DROP, temperature 277K
;
_exptl_crystal_grow.pdbx_pH_range   ? 
# 
_diffrn.id                     1 
_diffrn.ambient_temp           90 
_diffrn.ambient_temp_details   ? 
_diffrn.crystal_id             1 
# 
_diffrn_detector.diffrn_id              1 
_diffrn_detector.detector               PIXEL 
_diffrn_detector.type                   'DECTRIS PILATUS 6M' 
_diffrn_detector.pdbx_collection_date   2011-02-07 
_diffrn_detector.details                ? 
# 
_diffrn_radiation.diffrn_id                        1 
_diffrn_radiation.wavelength_id                    1 
_diffrn_radiation.pdbx_monochromatic_or_laue_m_l   M 
_diffrn_radiation.monochromator                    'LN2 cooled fixed-exit Si(111) monochromator' 
_diffrn_radiation.pdbx_diffrn_protocol             'SINGLE WAVELENGTH' 
_diffrn_radiation.pdbx_scattering_type             x-ray 
# 
_diffrn_radiation_wavelength.id           1 
_diffrn_radiation_wavelength.wavelength   . 
_diffrn_radiation_wavelength.wt           1.0 
# 
_diffrn_source.diffrn_id                   1 
_diffrn_source.source                      SYNCHROTRON 
_diffrn_source.type                        'SLS BEAMLINE X10SA' 
_diffrn_source.pdbx_synchrotron_site       SLS 
_diffrn_source.pdbx_synchrotron_beamline   X10SA 
_diffrn_source.pdbx_wavelength             ? 
_diffrn_source.pdbx_wavelength_list        ? 
# 
_reflns.entry_id                     3TU1 
_reflns.observed_criterion_sigma_I   ? 
_reflns.observed_criterion_sigma_F   ? 
_reflns.d_resolution_low             50 
_reflns.d_resolution_high            1.6 
_reflns.number_obs                   12505 
_reflns.number_all                   16540 
_reflns.percent_possible_obs         ? 
_reflns.pdbx_Rmerge_I_obs            ? 
_reflns.pdbx_Rsym_value              ? 
_reflns.pdbx_netI_over_sigmaI        ? 
_reflns.B_iso_Wilson_estimate        ? 
_reflns.pdbx_redundancy              ? 
_reflns.R_free_details               ? 
_reflns.limit_h_max                  ? 
_reflns.limit_h_min                  ? 
_reflns.limit_k_max                  ? 
_reflns.limit_k_min                  ? 
_reflns.limit_l_max                  ? 
_reflns.limit_l_min                  ? 
_reflns.observed_criterion_F_max     ? 
_reflns.observed_criterion_F_min     ? 
_reflns.pdbx_chi_squared             ? 
_reflns.pdbx_scaling_rejects         ? 
_reflns.pdbx_ordinal                 1 
_reflns.pdbx_diffrn_id               1 
# 
_reflns_shell.d_res_high             1.6 
_reflns_shell.d_res_low              1.75 
_reflns_shell.percent_possible_all   97.5 
_reflns_shell.Rmerge_I_obs           ? 
_reflns_shell.pdbx_Rsym_value        ? 
_reflns_shell.meanI_over_sigI_obs    ? 
_reflns_shell.pdbx_redundancy        ? 
_reflns_shell.percent_possible_obs   ? 
_reflns_shell.number_unique_all      ? 
_reflns_shell.number_measured_all    ? 
_reflns_shell.number_measured_obs    ? 
_reflns_shell.number_unique_obs      ? 
_reflns_shell.pdbx_chi_squared       ? 
_reflns_shell.pdbx_ordinal           1 
_reflns_shell.pdbx_diffrn_id         1 
# 
_refine.entry_id                                 3TU1 
_refine.ls_number_reflns_obs                     11877 
_refine.ls_number_reflns_all                     16540 
_refine.pdbx_ls_sigma_I                          ? 
_refine.pdbx_ls_sigma_F                          . 
_refine.pdbx_data_cutoff_high_absF               ? 
_refine.pdbx_data_cutoff_low_absF                ? 
_refine.pdbx_data_cutoff_high_rms_absF           ? 
_refine.ls_d_res_low                             20.00 
_refine.ls_d_res_high                            1.603 
_refine.ls_percent_reflns_obs                    75.72 
_refine.ls_R_factor_obs                          0.20642 
_refine.ls_R_factor_all                          ? 
_refine.ls_R_factor_R_work                       0.20455 
_refine.ls_R_factor_R_free                       0.24455 
_refine.ls_R_factor_R_free_error                 ? 
_refine.ls_R_factor_R_free_error_details         ? 
_refine.ls_percent_reflns_R_free                 5.0 
_refine.ls_number_reflns_R_free                  628 
_refine.ls_number_parameters                     ? 
_refine.ls_number_restraints                     ? 
_refine.occupancy_min                            ? 
_refine.occupancy_max                            ? 
_refine.correlation_coeff_Fo_to_Fc               0.951 
_refine.correlation_coeff_Fo_to_Fc_free          0.929 
_refine.B_iso_mean                               18.255 
_refine.aniso_B[1][1]                            0.95 
_refine.aniso_B[2][2]                            -2.24 
_refine.aniso_B[3][3]                            1.29 
_refine.aniso_B[1][2]                            0.00 
_refine.aniso_B[1][3]                            0.00 
_refine.aniso_B[2][3]                            0.00 
_refine.solvent_model_details                    MASK 
_refine.solvent_model_param_ksol                 ? 
_refine.solvent_model_param_bsol                 ? 
_refine.pdbx_solvent_vdw_probe_radii             1.40 
_refine.pdbx_solvent_ion_probe_radii             0.80 
_refine.pdbx_solvent_shrinkage_radii             0.80 
_refine.pdbx_ls_cross_valid_method               THROUGHOUT 
_refine.details                                  'HYDROGENS HAVE BEEN ADDED IN THE RIDING POSITIONS' 
_refine.pdbx_starting_model                      ? 
_refine.pdbx_method_to_determine_struct          'MOLECULAR REPLACEMENT' 
_refine.pdbx_isotropic_thermal_model             ? 
_refine.pdbx_stereochemistry_target_values       'MAXIMUM LIKELIHOOD' 
_refine.pdbx_stereochem_target_val_spec_case     ? 
_refine.pdbx_R_Free_selection_details            RANDOM 
_refine.pdbx_overall_ESU_R_Free                  0.120 
_refine.overall_SU_ML                            0.078 
_refine.pdbx_overall_phase_error                 ? 
_refine.overall_SU_B                             5.141 
_refine.overall_SU_R_Cruickshank_DPI             ? 
_refine.ls_redundancy_reflns_obs                 ? 
_refine.B_iso_min                                ? 
_refine.B_iso_max                                ? 
_refine.overall_SU_R_free                        ? 
_refine.ls_wR_factor_R_free                      ? 
_refine.ls_wR_factor_R_work                      ? 
_refine.overall_FOM_free_R_set                   ? 
_refine.overall_FOM_work_R_set                   ? 
_refine.pdbx_diffrn_id                           1 
_refine.pdbx_refine_id                           'X-RAY DIFFRACTION' 
_refine.pdbx_overall_ESU_R                       0.178 
_refine.pdbx_TLS_residual_ADP_flag               ? 
_refine.pdbx_overall_SU_R_free_Cruickshank_DPI   ? 
_refine.pdbx_overall_SU_R_Blow_DPI               ? 
_refine.pdbx_overall_SU_R_free_Blow_DPI          ? 
# 
_refine_hist.pdbx_refine_id                   'X-RAY DIFFRACTION' 
_refine_hist.cycle_id                         LAST 
_refine_hist.pdbx_number_atoms_protein        750 
_refine_hist.pdbx_number_atoms_nucleic_acid   0 
_refine_hist.pdbx_number_atoms_ligand         33 
_refine_hist.number_atoms_solvent             116 
_refine_hist.number_atoms_total               899 
_refine_hist.d_res_high                       1.603 
_refine_hist.d_res_low                        20.00 
# 
loop_
_refine_ls_restr.type 
_refine_ls_restr.dev_ideal 
_refine_ls_restr.dev_ideal_target 
_refine_ls_restr.weight 
_refine_ls_restr.number 
_refine_ls_restr.pdbx_restraint_function 
_refine_ls_restr.pdbx_refine_id 
r_bond_refined_d             0.008  0.022  ? 800  ? 'X-RAY DIFFRACTION' 
r_bond_other_d               0.002  0.020  ? 532  ? 'X-RAY DIFFRACTION' 
r_angle_refined_deg          1.467  2.033  ? 1087 ? 'X-RAY DIFFRACTION' 
r_angle_other_deg            0.899  3.004  ? 1292 ? 'X-RAY DIFFRACTION' 
r_dihedral_angle_1_deg       5.474  5.000  ? 92   ? 'X-RAY DIFFRACTION' 
r_dihedral_angle_2_deg       42.527 24.194 ? 31   ? 'X-RAY DIFFRACTION' 
r_dihedral_angle_3_deg       14.968 15.000 ? 143  ? 'X-RAY DIFFRACTION' 
r_dihedral_angle_4_deg       19.314 15.000 ? 3    ? 'X-RAY DIFFRACTION' 
r_chiral_restr               0.248  0.200  ? 123  ? 'X-RAY DIFFRACTION' 
r_gen_planes_refined         0.006  0.021  ? 851  ? 'X-RAY DIFFRACTION' 
r_gen_planes_other           0.001  0.020  ? 149  ? 'X-RAY DIFFRACTION' 
r_nbd_refined                ?      ?      ? ?    ? 'X-RAY DIFFRACTION' 
r_nbd_other                  ?      ?      ? ?    ? 'X-RAY DIFFRACTION' 
r_nbtor_refined              ?      ?      ? ?    ? 'X-RAY DIFFRACTION' 
r_nbtor_other                ?      ?      ? ?    ? 'X-RAY DIFFRACTION' 
r_xyhbond_nbd_refined        ?      ?      ? ?    ? 'X-RAY DIFFRACTION' 
r_xyhbond_nbd_other          ?      ?      ? ?    ? 'X-RAY DIFFRACTION' 
r_metal_ion_refined          ?      ?      ? ?    ? 'X-RAY DIFFRACTION' 
r_metal_ion_other            ?      ?      ? ?    ? 'X-RAY DIFFRACTION' 
r_symmetry_vdw_refined       ?      ?      ? ?    ? 'X-RAY DIFFRACTION' 
r_symmetry_vdw_other         ?      ?      ? ?    ? 'X-RAY DIFFRACTION' 
r_symmetry_hbond_refined     ?      ?      ? ?    ? 'X-RAY DIFFRACTION' 
r_symmetry_hbond_other       ?      ?      ? ?    ? 'X-RAY DIFFRACTION' 
r_symmetry_metal_ion_refined ?      ?      ? ?    ? 'X-RAY DIFFRACTION' 
r_symmetry_metal_ion_other   ?      ?      ? ?    ? 'X-RAY DIFFRACTION' 
r_mcbond_it                  0.569  1.500  ? 464  ? 'X-RAY DIFFRACTION' 
r_mcbond_other               0.175  1.500  ? 185  ? 'X-RAY DIFFRACTION' 
r_mcangle_it                 1.050  2.000  ? 757  ? 'X-RAY DIFFRACTION' 
r_scbond_it                  1.522  3.000  ? 336  ? 'X-RAY DIFFRACTION' 
r_scangle_it                 2.517  4.500  ? 330  ? 'X-RAY DIFFRACTION' 
r_rigid_bond_restr           0.793  3.000  ? 1332 ? 'X-RAY DIFFRACTION' 
r_sphericity_free            2.096  3.000  ? 116  ? 'X-RAY DIFFRACTION' 
r_sphericity_bonded          1.170  3.000  ? 1315 ? 'X-RAY DIFFRACTION' 
# 
_refine_ls_shell.pdbx_total_number_of_bins_used   20 
_refine_ls_shell.d_res_high                       1.603 
_refine_ls_shell.d_res_low                        1.645 
_refine_ls_shell.number_reflns_R_work             329 
_refine_ls_shell.R_factor_R_work                  0.206 
_refine_ls_shell.percent_reflns_obs               28.63 
_refine_ls_shell.R_factor_R_free                  0.293 
_refine_ls_shell.R_factor_R_free_error            ? 
_refine_ls_shell.percent_reflns_R_free            ? 
_refine_ls_shell.number_reflns_R_free             16 
_refine_ls_shell.number_reflns_all                ? 
_refine_ls_shell.R_factor_all                     ? 
_refine_ls_shell.number_reflns_obs                ? 
_refine_ls_shell.redundancy_reflns_obs            ? 
_refine_ls_shell.pdbx_refine_id                   'X-RAY DIFFRACTION' 
# 
_struct.entry_id                  3TU1 
_struct.title                     'Exhaustive Fluorine Scanning towards Potent p53-MDM2 Antagonist' 
_struct.pdbx_model_details        ? 
_struct.pdbx_CASP_flag            ? 
_struct.pdbx_model_type_details   ? 
# 
_struct_keywords.entry_id        3TU1 
_struct_keywords.pdbx_keywords   LIGASE 
_struct_keywords.text            
'p53-binding protein Mdm2, Oncoprotein Mdm2, Double minute 2 protein, Hdm2, oncoprotein, p53, nucleus, ligase' 
# 
loop_
_struct_asym.id 
_struct_asym.pdbx_blank_PDB_chainid_flag 
_struct_asym.pdbx_modified 
_struct_asym.entity_id 
_struct_asym.details 
A N N 1 ? 
B N N 2 ? 
C N N 3 ? 
# 
_struct_ref.id                         1 
_struct_ref.db_name                    UNP 
_struct_ref.db_code                    MDM2_HUMAN 
_struct_ref.pdbx_db_accession          Q00987 
_struct_ref.entity_id                  1 
_struct_ref.pdbx_seq_one_letter_code   
;QIPASEQETLVRPKPLLLKLLKSVGAQKDTYTMKEVLFYLGQYIMTKRLYDEKQQHIVYCSNDLLGDLFGVPSFSVKEHR
KIYTMIYRNLVVVNQQESSDSGTSVSEN
;
_struct_ref.pdbx_align_begin           18 
_struct_ref.pdbx_db_isoform            ? 
# 
_struct_ref_seq.align_id                      1 
_struct_ref_seq.ref_id                        1 
_struct_ref_seq.pdbx_PDB_id_code              3TU1 
_struct_ref_seq.pdbx_strand_id                A 
_struct_ref_seq.seq_align_beg                 1 
_struct_ref_seq.pdbx_seq_align_beg_ins_code   ? 
_struct_ref_seq.seq_align_end                 108 
_struct_ref_seq.pdbx_seq_align_end_ins_code   ? 
_struct_ref_seq.pdbx_db_accession             Q00987 
_struct_ref_seq.db_align_beg                  18 
_struct_ref_seq.pdbx_db_align_beg_ins_code    ? 
_struct_ref_seq.db_align_end                  125 
_struct_ref_seq.pdbx_db_align_end_ins_code    ? 
_struct_ref_seq.pdbx_auth_seq_align_beg       18 
_struct_ref_seq.pdbx_auth_seq_align_end       125 
# 
_pdbx_struct_assembly.id                   1 
_pdbx_struct_assembly.details              author_and_software_defined_assembly 
_pdbx_struct_assembly.method_details       PISA 
_pdbx_struct_assembly.oligomeric_details   monomeric 
_pdbx_struct_assembly.oligomeric_count     1 
# 
_pdbx_struct_assembly_gen.assembly_id       1 
_pdbx_struct_assembly_gen.oper_expression   1 
_pdbx_struct_assembly_gen.asym_id_list      A,B,C 
# 
_pdbx_struct_oper_list.id                   1 
_pdbx_struct_oper_list.type                 'identity operation' 
_pdbx_struct_oper_list.name                 1_555 
_pdbx_struct_oper_list.symmetry_operation   x,y,z 
_pdbx_struct_oper_list.matrix[1][1]         1.0000000000 
_pdbx_struct_oper_list.matrix[1][2]         0.0000000000 
_pdbx_struct_oper_list.matrix[1][3]         0.0000000000 
_pdbx_struct_oper_list.vector[1]            0.0000000000 
_pdbx_struct_oper_list.matrix[2][1]         0.0000000000 
_pdbx_struct_oper_list.matrix[2][2]         1.0000000000 
_pdbx_struct_oper_list.matrix[2][3]         0.0000000000 
_pdbx_struct_oper_list.vector[2]            0.0000000000 
_pdbx_struct_oper_list.matrix[3][1]         0.0000000000 
_pdbx_struct_oper_list.matrix[3][2]         0.0000000000 
_pdbx_struct_oper_list.matrix[3][3]         1.0000000000 
_pdbx_struct_oper_list.vector[3]            0.0000000000 
# 
_struct_biol.id        1 
_struct_biol.details   ? 
# 
loop_
_struct_conf.conf_type_id 
_struct_conf.id 
_struct_conf.pdbx_PDB_helix_id 
_struct_conf.beg_label_comp_id 
_struct_conf.beg_label_asym_id 
_struct_conf.beg_label_seq_id 
_struct_conf.pdbx_beg_PDB_ins_code 
_struct_conf.end_label_comp_id 
_struct_conf.end_label_asym_id 
_struct_conf.end_label_seq_id 
_struct_conf.pdbx_end_PDB_ins_code 
_struct_conf.beg_auth_comp_id 
_struct_conf.beg_auth_asym_id 
_struct_conf.beg_auth_seq_id 
_struct_conf.end_auth_comp_id 
_struct_conf.end_auth_asym_id 
_struct_conf.end_auth_seq_id 
_struct_conf.pdbx_PDB_helix_class 
_struct_conf.details 
_struct_conf.pdbx_PDB_helix_length 
HELX_P HELX_P1 1 PRO A 3  ? GLU A 8  ? PRO A 20 GLU A 25  1 ? 6  
HELX_P HELX_P2 2 LYS A 14 ? VAL A 24 ? LYS A 31 VAL A 41  1 ? 11 
HELX_P HELX_P3 3 MET A 33 ? LYS A 47 ? MET A 50 LYS A 64  1 ? 15 
HELX_P HELX_P4 4 ASP A 63 ? GLY A 70 ? ASP A 80 GLY A 87  1 ? 8  
HELX_P HELX_P5 5 GLU A 78 ? ARG A 88 ? GLU A 95 ARG A 105 1 ? 11 
# 
_struct_conf_type.id          HELX_P 
_struct_conf_type.criteria    ? 
_struct_conf_type.reference   ? 
# 
loop_
_struct_sheet.id 
_struct_sheet.type 
_struct_sheet.number_strands 
_struct_sheet.details 
A ? 3 ? 
B ? 2 ? 
# 
loop_
_struct_sheet_order.sheet_id 
_struct_sheet_order.range_id_1 
_struct_sheet_order.range_id_2 
_struct_sheet_order.offset 
_struct_sheet_order.sense 
A 1 2 ? anti-parallel 
A 2 3 ? anti-parallel 
B 1 2 ? anti-parallel 
# 
loop_
_struct_sheet_range.sheet_id 
_struct_sheet_range.id 
_struct_sheet_range.beg_label_comp_id 
_struct_sheet_range.beg_label_asym_id 
_struct_sheet_range.beg_label_seq_id 
_struct_sheet_range.pdbx_beg_PDB_ins_code 
_struct_sheet_range.end_label_comp_id 
_struct_sheet_range.end_label_asym_id 
_struct_sheet_range.end_label_seq_id 
_struct_sheet_range.pdbx_end_PDB_ins_code 
_struct_sheet_range.beg_auth_comp_id 
_struct_sheet_range.beg_auth_asym_id 
_struct_sheet_range.beg_auth_seq_id 
_struct_sheet_range.end_auth_comp_id 
_struct_sheet_range.end_auth_asym_id 
_struct_sheet_range.end_auth_seq_id 
A 1 TYR A 31 ? THR A 32 ? TYR A 48  THR A 49  
A 2 LEU A 10 ? PRO A 13 ? LEU A 27  PRO A 30  
A 3 LEU A 90 ? VAL A 92 ? LEU A 107 VAL A 109 
B 1 ILE A 57 ? TYR A 59 ? ILE A 74  TYR A 76  
B 2 SER A 73 ? SER A 75 ? SER A 90  SER A 92  
# 
loop_
_pdbx_struct_sheet_hbond.sheet_id 
_pdbx_struct_sheet_hbond.range_id_1 
_pdbx_struct_sheet_hbond.range_id_2 
_pdbx_struct_sheet_hbond.range_1_label_atom_id 
_pdbx_struct_sheet_hbond.range_1_label_comp_id 
_pdbx_struct_sheet_hbond.range_1_label_asym_id 
_pdbx_struct_sheet_hbond.range_1_label_seq_id 
_pdbx_struct_sheet_hbond.range_1_PDB_ins_code 
_pdbx_struct_sheet_hbond.range_1_auth_atom_id 
_pdbx_struct_sheet_hbond.range_1_auth_comp_id 
_pdbx_struct_sheet_hbond.range_1_auth_asym_id 
_pdbx_struct_sheet_hbond.range_1_auth_seq_id 
_pdbx_struct_sheet_hbond.range_2_label_atom_id 
_pdbx_struct_sheet_hbond.range_2_label_comp_id 
_pdbx_struct_sheet_hbond.range_2_label_asym_id 
_pdbx_struct_sheet_hbond.range_2_label_seq_id 
_pdbx_struct_sheet_hbond.range_2_PDB_ins_code 
_pdbx_struct_sheet_hbond.range_2_auth_atom_id 
_pdbx_struct_sheet_hbond.range_2_auth_comp_id 
_pdbx_struct_sheet_hbond.range_2_auth_asym_id 
_pdbx_struct_sheet_hbond.range_2_auth_seq_id 
A 1 2 O TYR A 31 ? O TYR A 48 N VAL A 11 ? N VAL A 28  
A 2 3 N ARG A 12 ? N ARG A 29 O VAL A 91 ? O VAL A 108 
B 1 2 N VAL A 58 ? N VAL A 75 O PHE A 74 ? O PHE A 91  
# 
_struct_site.id                   AC1 
_struct_site.pdbx_evidence_code   Software 
_struct_site.pdbx_auth_asym_id    A 
_struct_site.pdbx_auth_comp_id    07G 
_struct_site.pdbx_auth_seq_id     1 
_struct_site.pdbx_auth_ins_code   ? 
_struct_site.pdbx_num_residues    12 
_struct_site.details              'BINDING SITE FOR RESIDUE 07G A 1' 
# 
loop_
_struct_site_gen.id 
_struct_site_gen.site_id 
_struct_site_gen.pdbx_num_res 
_struct_site_gen.label_comp_id 
_struct_site_gen.label_asym_id 
_struct_site_gen.label_seq_id 
_struct_site_gen.pdbx_auth_ins_code 
_struct_site_gen.auth_comp_id 
_struct_site_gen.auth_asym_id 
_struct_site_gen.auth_seq_id 
_struct_site_gen.label_atom_id 
_struct_site_gen.label_alt_id 
_struct_site_gen.symmetry 
_struct_site_gen.details 
1  AC1 12 HOH C .  ? HOH A 3   . ? 1_555 ? 
2  AC1 12 LEU A 37 ? LEU A 54  . ? 1_555 ? 
3  AC1 12 GLY A 41 ? GLY A 58  . ? 1_555 ? 
4  AC1 12 ILE A 44 ? ILE A 61  . ? 1_555 ? 
5  AC1 12 MET A 45 ? MET A 62  . ? 1_555 ? 
6  AC1 12 TYR A 50 ? TYR A 67  . ? 1_555 ? 
7  AC1 12 VAL A 76 ? VAL A 93  . ? 1_555 ? 
8  AC1 12 HIS A 79 ? HIS A 96  . ? 1_555 ? 
9  AC1 12 ILE A 82 ? ILE A 99  . ? 1_555 ? 
10 AC1 12 TYR A 83 ? TYR A 100 . ? 1_555 ? 
11 AC1 12 HOH C .  ? HOH A 138 . ? 1_555 ? 
12 AC1 12 HOH C .  ? HOH A 165 . ? 1_555 ? 
# 
_pdbx_validate_symm_contact.id                1 
_pdbx_validate_symm_contact.PDB_model_num     1 
_pdbx_validate_symm_contact.auth_atom_id_1    OG 
_pdbx_validate_symm_contact.auth_asym_id_1    A 
_pdbx_validate_symm_contact.auth_comp_id_1    SER 
_pdbx_validate_symm_contact.auth_seq_id_1     78 
_pdbx_validate_symm_contact.PDB_ins_code_1    ? 
_pdbx_validate_symm_contact.label_alt_id_1    ? 
_pdbx_validate_symm_contact.site_symmetry_1   1_555 
_pdbx_validate_symm_contact.auth_atom_id_2    OG 
_pdbx_validate_symm_contact.auth_asym_id_2    A 
_pdbx_validate_symm_contact.auth_comp_id_2    SER 
_pdbx_validate_symm_contact.auth_seq_id_2     78 
_pdbx_validate_symm_contact.PDB_ins_code_2    ? 
_pdbx_validate_symm_contact.label_alt_id_2    ? 
_pdbx_validate_symm_contact.site_symmetry_2   2_655 
_pdbx_validate_symm_contact.dist              2.17 
# 
_pdbx_validate_chiral.id              1 
_pdbx_validate_chiral.PDB_model_num   1 
_pdbx_validate_chiral.auth_atom_id    C9 
_pdbx_validate_chiral.label_alt_id    ? 
_pdbx_validate_chiral.auth_asym_id    A 
_pdbx_validate_chiral.auth_comp_id    07G 
_pdbx_validate_chiral.auth_seq_id     1 
_pdbx_validate_chiral.PDB_ins_code    ? 
_pdbx_validate_chiral.details         PLANAR 
_pdbx_validate_chiral.omega           . 
# 
loop_
_pdbx_struct_special_symmetry.id 
_pdbx_struct_special_symmetry.PDB_model_num 
_pdbx_struct_special_symmetry.auth_asym_id 
_pdbx_struct_special_symmetry.auth_comp_id 
_pdbx_struct_special_symmetry.auth_seq_id 
_pdbx_struct_special_symmetry.PDB_ins_code 
_pdbx_struct_special_symmetry.label_asym_id 
_pdbx_struct_special_symmetry.label_comp_id 
_pdbx_struct_special_symmetry.label_seq_id 
1 1 A HOH 14  ? C HOH . 
2 1 A HOH 161 ? C HOH . 
3 1 A HOH 170 ? C HOH . 
# 
loop_
_pdbx_unobs_or_zero_occ_residues.id 
_pdbx_unobs_or_zero_occ_residues.PDB_model_num 
_pdbx_unobs_or_zero_occ_residues.polymer_flag 
_pdbx_unobs_or_zero_occ_residues.occupancy_flag 
_pdbx_unobs_or_zero_occ_residues.auth_asym_id 
_pdbx_unobs_or_zero_occ_residues.auth_comp_id 
_pdbx_unobs_or_zero_occ_residues.auth_seq_id 
_pdbx_unobs_or_zero_occ_residues.PDB_ins_code 
_pdbx_unobs_or_zero_occ_residues.label_asym_id 
_pdbx_unobs_or_zero_occ_residues.label_comp_id 
_pdbx_unobs_or_zero_occ_residues.label_seq_id 
1  1 Y 1 A ASN 111 ? A ASN 94  
2  1 Y 1 A GLN 112 ? A GLN 95  
3  1 Y 1 A GLN 113 ? A GLN 96  
4  1 Y 1 A GLU 114 ? A GLU 97  
5  1 Y 1 A SER 115 ? A SER 98  
6  1 Y 1 A SER 116 ? A SER 99  
7  1 Y 1 A ASP 117 ? A ASP 100 
8  1 Y 1 A SER 118 ? A SER 101 
9  1 Y 1 A GLY 119 ? A GLY 102 
10 1 Y 1 A THR 120 ? A THR 103 
11 1 Y 1 A SER 121 ? A SER 104 
12 1 Y 1 A VAL 122 ? A VAL 105 
13 1 Y 1 A SER 123 ? A SER 106 
14 1 Y 1 A GLU 124 ? A GLU 107 
15 1 Y 1 A ASN 125 ? A ASN 108 
# 
loop_
_chem_comp_atom.comp_id 
_chem_comp_atom.atom_id 
_chem_comp_atom.type_symbol 
_chem_comp_atom.pdbx_aromatic_flag 
_chem_comp_atom.pdbx_stereo_config 
_chem_comp_atom.pdbx_ordinal 
07G C3   C  Y N 1   
07G C4   C  Y N 2   
07G F1   F  N N 3   
07G C5   C  Y N 4   
07G F2   F  N N 5   
07G C6   C  Y N 6   
07G C1   C  Y N 7   
07G C2   C  Y N 8   
07G C7   C  N N 9   
07G N1   N  N N 10  
07G C8   C  N N 11  
07G O1   O  N N 12  
07G C9   C  N S 13  
07G C10  C  N N 14  
07G O2   O  N N 15  
07G N3   N  N N 16  
07G C20  C  N N 17  
07G C22  C  N N 18  
07G C23  C  N N 19  
07G C21  C  N N 20  
07G C11  C  Y N 21  
07G C14  C  Y N 22  
07G C15  C  Y N 23  
07G C16  C  Y N 24  
07G C17  C  Y N 25  
07G CL1  CL N N 26  
07G C18  C  Y N 27  
07G C13  C  Y N 28  
07G N2   N  Y N 29  
07G C12  C  Y N 30  
07G C19  C  N N 31  
07G O4   O  N N 32  
07G O3   O  N N 33  
07G H1   H  N N 34  
07G H2   H  N N 35  
07G H3   H  N N 36  
07G H4   H  N N 37  
07G H5   H  N N 38  
07G H6   H  N N 39  
07G H8   H  N N 40  
07G H9   H  N N 41  
07G H10  H  N N 42  
07G H11  H  N N 43  
07G H12  H  N N 44  
07G H13  H  N N 45  
07G H14  H  N N 46  
07G H15  H  N N 47  
07G H16  H  N N 48  
07G H17  H  N N 49  
07G H18  H  N N 50  
07G H19  H  N N 51  
07G H20  H  N N 52  
07G H21  H  N N 53  
07G H22  H  N N 54  
07G H7   H  N N 55  
ALA N    N  N N 56  
ALA CA   C  N S 57  
ALA C    C  N N 58  
ALA O    O  N N 59  
ALA CB   C  N N 60  
ALA OXT  O  N N 61  
ALA H    H  N N 62  
ALA H2   H  N N 63  
ALA HA   H  N N 64  
ALA HB1  H  N N 65  
ALA HB2  H  N N 66  
ALA HB3  H  N N 67  
ALA HXT  H  N N 68  
ARG N    N  N N 69  
ARG CA   C  N S 70  
ARG C    C  N N 71  
ARG O    O  N N 72  
ARG CB   C  N N 73  
ARG CG   C  N N 74  
ARG CD   C  N N 75  
ARG NE   N  N N 76  
ARG CZ   C  N N 77  
ARG NH1  N  N N 78  
ARG NH2  N  N N 79  
ARG OXT  O  N N 80  
ARG H    H  N N 81  
ARG H2   H  N N 82  
ARG HA   H  N N 83  
ARG HB2  H  N N 84  
ARG HB3  H  N N 85  
ARG HG2  H  N N 86  
ARG HG3  H  N N 87  
ARG HD2  H  N N 88  
ARG HD3  H  N N 89  
ARG HE   H  N N 90  
ARG HH11 H  N N 91  
ARG HH12 H  N N 92  
ARG HH21 H  N N 93  
ARG HH22 H  N N 94  
ARG HXT  H  N N 95  
ASN N    N  N N 96  
ASN CA   C  N S 97  
ASN C    C  N N 98  
ASN O    O  N N 99  
ASN CB   C  N N 100 
ASN CG   C  N N 101 
ASN OD1  O  N N 102 
ASN ND2  N  N N 103 
ASN OXT  O  N N 104 
ASN H    H  N N 105 
ASN H2   H  N N 106 
ASN HA   H  N N 107 
ASN HB2  H  N N 108 
ASN HB3  H  N N 109 
ASN HD21 H  N N 110 
ASN HD22 H  N N 111 
ASN HXT  H  N N 112 
ASP N    N  N N 113 
ASP CA   C  N S 114 
ASP C    C  N N 115 
ASP O    O  N N 116 
ASP CB   C  N N 117 
ASP CG   C  N N 118 
ASP OD1  O  N N 119 
ASP OD2  O  N N 120 
ASP OXT  O  N N 121 
ASP H    H  N N 122 
ASP H2   H  N N 123 
ASP HA   H  N N 124 
ASP HB2  H  N N 125 
ASP HB3  H  N N 126 
ASP HD2  H  N N 127 
ASP HXT  H  N N 128 
CYS N    N  N N 129 
CYS CA   C  N R 130 
CYS C    C  N N 131 
CYS O    O  N N 132 
CYS CB   C  N N 133 
CYS SG   S  N N 134 
CYS OXT  O  N N 135 
CYS H    H  N N 136 
CYS H2   H  N N 137 
CYS HA   H  N N 138 
CYS HB2  H  N N 139 
CYS HB3  H  N N 140 
CYS HG   H  N N 141 
CYS HXT  H  N N 142 
GLN N    N  N N 143 
GLN CA   C  N S 144 
GLN C    C  N N 145 
GLN O    O  N N 146 
GLN CB   C  N N 147 
GLN CG   C  N N 148 
GLN CD   C  N N 149 
GLN OE1  O  N N 150 
GLN NE2  N  N N 151 
GLN OXT  O  N N 152 
GLN H    H  N N 153 
GLN H2   H  N N 154 
GLN HA   H  N N 155 
GLN HB2  H  N N 156 
GLN HB3  H  N N 157 
GLN HG2  H  N N 158 
GLN HG3  H  N N 159 
GLN HE21 H  N N 160 
GLN HE22 H  N N 161 
GLN HXT  H  N N 162 
GLU N    N  N N 163 
GLU CA   C  N S 164 
GLU C    C  N N 165 
GLU O    O  N N 166 
GLU CB   C  N N 167 
GLU CG   C  N N 168 
GLU CD   C  N N 169 
GLU OE1  O  N N 170 
GLU OE2  O  N N 171 
GLU OXT  O  N N 172 
GLU H    H  N N 173 
GLU H2   H  N N 174 
GLU HA   H  N N 175 
GLU HB2  H  N N 176 
GLU HB3  H  N N 177 
GLU HG2  H  N N 178 
GLU HG3  H  N N 179 
GLU HE2  H  N N 180 
GLU HXT  H  N N 181 
GLY N    N  N N 182 
GLY CA   C  N N 183 
GLY C    C  N N 184 
GLY O    O  N N 185 
GLY OXT  O  N N 186 
GLY H    H  N N 187 
GLY H2   H  N N 188 
GLY HA2  H  N N 189 
GLY HA3  H  N N 190 
GLY HXT  H  N N 191 
HIS N    N  N N 192 
HIS CA   C  N S 193 
HIS C    C  N N 194 
HIS O    O  N N 195 
HIS CB   C  N N 196 
HIS CG   C  Y N 197 
HIS ND1  N  Y N 198 
HIS CD2  C  Y N 199 
HIS CE1  C  Y N 200 
HIS NE2  N  Y N 201 
HIS OXT  O  N N 202 
HIS H    H  N N 203 
HIS H2   H  N N 204 
HIS HA   H  N N 205 
HIS HB2  H  N N 206 
HIS HB3  H  N N 207 
HIS HD1  H  N N 208 
HIS HD2  H  N N 209 
HIS HE1  H  N N 210 
HIS HE2  H  N N 211 
HIS HXT  H  N N 212 
HOH O    O  N N 213 
HOH H1   H  N N 214 
HOH H2   H  N N 215 
ILE N    N  N N 216 
ILE CA   C  N S 217 
ILE C    C  N N 218 
ILE O    O  N N 219 
ILE CB   C  N S 220 
ILE CG1  C  N N 221 
ILE CG2  C  N N 222 
ILE CD1  C  N N 223 
ILE OXT  O  N N 224 
ILE H    H  N N 225 
ILE H2   H  N N 226 
ILE HA   H  N N 227 
ILE HB   H  N N 228 
ILE HG12 H  N N 229 
ILE HG13 H  N N 230 
ILE HG21 H  N N 231 
ILE HG22 H  N N 232 
ILE HG23 H  N N 233 
ILE HD11 H  N N 234 
ILE HD12 H  N N 235 
ILE HD13 H  N N 236 
ILE HXT  H  N N 237 
LEU N    N  N N 238 
LEU CA   C  N S 239 
LEU C    C  N N 240 
LEU O    O  N N 241 
LEU CB   C  N N 242 
LEU CG   C  N N 243 
LEU CD1  C  N N 244 
LEU CD2  C  N N 245 
LEU OXT  O  N N 246 
LEU H    H  N N 247 
LEU H2   H  N N 248 
LEU HA   H  N N 249 
LEU HB2  H  N N 250 
LEU HB3  H  N N 251 
LEU HG   H  N N 252 
LEU HD11 H  N N 253 
LEU HD12 H  N N 254 
LEU HD13 H  N N 255 
LEU HD21 H  N N 256 
LEU HD22 H  N N 257 
LEU HD23 H  N N 258 
LEU HXT  H  N N 259 
LYS N    N  N N 260 
LYS CA   C  N S 261 
LYS C    C  N N 262 
LYS O    O  N N 263 
LYS CB   C  N N 264 
LYS CG   C  N N 265 
LYS CD   C  N N 266 
LYS CE   C  N N 267 
LYS NZ   N  N N 268 
LYS OXT  O  N N 269 
LYS H    H  N N 270 
LYS H2   H  N N 271 
LYS HA   H  N N 272 
LYS HB2  H  N N 273 
LYS HB3  H  N N 274 
LYS HG2  H  N N 275 
LYS HG3  H  N N 276 
LYS HD2  H  N N 277 
LYS HD3  H  N N 278 
LYS HE2  H  N N 279 
LYS HE3  H  N N 280 
LYS HZ1  H  N N 281 
LYS HZ2  H  N N 282 
LYS HZ3  H  N N 283 
LYS HXT  H  N N 284 
MET N    N  N N 285 
MET CA   C  N S 286 
MET C    C  N N 287 
MET O    O  N N 288 
MET CB   C  N N 289 
MET CG   C  N N 290 
MET SD   S  N N 291 
MET CE   C  N N 292 
MET OXT  O  N N 293 
MET H    H  N N 294 
MET H2   H  N N 295 
MET HA   H  N N 296 
MET HB2  H  N N 297 
MET HB3  H  N N 298 
MET HG2  H  N N 299 
MET HG3  H  N N 300 
MET HE1  H  N N 301 
MET HE2  H  N N 302 
MET HE3  H  N N 303 
MET HXT  H  N N 304 
PHE N    N  N N 305 
PHE CA   C  N S 306 
PHE C    C  N N 307 
PHE O    O  N N 308 
PHE CB   C  N N 309 
PHE CG   C  Y N 310 
PHE CD1  C  Y N 311 
PHE CD2  C  Y N 312 
PHE CE1  C  Y N 313 
PHE CE2  C  Y N 314 
PHE CZ   C  Y N 315 
PHE OXT  O  N N 316 
PHE H    H  N N 317 
PHE H2   H  N N 318 
PHE HA   H  N N 319 
PHE HB2  H  N N 320 
PHE HB3  H  N N 321 
PHE HD1  H  N N 322 
PHE HD2  H  N N 323 
PHE HE1  H  N N 324 
PHE HE2  H  N N 325 
PHE HZ   H  N N 326 
PHE HXT  H  N N 327 
PRO N    N  N N 328 
PRO CA   C  N S 329 
PRO C    C  N N 330 
PRO O    O  N N 331 
PRO CB   C  N N 332 
PRO CG   C  N N 333 
PRO CD   C  N N 334 
PRO OXT  O  N N 335 
PRO H    H  N N 336 
PRO HA   H  N N 337 
PRO HB2  H  N N 338 
PRO HB3  H  N N 339 
PRO HG2  H  N N 340 
PRO HG3  H  N N 341 
PRO HD2  H  N N 342 
PRO HD3  H  N N 343 
PRO HXT  H  N N 344 
SER N    N  N N 345 
SER CA   C  N S 346 
SER C    C  N N 347 
SER O    O  N N 348 
SER CB   C  N N 349 
SER OG   O  N N 350 
SER OXT  O  N N 351 
SER H    H  N N 352 
SER H2   H  N N 353 
SER HA   H  N N 354 
SER HB2  H  N N 355 
SER HB3  H  N N 356 
SER HG   H  N N 357 
SER HXT  H  N N 358 
THR N    N  N N 359 
THR CA   C  N S 360 
THR C    C  N N 361 
THR O    O  N N 362 
THR CB   C  N R 363 
THR OG1  O  N N 364 
THR CG2  C  N N 365 
THR OXT  O  N N 366 
THR H    H  N N 367 
THR H2   H  N N 368 
THR HA   H  N N 369 
THR HB   H  N N 370 
THR HG1  H  N N 371 
THR HG21 H  N N 372 
THR HG22 H  N N 373 
THR HG23 H  N N 374 
THR HXT  H  N N 375 
TYR N    N  N N 376 
TYR CA   C  N S 377 
TYR C    C  N N 378 
TYR O    O  N N 379 
TYR CB   C  N N 380 
TYR CG   C  Y N 381 
TYR CD1  C  Y N 382 
TYR CD2  C  Y N 383 
TYR CE1  C  Y N 384 
TYR CE2  C  Y N 385 
TYR CZ   C  Y N 386 
TYR OH   O  N N 387 
TYR OXT  O  N N 388 
TYR H    H  N N 389 
TYR H2   H  N N 390 
TYR HA   H  N N 391 
TYR HB2  H  N N 392 
TYR HB3  H  N N 393 
TYR HD1  H  N N 394 
TYR HD2  H  N N 395 
TYR HE1  H  N N 396 
TYR HE2  H  N N 397 
TYR HH   H  N N 398 
TYR HXT  H  N N 399 
VAL N    N  N N 400 
VAL CA   C  N S 401 
VAL C    C  N N 402 
VAL O    O  N N 403 
VAL CB   C  N N 404 
VAL CG1  C  N N 405 
VAL CG2  C  N N 406 
VAL OXT  O  N N 407 
VAL H    H  N N 408 
VAL H2   H  N N 409 
VAL HA   H  N N 410 
VAL HB   H  N N 411 
VAL HG11 H  N N 412 
VAL HG12 H  N N 413 
VAL HG13 H  N N 414 
VAL HG21 H  N N 415 
VAL HG22 H  N N 416 
VAL HG23 H  N N 417 
VAL HXT  H  N N 418 
# 
loop_
_chem_comp_bond.comp_id 
_chem_comp_bond.atom_id_1 
_chem_comp_bond.atom_id_2 
_chem_comp_bond.value_order 
_chem_comp_bond.pdbx_aromatic_flag 
_chem_comp_bond.pdbx_stereo_config 
_chem_comp_bond.pdbx_ordinal 
07G C3  H1   sing N N 1   
07G C4  F1   sing N N 2   
07G C4  C3   doub Y N 3   
07G C5  C4   sing Y N 4   
07G F2  C5   sing N N 5   
07G C6  C5   doub Y N 6   
07G C6  C1   sing Y N 7   
07G C6  H2   sing N N 8   
07G C1  C2   doub Y N 9   
07G C1  H3   sing N N 10  
07G C2  C3   sing Y N 11  
07G C2  C7   sing N N 12  
07G C7  H4   sing N N 13  
07G C7  H5   sing N N 14  
07G N1  C8   sing N N 15  
07G N1  C7   sing N N 16  
07G C8  O1   doub N N 17  
07G C8  H6   sing N N 18  
07G C9  N1   sing N N 19  
07G C10 C9   sing N N 20  
07G C10 O2   doub N N 21  
07G N3  C10  sing N N 22  
07G N3  H8   sing N N 23  
07G C20 N3   sing N N 24  
07G C20 C21  sing N N 25  
07G C20 C22  sing N N 26  
07G C22 H9   sing N N 27  
07G C22 H10  sing N N 28  
07G C22 H11  sing N N 29  
07G C23 C20  sing N N 30  
07G C23 H12  sing N N 31  
07G C23 H13  sing N N 32  
07G C23 H14  sing N N 33  
07G C21 H15  sing N N 34  
07G C21 H16  sing N N 35  
07G C21 H17  sing N N 36  
07G C11 C9   sing N N 37  
07G C14 C11  sing Y N 38  
07G C14 C15  doub Y N 39  
07G C15 H18  sing N N 40  
07G C16 C15  sing Y N 41  
07G C16 H19  sing N N 42  
07G C17 C16  doub Y N 43  
07G CL1 C17  sing N N 44  
07G C18 C13  doub Y N 45  
07G C18 C17  sing Y N 46  
07G C18 H20  sing N N 47  
07G C13 C14  sing Y N 48  
07G N2  C13  sing Y N 49  
07G N2  C12  sing Y N 50  
07G N2  H21  sing N N 51  
07G C12 C11  doub Y N 52  
07G C19 C12  sing N N 53  
07G C19 O4   sing N N 54  
07G O4  H22  sing N N 55  
07G O3  C19  doub N N 56  
07G C9  H7   sing N N 57  
ALA N   CA   sing N N 58  
ALA N   H    sing N N 59  
ALA N   H2   sing N N 60  
ALA CA  C    sing N N 61  
ALA CA  CB   sing N N 62  
ALA CA  HA   sing N N 63  
ALA C   O    doub N N 64  
ALA C   OXT  sing N N 65  
ALA CB  HB1  sing N N 66  
ALA CB  HB2  sing N N 67  
ALA CB  HB3  sing N N 68  
ALA OXT HXT  sing N N 69  
ARG N   CA   sing N N 70  
ARG N   H    sing N N 71  
ARG N   H2   sing N N 72  
ARG CA  C    sing N N 73  
ARG CA  CB   sing N N 74  
ARG CA  HA   sing N N 75  
ARG C   O    doub N N 76  
ARG C   OXT  sing N N 77  
ARG CB  CG   sing N N 78  
ARG CB  HB2  sing N N 79  
ARG CB  HB3  sing N N 80  
ARG CG  CD   sing N N 81  
ARG CG  HG2  sing N N 82  
ARG CG  HG3  sing N N 83  
ARG CD  NE   sing N N 84  
ARG CD  HD2  sing N N 85  
ARG CD  HD3  sing N N 86  
ARG NE  CZ   sing N N 87  
ARG NE  HE   sing N N 88  
ARG CZ  NH1  sing N N 89  
ARG CZ  NH2  doub N N 90  
ARG NH1 HH11 sing N N 91  
ARG NH1 HH12 sing N N 92  
ARG NH2 HH21 sing N N 93  
ARG NH2 HH22 sing N N 94  
ARG OXT HXT  sing N N 95  
ASN N   CA   sing N N 96  
ASN N   H    sing N N 97  
ASN N   H2   sing N N 98  
ASN CA  C    sing N N 99  
ASN CA  CB   sing N N 100 
ASN CA  HA   sing N N 101 
ASN C   O    doub N N 102 
ASN C   OXT  sing N N 103 
ASN CB  CG   sing N N 104 
ASN CB  HB2  sing N N 105 
ASN CB  HB3  sing N N 106 
ASN CG  OD1  doub N N 107 
ASN CG  ND2  sing N N 108 
ASN ND2 HD21 sing N N 109 
ASN ND2 HD22 sing N N 110 
ASN OXT HXT  sing N N 111 
ASP N   CA   sing N N 112 
ASP N   H    sing N N 113 
ASP N   H2   sing N N 114 
ASP CA  C    sing N N 115 
ASP CA  CB   sing N N 116 
ASP CA  HA   sing N N 117 
ASP C   O    doub N N 118 
ASP C   OXT  sing N N 119 
ASP CB  CG   sing N N 120 
ASP CB  HB2  sing N N 121 
ASP CB  HB3  sing N N 122 
ASP CG  OD1  doub N N 123 
ASP CG  OD2  sing N N 124 
ASP OD2 HD2  sing N N 125 
ASP OXT HXT  sing N N 126 
CYS N   CA   sing N N 127 
CYS N   H    sing N N 128 
CYS N   H2   sing N N 129 
CYS CA  C    sing N N 130 
CYS CA  CB   sing N N 131 
CYS CA  HA   sing N N 132 
CYS C   O    doub N N 133 
CYS C   OXT  sing N N 134 
CYS CB  SG   sing N N 135 
CYS CB  HB2  sing N N 136 
CYS CB  HB3  sing N N 137 
CYS SG  HG   sing N N 138 
CYS OXT HXT  sing N N 139 
GLN N   CA   sing N N 140 
GLN N   H    sing N N 141 
GLN N   H2   sing N N 142 
GLN CA  C    sing N N 143 
GLN CA  CB   sing N N 144 
GLN CA  HA   sing N N 145 
GLN C   O    doub N N 146 
GLN C   OXT  sing N N 147 
GLN CB  CG   sing N N 148 
GLN CB  HB2  sing N N 149 
GLN CB  HB3  sing N N 150 
GLN CG  CD   sing N N 151 
GLN CG  HG2  sing N N 152 
GLN CG  HG3  sing N N 153 
GLN CD  OE1  doub N N 154 
GLN CD  NE2  sing N N 155 
GLN NE2 HE21 sing N N 156 
GLN NE2 HE22 sing N N 157 
GLN OXT HXT  sing N N 158 
GLU N   CA   sing N N 159 
GLU N   H    sing N N 160 
GLU N   H2   sing N N 161 
GLU CA  C    sing N N 162 
GLU CA  CB   sing N N 163 
GLU CA  HA   sing N N 164 
GLU C   O    doub N N 165 
GLU C   OXT  sing N N 166 
GLU CB  CG   sing N N 167 
GLU CB  HB2  sing N N 168 
GLU CB  HB3  sing N N 169 
GLU CG  CD   sing N N 170 
GLU CG  HG2  sing N N 171 
GLU CG  HG3  sing N N 172 
GLU CD  OE1  doub N N 173 
GLU CD  OE2  sing N N 174 
GLU OE2 HE2  sing N N 175 
GLU OXT HXT  sing N N 176 
GLY N   CA   sing N N 177 
GLY N   H    sing N N 178 
GLY N   H2   sing N N 179 
GLY CA  C    sing N N 180 
GLY CA  HA2  sing N N 181 
GLY CA  HA3  sing N N 182 
GLY C   O    doub N N 183 
GLY C   OXT  sing N N 184 
GLY OXT HXT  sing N N 185 
HIS N   CA   sing N N 186 
HIS N   H    sing N N 187 
HIS N   H2   sing N N 188 
HIS CA  C    sing N N 189 
HIS CA  CB   sing N N 190 
HIS CA  HA   sing N N 191 
HIS C   O    doub N N 192 
HIS C   OXT  sing N N 193 
HIS CB  CG   sing N N 194 
HIS CB  HB2  sing N N 195 
HIS CB  HB3  sing N N 196 
HIS CG  ND1  sing Y N 197 
HIS CG  CD2  doub Y N 198 
HIS ND1 CE1  doub Y N 199 
HIS ND1 HD1  sing N N 200 
HIS CD2 NE2  sing Y N 201 
HIS CD2 HD2  sing N N 202 
HIS CE1 NE2  sing Y N 203 
HIS CE1 HE1  sing N N 204 
HIS NE2 HE2  sing N N 205 
HIS OXT HXT  sing N N 206 
HOH O   H1   sing N N 207 
HOH O   H2   sing N N 208 
ILE N   CA   sing N N 209 
ILE N   H    sing N N 210 
ILE N   H2   sing N N 211 
ILE CA  C    sing N N 212 
ILE CA  CB   sing N N 213 
ILE CA  HA   sing N N 214 
ILE C   O    doub N N 215 
ILE C   OXT  sing N N 216 
ILE CB  CG1  sing N N 217 
ILE CB  CG2  sing N N 218 
ILE CB  HB   sing N N 219 
ILE CG1 CD1  sing N N 220 
ILE CG1 HG12 sing N N 221 
ILE CG1 HG13 sing N N 222 
ILE CG2 HG21 sing N N 223 
ILE CG2 HG22 sing N N 224 
ILE CG2 HG23 sing N N 225 
ILE CD1 HD11 sing N N 226 
ILE CD1 HD12 sing N N 227 
ILE CD1 HD13 sing N N 228 
ILE OXT HXT  sing N N 229 
LEU N   CA   sing N N 230 
LEU N   H    sing N N 231 
LEU N   H2   sing N N 232 
LEU CA  C    sing N N 233 
LEU CA  CB   sing N N 234 
LEU CA  HA   sing N N 235 
LEU C   O    doub N N 236 
LEU C   OXT  sing N N 237 
LEU CB  CG   sing N N 238 
LEU CB  HB2  sing N N 239 
LEU CB  HB3  sing N N 240 
LEU CG  CD1  sing N N 241 
LEU CG  CD2  sing N N 242 
LEU CG  HG   sing N N 243 
LEU CD1 HD11 sing N N 244 
LEU CD1 HD12 sing N N 245 
LEU CD1 HD13 sing N N 246 
LEU CD2 HD21 sing N N 247 
LEU CD2 HD22 sing N N 248 
LEU CD2 HD23 sing N N 249 
LEU OXT HXT  sing N N 250 
LYS N   CA   sing N N 251 
LYS N   H    sing N N 252 
LYS N   H2   sing N N 253 
LYS CA  C    sing N N 254 
LYS CA  CB   sing N N 255 
LYS CA  HA   sing N N 256 
LYS C   O    doub N N 257 
LYS C   OXT  sing N N 258 
LYS CB  CG   sing N N 259 
LYS CB  HB2  sing N N 260 
LYS CB  HB3  sing N N 261 
LYS CG  CD   sing N N 262 
LYS CG  HG2  sing N N 263 
LYS CG  HG3  sing N N 264 
LYS CD  CE   sing N N 265 
LYS CD  HD2  sing N N 266 
LYS CD  HD3  sing N N 267 
LYS CE  NZ   sing N N 268 
LYS CE  HE2  sing N N 269 
LYS CE  HE3  sing N N 270 
LYS NZ  HZ1  sing N N 271 
LYS NZ  HZ2  sing N N 272 
LYS NZ  HZ3  sing N N 273 
LYS OXT HXT  sing N N 274 
MET N   CA   sing N N 275 
MET N   H    sing N N 276 
MET N   H2   sing N N 277 
MET CA  C    sing N N 278 
MET CA  CB   sing N N 279 
MET CA  HA   sing N N 280 
MET C   O    doub N N 281 
MET C   OXT  sing N N 282 
MET CB  CG   sing N N 283 
MET CB  HB2  sing N N 284 
MET CB  HB3  sing N N 285 
MET CG  SD   sing N N 286 
MET CG  HG2  sing N N 287 
MET CG  HG3  sing N N 288 
MET SD  CE   sing N N 289 
MET CE  HE1  sing N N 290 
MET CE  HE2  sing N N 291 
MET CE  HE3  sing N N 292 
MET OXT HXT  sing N N 293 
PHE N   CA   sing N N 294 
PHE N   H    sing N N 295 
PHE N   H2   sing N N 296 
PHE CA  C    sing N N 297 
PHE CA  CB   sing N N 298 
PHE CA  HA   sing N N 299 
PHE C   O    doub N N 300 
PHE C   OXT  sing N N 301 
PHE CB  CG   sing N N 302 
PHE CB  HB2  sing N N 303 
PHE CB  HB3  sing N N 304 
PHE CG  CD1  doub Y N 305 
PHE CG  CD2  sing Y N 306 
PHE CD1 CE1  sing Y N 307 
PHE CD1 HD1  sing N N 308 
PHE CD2 CE2  doub Y N 309 
PHE CD2 HD2  sing N N 310 
PHE CE1 CZ   doub Y N 311 
PHE CE1 HE1  sing N N 312 
PHE CE2 CZ   sing Y N 313 
PHE CE2 HE2  sing N N 314 
PHE CZ  HZ   sing N N 315 
PHE OXT HXT  sing N N 316 
PRO N   CA   sing N N 317 
PRO N   CD   sing N N 318 
PRO N   H    sing N N 319 
PRO CA  C    sing N N 320 
PRO CA  CB   sing N N 321 
PRO CA  HA   sing N N 322 
PRO C   O    doub N N 323 
PRO C   OXT  sing N N 324 
PRO CB  CG   sing N N 325 
PRO CB  HB2  sing N N 326 
PRO CB  HB3  sing N N 327 
PRO CG  CD   sing N N 328 
PRO CG  HG2  sing N N 329 
PRO CG  HG3  sing N N 330 
PRO CD  HD2  sing N N 331 
PRO CD  HD3  sing N N 332 
PRO OXT HXT  sing N N 333 
SER N   CA   sing N N 334 
SER N   H    sing N N 335 
SER N   H2   sing N N 336 
SER CA  C    sing N N 337 
SER CA  CB   sing N N 338 
SER CA  HA   sing N N 339 
SER C   O    doub N N 340 
SER C   OXT  sing N N 341 
SER CB  OG   sing N N 342 
SER CB  HB2  sing N N 343 
SER CB  HB3  sing N N 344 
SER OG  HG   sing N N 345 
SER OXT HXT  sing N N 346 
THR N   CA   sing N N 347 
THR N   H    sing N N 348 
THR N   H2   sing N N 349 
THR CA  C    sing N N 350 
THR CA  CB   sing N N 351 
THR CA  HA   sing N N 352 
THR C   O    doub N N 353 
THR C   OXT  sing N N 354 
THR CB  OG1  sing N N 355 
THR CB  CG2  sing N N 356 
THR CB  HB   sing N N 357 
THR OG1 HG1  sing N N 358 
THR CG2 HG21 sing N N 359 
THR CG2 HG22 sing N N 360 
THR CG2 HG23 sing N N 361 
THR OXT HXT  sing N N 362 
TYR N   CA   sing N N 363 
TYR N   H    sing N N 364 
TYR N   H2   sing N N 365 
TYR CA  C    sing N N 366 
TYR CA  CB   sing N N 367 
TYR CA  HA   sing N N 368 
TYR C   O    doub N N 369 
TYR C   OXT  sing N N 370 
TYR CB  CG   sing N N 371 
TYR CB  HB2  sing N N 372 
TYR CB  HB3  sing N N 373 
TYR CG  CD1  doub Y N 374 
TYR CG  CD2  sing Y N 375 
TYR CD1 CE1  sing Y N 376 
TYR CD1 HD1  sing N N 377 
TYR CD2 CE2  doub Y N 378 
TYR CD2 HD2  sing N N 379 
TYR CE1 CZ   doub Y N 380 
TYR CE1 HE1  sing N N 381 
TYR CE2 CZ   sing Y N 382 
TYR CE2 HE2  sing N N 383 
TYR CZ  OH   sing N N 384 
TYR OH  HH   sing N N 385 
TYR OXT HXT  sing N N 386 
VAL N   CA   sing N N 387 
VAL N   H    sing N N 388 
VAL N   H2   sing N N 389 
VAL CA  C    sing N N 390 
VAL CA  CB   sing N N 391 
VAL CA  HA   sing N N 392 
VAL C   O    doub N N 393 
VAL C   OXT  sing N N 394 
VAL CB  CG1  sing N N 395 
VAL CB  CG2  sing N N 396 
VAL CB  HB   sing N N 397 
VAL CG1 HG11 sing N N 398 
VAL CG1 HG12 sing N N 399 
VAL CG1 HG13 sing N N 400 
VAL CG2 HG21 sing N N 401 
VAL CG2 HG22 sing N N 402 
VAL CG2 HG23 sing N N 403 
VAL OXT HXT  sing N N 404 
# 
_atom_sites.entry_id                    3TU1 
_atom_sites.fract_transf_matrix[1][1]   0.01958301 
_atom_sites.fract_transf_matrix[1][2]   -0.00245032 
_atom_sites.fract_transf_matrix[1][3]   0.00336185 
_atom_sites.fract_transf_matrix[2][1]   0.00238271 
_atom_sites.fract_transf_matrix[2][2]   -0.00340191 
_atom_sites.fract_transf_matrix[2][3]   -0.01635899 
_atom_sites.fract_transf_matrix[3][1]   0.00183810 
_atom_sites.fract_transf_matrix[3][2]   0.01171504 
_atom_sites.fract_transf_matrix[3][3]   -0.00216846 
_atom_sites.fract_transf_vector[1]      0.202697 
_atom_sites.fract_transf_vector[2]      0.100016 
_atom_sites.fract_transf_vector[3]      0.165813 
# 
loop_
_atom_type.symbol 
C  
CL 
F  
N  
O  
S  
# 
loop_
_atom_site.group_PDB 
_atom_site.id 
_atom_site.type_symbol 
_atom_site.label_atom_id 
_atom_site.label_alt_id 
_atom_site.label_comp_id 
_atom_site.label_asym_id 
_atom_site.label_entity_id 
_atom_site.label_seq_id 
_atom_site.pdbx_PDB_ins_code 
_atom_site.Cartn_x 
_atom_site.Cartn_y 
_atom_site.Cartn_z 
_atom_site.occupancy 
_atom_site.B_iso_or_equiv 
_atom_site.pdbx_formal_charge 
_atom_site.auth_seq_id 
_atom_site.auth_comp_id 
_atom_site.auth_asym_id 
_atom_site.auth_atom_id 
_atom_site.pdbx_PDB_model_num 
ATOM   1   N  N   . GLN A 1 1  ? -3.786  14.754  -4.292  1.00 28.18 ? 18  GLN A N   1 
ATOM   2   C  CA  . GLN A 1 1  ? -5.182  14.243  -4.357  1.00 27.56 ? 18  GLN A CA  1 
ATOM   3   C  C   . GLN A 1 1  ? -5.390  13.357  -5.578  1.00 27.07 ? 18  GLN A C   1 
ATOM   4   O  O   . GLN A 1 1  ? -4.880  13.649  -6.652  1.00 27.77 ? 18  GLN A O   1 
ATOM   5   C  CB  . GLN A 1 1  ? -6.162  15.405  -4.387  1.00 27.94 ? 18  GLN A CB  1 
ATOM   6   C  CG  . GLN A 1 1  ? -7.622  14.968  -4.356  1.00 29.23 ? 18  GLN A CG  1 
ATOM   7   C  CD  . GLN A 1 1  ? -8.524  15.970  -3.670  1.00 31.66 ? 18  GLN A CD  1 
ATOM   8   O  OE1 . GLN A 1 1  ? -8.067  16.796  -2.869  1.00 34.41 ? 18  GLN A OE1 1 
ATOM   9   N  NE2 . GLN A 1 1  ? -9.817  15.893  -3.963  1.00 32.94 ? 18  GLN A NE2 1 
ATOM   10  N  N   . ILE A 1 2  ? -6.140  12.275  -5.390  1.00 26.51 ? 19  ILE A N   1 
ATOM   11  C  CA  . ILE A 1 2  ? -6.378  11.267  -6.421  1.00 26.02 ? 19  ILE A CA  1 
ATOM   12  C  C   . ILE A 1 2  ? -7.841  11.388  -6.859  1.00 26.59 ? 19  ILE A C   1 
ATOM   13  O  O   . ILE A 1 2  ? -8.730  11.400  -6.007  1.00 26.91 ? 19  ILE A O   1 
ATOM   14  C  CB  . ILE A 1 2  ? -6.148  9.842   -5.852  1.00 25.42 ? 19  ILE A CB  1 
ATOM   15  C  CG1 . ILE A 1 2  ? -4.752  9.698   -5.211  1.00 24.59 ? 19  ILE A CG1 1 
ATOM   16  C  CG2 . ILE A 1 2  ? -6.372  8.783   -6.912  1.00 24.96 ? 19  ILE A CG2 1 
ATOM   17  C  CD1 . ILE A 1 2  ? -3.569  9.934   -6.134  1.00 23.78 ? 19  ILE A CD1 1 
ATOM   18  N  N   . PRO A 1 3  ? -8.106  11.480  -8.178  1.00 27.08 ? 20  PRO A N   1 
ATOM   19  C  CA  . PRO A 1 3  ? -9.510  11.551  -8.626  1.00 27.28 ? 20  PRO A CA  1 
ATOM   20  C  C   . PRO A 1 3  ? -10.366 10.385  -8.144  1.00 27.50 ? 20  PRO A C   1 
ATOM   21  O  O   . PRO A 1 3  ? -9.889  9.257   -8.061  1.00 27.23 ? 20  PRO A O   1 
ATOM   22  C  CB  . PRO A 1 3  ? -9.392  11.525  -10.151 1.00 27.21 ? 20  PRO A CB  1 
ATOM   23  C  CG  . PRO A 1 3  ? -8.066  12.092  -10.429 1.00 27.49 ? 20  PRO A CG  1 
ATOM   24  C  CD  . PRO A 1 3  ? -7.177  11.608  -9.310  1.00 27.14 ? 20  PRO A CD  1 
ATOM   25  N  N   . ALA A 1 4  ? -11.631 10.663  -7.838  1.00 27.77 ? 21  ALA A N   1 
ATOM   26  C  CA  . ALA A 1 4  ? -12.547 9.644   -7.334  1.00 27.82 ? 21  ALA A CA  1 
ATOM   27  C  C   . ALA A 1 4  ? -12.639 8.443   -8.269  1.00 27.74 ? 21  ALA A C   1 
ATOM   28  O  O   . ALA A 1 4  ? -12.670 7.303   -7.814  1.00 27.80 ? 21  ALA A O   1 
ATOM   29  C  CB  . ALA A 1 4  ? -13.931 10.247  -7.111  1.00 28.10 ? 21  ALA A CB  1 
ATOM   30  N  N   . SER A 1 5  ? -12.673 8.704   -9.573  1.00 27.81 ? 22  SER A N   1 
ATOM   31  C  CA  . SER A 1 5  ? -12.790 7.643   -10.575 1.00 27.71 ? 22  SER A CA  1 
ATOM   32  C  C   . SER A 1 5  ? -11.590 6.694   -10.586 1.00 27.29 ? 22  SER A C   1 
ATOM   33  O  O   . SER A 1 5  ? -11.732 5.520   -10.906 1.00 27.10 ? 22  SER A O   1 
ATOM   34  C  CB  . SER A 1 5  ? -13.002 8.238   -11.975 1.00 27.92 ? 22  SER A CB  1 
ATOM   35  O  OG  . SER A 1 5  ? -11.936 9.083   -12.362 1.00 28.74 ? 22  SER A OG  1 
ATOM   36  N  N   . GLU A 1 6  ? -10.414 7.203   -10.235 1.00 26.70 ? 23  GLU A N   1 
ATOM   37  C  CA  . GLU A 1 6  ? -9.207  6.371   -10.201 1.00 26.23 ? 23  GLU A CA  1 
ATOM   38  C  C   . GLU A 1 6  ? -9.176  5.456   -8.980  1.00 26.21 ? 23  GLU A C   1 
ATOM   39  O  O   . GLU A 1 6  ? -8.621  4.355   -9.036  1.00 25.85 ? 23  GLU A O   1 
ATOM   40  C  CB  . GLU A 1 6  ? -7.963  7.246   -10.239 1.00 25.90 ? 23  GLU A CB  1 
ATOM   41  C  CG  . GLU A 1 6  ? -6.678  6.465   -10.139 1.00 24.57 ? 23  GLU A CG  1 
ATOM   42  C  CD  . GLU A 1 6  ? -5.465  7.294   -10.427 1.00 23.04 ? 23  GLU A CD  1 
ATOM   43  O  OE1 . GLU A 1 6  ? -5.583  8.522   -10.635 1.00 23.68 ? 23  GLU A OE1 1 
ATOM   44  O  OE2 . GLU A 1 6  ? -4.375  6.710   -10.431 1.00 21.27 ? 23  GLU A OE2 1 
ATOM   45  N  N   . GLN A 1 7  ? -9.792  5.904   -7.888  1.00 26.41 ? 24  GLN A N   1 
ATOM   46  C  CA  . GLN A 1 7  ? -9.843  5.121   -6.652  1.00 26.50 ? 24  GLN A CA  1 
ATOM   47  C  C   . GLN A 1 7  ? -10.678 3.853   -6.817  1.00 26.25 ? 24  GLN A C   1 
ATOM   48  O  O   . GLN A 1 7  ? -10.478 2.881   -6.105  1.00 25.94 ? 24  GLN A O   1 
ATOM   49  C  CB  . GLN A 1 7  ? -10.381 5.971   -5.500  1.00 26.70 ? 24  GLN A CB  1 
ATOM   50  C  CG  . GLN A 1 7  ? -9.598  7.267   -5.301  1.00 27.49 ? 24  GLN A CG  1 
ATOM   51  C  CD  . GLN A 1 7  ? -9.900  7.959   -3.991  1.00 29.02 ? 24  GLN A CD  1 
ATOM   52  O  OE1 . GLN A 1 7  ? -10.156 7.310   -2.977  1.00 31.23 ? 24  GLN A OE1 1 
ATOM   53  N  NE2 . GLN A 1 7  ? -9.847  9.288   -3.999  1.00 29.31 ? 24  GLN A NE2 1 
ATOM   54  N  N   . GLU A 1 8  ? -11.608 3.872   -7.768  1.00 26.39 ? 25  GLU A N   1 
ATOM   55  C  CA  . GLU A 1 8  ? -12.447 2.721   -8.047  1.00 26.44 ? 25  GLU A CA  1 
ATOM   56  C  C   . GLU A 1 8  ? -11.866 1.775   -9.117  1.00 25.68 ? 25  GLU A C   1 
ATOM   57  O  O   . GLU A 1 8  ? -12.499 0.776   -9.456  1.00 25.92 ? 25  GLU A O   1 
ATOM   58  C  CB  . GLU A 1 8  ? -13.859 3.194   -8.431  1.00 27.14 ? 25  GLU A CB  1 
ATOM   59  C  CG  . GLU A 1 8  ? -14.488 4.213   -7.448  1.00 29.39 ? 25  GLU A CG  1 
ATOM   60  C  CD  . GLU A 1 8  ? -14.660 3.688   -6.005  1.00 32.42 ? 25  GLU A CD  1 
ATOM   61  O  OE1 . GLU A 1 8  ? -15.002 4.500   -5.110  1.00 35.04 ? 25  GLU A OE1 1 
ATOM   62  O  OE2 . GLU A 1 8  ? -14.467 2.474   -5.748  1.00 34.56 ? 25  GLU A OE2 1 
ATOM   63  N  N   . THR A 1 9  ? -10.662 2.062   -9.619  1.00 24.55 ? 26  THR A N   1 
ATOM   64  C  CA  . THR A 1 9  ? -9.967  1.168   -10.557 1.00 23.64 ? 26  THR A CA  1 
ATOM   65  C  C   . THR A 1 9  ? -9.829  -0.243  -9.985  1.00 22.99 ? 26  THR A C   1 
ATOM   66  O  O   . THR A 1 9  ? -9.350  -0.411  -8.861  1.00 22.76 ? 26  THR A O   1 
ATOM   67  C  CB  . THR A 1 9  ? -8.530  1.675   -10.872 1.00 23.59 ? 26  THR A CB  1 
ATOM   68  O  OG1 . THR A 1 9  ? -8.573  3.030   -11.337 1.00 24.10 ? 26  THR A OG1 1 
ATOM   69  C  CG2 . THR A 1 9  ? -7.847  0.799   -11.924 1.00 23.74 ? 26  THR A CG2 1 
ATOM   70  N  N   . LEU A 1 10 ? -10.228 -1.245  -10.771 1.00 22.35 ? 27  LEU A N   1 
ATOM   71  C  CA  . LEU A 1 10 ? -10.093 -2.667  -10.397 1.00 22.36 ? 27  LEU A CA  1 
ATOM   72  C  C   . LEU A 1 10 ? -8.679  -3.194  -10.675 1.00 22.04 ? 27  LEU A C   1 
ATOM   73  O  O   . LEU A 1 10 ? -8.161  -3.022  -11.781 1.00 21.76 ? 27  LEU A O   1 
ATOM   74  C  CB  . LEU A 1 10 ? -11.116 -3.531  -11.144 1.00 22.66 ? 27  LEU A CB  1 
ATOM   75  C  CG  . LEU A 1 10 ? -12.492 -3.645  -10.479 1.00 24.49 ? 27  LEU A CG  1 
ATOM   76  C  CD1 . LEU A 1 10 ? -13.560 -4.036  -11.502 1.00 26.46 ? 27  LEU A CD1 1 
ATOM   77  C  CD2 . LEU A 1 10 ? -12.450 -4.642  -9.319  1.00 26.07 ? 27  LEU A CD2 1 
ATOM   78  N  N   . VAL A 1 11 ? -8.074  -3.832  -9.670  1.00 22.01 ? 28  VAL A N   1 
ATOM   79  C  CA  . VAL A 1 11 ? -6.675  -4.278  -9.742  1.00 22.24 ? 28  VAL A CA  1 
ATOM   80  C  C   . VAL A 1 11 ? -6.447  -5.673  -9.158  1.00 23.33 ? 28  VAL A C   1 
ATOM   81  O  O   . VAL A 1 11 ? -7.169  -6.118  -8.259  1.00 23.79 ? 28  VAL A O   1 
ATOM   82  C  CB  . VAL A 1 11 ? -5.714  -3.288  -9.010  1.00 21.87 ? 28  VAL A CB  1 
ATOM   83  C  CG1 . VAL A 1 11 ? -5.734  -1.921  -9.672  1.00 21.13 ? 28  VAL A CG1 1 
ATOM   84  C  CG2 . VAL A 1 11 ? -6.058  -3.187  -7.533  1.00 20.77 ? 28  VAL A CG2 1 
ATOM   85  N  N   . ARG A 1 12 ? -5.419  -6.345  -9.664  1.00 24.70 ? 29  ARG A N   1 
ATOM   86  C  CA  . ARG A 1 12 ? -5.011  -7.655  -9.168  1.00 25.99 ? 29  ARG A CA  1 
ATOM   87  C  C   . ARG A 1 12 ? -3.573  -7.598  -8.666  1.00 25.84 ? 29  ARG A C   1 
ATOM   88  O  O   . ARG A 1 12 ? -2.641  -7.565  -9.457  1.00 25.53 ? 29  ARG A O   1 
ATOM   89  C  CB  . ARG A 1 12 ? -5.158  -8.721  -10.256 1.00 26.98 ? 29  ARG A CB  1 
ATOM   90  C  CG  . ARG A 1 12 ? -6.609  -9.066  -10.547 1.00 30.88 ? 29  ARG A CG  1 
ATOM   91  C  CD  . ARG A 1 12 ? -6.747  -10.260 -11.487 1.00 36.23 ? 29  ARG A CD  1 
ATOM   92  N  NE  . ARG A 1 12 ? -8.142  -10.704 -11.584 1.00 41.00 ? 29  ARG A NE  1 
ATOM   93  C  CZ  . ARG A 1 12 ? -8.956  -10.516 -12.629 1.00 45.19 ? 29  ARG A CZ  1 
ATOM   94  N  NH1 . ARG A 1 12 ? -10.204 -10.974 -12.575 1.00 46.78 ? 29  ARG A NH1 1 
ATOM   95  N  NH2 . ARG A 1 12 ? -8.545  -9.890  -13.733 1.00 46.73 ? 29  ARG A NH2 1 
ATOM   96  N  N   . PRO A 1 13 ? -3.389  -7.579  -7.338  1.00 26.01 ? 30  PRO A N   1 
ATOM   97  C  CA  . PRO A 1 13 ? -2.034  -7.557  -6.793  1.00 26.32 ? 30  PRO A CA  1 
ATOM   98  C  C   . PRO A 1 13 ? -1.187  -8.748  -7.198  1.00 26.95 ? 30  PRO A C   1 
ATOM   99  O  O   . PRO A 1 13 ? -1.683  -9.875  -7.267  1.00 26.92 ? 30  PRO A O   1 
ATOM   100 C  CB  . PRO A 1 13 ? -2.269  -7.573  -5.278  1.00 25.98 ? 30  PRO A CB  1 
ATOM   101 C  CG  . PRO A 1 13 ? -3.574  -6.952  -5.102  1.00 25.96 ? 30  PRO A CG  1 
ATOM   102 C  CD  . PRO A 1 13 ? -4.397  -7.396  -6.278  1.00 26.21 ? 30  PRO A CD  1 
ATOM   103 N  N   . LYS A 1 14 ? 0.093   -8.492  -7.440  1.00 27.89 ? 31  LYS A N   1 
ATOM   104 C  CA  . LYS A 1 14 ? 1.054   -9.546  -7.741  1.00 28.91 ? 31  LYS A CA  1 
ATOM   105 C  C   . LYS A 1 14 ? 1.336   -10.311 -6.451  1.00 29.54 ? 31  LYS A C   1 
ATOM   106 O  O   . LYS A 1 14 ? 0.911   -9.873  -5.382  1.00 29.42 ? 31  LYS A O   1 
ATOM   107 C  CB  . LYS A 1 14 ? 2.324   -8.945  -8.336  1.00 29.11 ? 31  LYS A CB  1 
ATOM   108 C  CG  . LYS A 1 14 ? 2.103   -8.263  -9.669  1.00 30.16 ? 31  LYS A CG  1 
ATOM   109 C  CD  . LYS A 1 14 ? 3.364   -7.593  -10.148 1.00 31.69 ? 31  LYS A CD  1 
ATOM   110 C  CE  . LYS A 1 14 ? 3.157   -6.887  -11.465 1.00 32.66 ? 31  LYS A CE  1 
ATOM   111 N  NZ  . LYS A 1 14 ? 4.468   -6.420  -12.001 1.00 33.90 ? 31  LYS A NZ  1 
ATOM   112 N  N   . PRO A 1 15 ? 2.024   -11.469 -6.538  1.00 30.29 ? 32  PRO A N   1 
ATOM   113 C  CA  . PRO A 1 15 ? 2.096   -12.363 -5.375  1.00 30.71 ? 32  PRO A CA  1 
ATOM   114 C  C   . PRO A 1 15 ? 2.514   -11.728 -4.040  1.00 30.71 ? 32  PRO A C   1 
ATOM   115 O  O   . PRO A 1 15 ? 1.856   -11.969 -3.024  1.00 30.83 ? 32  PRO A O   1 
ATOM   116 C  CB  . PRO A 1 15 ? 3.106   -13.416 -5.821  1.00 30.79 ? 32  PRO A CB  1 
ATOM   117 C  CG  . PRO A 1 15 ? 2.859   -13.529 -7.278  1.00 30.78 ? 32  PRO A CG  1 
ATOM   118 C  CD  . PRO A 1 15 ? 2.562   -12.125 -7.745  1.00 30.56 ? 32  PRO A CD  1 
ATOM   119 N  N   . LEU A 1 16 ? 3.576   -10.925 -4.041  1.00 30.56 ? 33  LEU A N   1 
ATOM   120 C  CA  . LEU A 1 16 ? 4.092   -10.342 -2.790  1.00 30.17 ? 33  LEU A CA  1 
ATOM   121 C  C   . LEU A 1 16 ? 3.119   -9.347  -2.150  1.00 29.22 ? 33  LEU A C   1 
ATOM   122 O  O   . LEU A 1 16 ? 2.869   -9.412  -0.941  1.00 29.26 ? 33  LEU A O   1 
ATOM   123 C  CB  . LEU A 1 16 ? 5.468   -9.697  -3.005  1.00 30.36 ? 33  LEU A CB  1 
ATOM   124 C  CG  . LEU A 1 16 ? 6.644   -10.645 -3.277  1.00 31.19 ? 33  LEU A CG  1 
ATOM   125 C  CD1 . LEU A 1 16 ? 7.944   -9.859  -3.341  1.00 32.03 ? 33  LEU A CD1 1 
ATOM   126 C  CD2 . LEU A 1 16 ? 6.737   -11.740 -2.227  1.00 31.73 ? 33  LEU A CD2 1 
ATOM   127 N  N   . LEU A 1 17 ? 2.556   -8.447  -2.953  1.00 28.11 ? 34  LEU A N   1 
ATOM   128 C  CA  . LEU A 1 17 ? 1.544   -7.524  -2.444  1.00 27.22 ? 34  LEU A CA  1 
ATOM   129 C  C   . LEU A 1 17 ? 0.301   -8.282  -1.960  1.00 26.85 ? 34  LEU A C   1 
ATOM   130 O  O   . LEU A 1 17 ? -0.261  -7.935  -0.927  1.00 26.30 ? 34  LEU A O   1 
ATOM   131 C  CB  . LEU A 1 17 ? 1.162   -6.473  -3.500  1.00 27.08 ? 34  LEU A CB  1 
ATOM   132 C  CG  . LEU A 1 17 ? 0.069   -5.463  -3.135  1.00 26.28 ? 34  LEU A CG  1 
ATOM   133 C  CD1 . LEU A 1 17 ? 0.405   -4.717  -1.848  1.00 25.94 ? 34  LEU A CD1 1 
ATOM   134 C  CD2 . LEU A 1 17 ? -0.162  -4.481  -4.264  1.00 25.19 ? 34  LEU A CD2 1 
ATOM   135 N  N   . LEU A 1 18 ? -0.113  -9.304  -2.709  1.00 26.57 ? 35  LEU A N   1 
ATOM   136 C  CA  . LEU A 1 18 ? -1.251  -10.142 -2.320  1.00 26.93 ? 35  LEU A CA  1 
ATOM   137 C  C   . LEU A 1 18 ? -0.996  -10.804 -0.960  1.00 27.53 ? 35  LEU A C   1 
ATOM   138 O  O   . LEU A 1 18 ? -1.864  -10.808 -0.083  1.00 27.46 ? 35  LEU A O   1 
ATOM   139 C  CB  . LEU A 1 18 ? -1.525  -11.227 -3.377  1.00 26.77 ? 35  LEU A CB  1 
ATOM   140 C  CG  . LEU A 1 18 ? -2.984  -11.517 -3.747  1.00 27.08 ? 35  LEU A CG  1 
ATOM   141 C  CD1 . LEU A 1 18 ? -3.094  -12.884 -4.396  1.00 26.94 ? 35  LEU A CD1 1 
ATOM   142 C  CD2 . LEU A 1 18 ? -3.921  -11.426 -2.568  1.00 27.64 ? 35  LEU A CD2 1 
ATOM   143 N  N   . LYS A 1 19 ? 0.208   -11.346 -0.798  1.00 28.76 ? 36  LYS A N   1 
ATOM   144 C  CA  . LYS A 1 19 ? 0.630   -11.990 0.447   1.00 30.02 ? 36  LYS A CA  1 
ATOM   145 C  C   . LYS A 1 19 ? 0.410   -11.072 1.655   1.00 30.91 ? 36  LYS A C   1 
ATOM   146 O  O   . LYS A 1 19 ? -0.199  -11.480 2.642   1.00 31.13 ? 36  LYS A O   1 
ATOM   147 C  CB  . LYS A 1 19 ? 2.109   -12.417 0.365   1.00 30.19 ? 36  LYS A CB  1 
ATOM   148 C  CG  . LYS A 1 19 ? 2.531   -13.462 1.401   1.00 31.15 ? 36  LYS A CG  1 
ATOM   149 C  CD  . LYS A 1 19 ? 4.028   -13.392 1.732   1.00 32.37 ? 36  LYS A CD  1 
ATOM   150 C  CE  . LYS A 1 19 ? 4.905   -13.750 0.538   1.00 33.61 ? 36  LYS A CE  1 
ATOM   151 N  N   . LEU A 1 20 ? 0.873   -9.825  1.572   1.00 31.87 ? 37  LEU A N   1 
ATOM   152 C  CA  . LEU A 1 20 ? 0.811   -8.941  2.738   1.00 32.68 ? 37  LEU A CA  1 
ATOM   153 C  C   . LEU A 1 20 ? -0.601  -8.384  2.961   1.00 33.12 ? 37  LEU A C   1 
ATOM   154 O  O   . LEU A 1 20 ? -0.984  -8.095  4.093   1.00 33.33 ? 37  LEU A O   1 
ATOM   155 C  CB  . LEU A 1 20 ? 1.905   -7.857  2.681   1.00 32.99 ? 37  LEU A CB  1 
ATOM   156 C  CG  . LEU A 1 20 ? 1.726   -6.458  2.088   1.00 33.03 ? 37  LEU A CG  1 
ATOM   157 C  CD1 . LEU A 1 20 ? 0.771   -5.605  2.908   1.00 33.20 ? 37  LEU A CD1 1 
ATOM   158 C  CD2 . LEU A 1 20 ? 3.088   -5.781  2.009   1.00 32.69 ? 37  LEU A CD2 1 
ATOM   159 N  N   . LEU A 1 21 ? -1.381  -8.276  1.886   1.00 33.50 ? 38  LEU A N   1 
ATOM   160 C  CA  . LEU A 1 21 ? -2.788  -7.870  1.976   1.00 33.85 ? 38  LEU A CA  1 
ATOM   161 C  C   . LEU A 1 21 ? -3.624  -8.909  2.722   1.00 34.23 ? 38  LEU A C   1 
ATOM   162 O  O   . LEU A 1 21 ? -4.514  -8.551  3.500   1.00 34.01 ? 38  LEU A O   1 
ATOM   163 C  CB  . LEU A 1 21 ? -3.377  -7.638  0.577   1.00 33.98 ? 38  LEU A CB  1 
ATOM   164 C  CG  . LEU A 1 21 ? -3.527  -6.208  0.035   1.00 33.88 ? 38  LEU A CG  1 
ATOM   165 C  CD1 . LEU A 1 21 ? -2.463  -5.264  0.539   1.00 34.26 ? 38  LEU A CD1 1 
ATOM   166 C  CD2 . LEU A 1 21 ? -3.547  -6.227  -1.487  1.00 33.40 ? 38  LEU A CD2 1 
ATOM   167 N  N   . LYS A 1 22 ? -3.336  -10.187 2.481   1.00 34.62 ? 39  LYS A N   1 
ATOM   168 C  CA  . LYS A 1 22 ? -4.073  -11.288 3.119   1.00 35.00 ? 39  LYS A CA  1 
ATOM   169 C  C   . LYS A 1 22 ? -3.742  -11.463 4.610   1.00 34.89 ? 39  LYS A C   1 
ATOM   170 O  O   . LYS A 1 22 ? -4.601  -11.884 5.387   1.00 35.05 ? 39  LYS A O   1 
ATOM   171 C  CB  . LYS A 1 22 ? -3.883  -12.604 2.342   1.00 35.14 ? 39  LYS A CB  1 
ATOM   172 C  CG  . LYS A 1 22 ? -4.634  -12.631 1.001   1.00 35.40 ? 39  LYS A CG  1 
ATOM   173 C  CD  . LYS A 1 22 ? -4.566  -13.993 0.321   1.00 35.73 ? 39  LYS A CD  1 
ATOM   174 N  N   . SER A 1 23 ? -2.516  -11.121 5.009   1.00 34.72 ? 40  SER A N   1 
ATOM   175 C  CA  . SER A 1 23 ? -2.135  -11.125 6.431   1.00 34.51 ? 40  SER A CA  1 
ATOM   176 C  C   . SER A 1 23 ? -2.879  -10.055 7.243   1.00 34.21 ? 40  SER A C   1 
ATOM   177 O  O   . SER A 1 23 ? -3.013  -10.164 8.457   1.00 34.10 ? 40  SER A O   1 
ATOM   178 C  CB  . SER A 1 23 ? -0.632  -10.931 6.580   1.00 34.46 ? 40  SER A CB  1 
ATOM   179 O  OG  . SER A 1 23 ? -0.265  -9.598  6.272   1.00 35.01 ? 40  SER A OG  1 
ATOM   180 N  N   . VAL A 1 24 ? -3.356  -9.026  6.557   1.00 34.24 ? 41  VAL A N   1 
ATOM   181 C  CA  . VAL A 1 24 ? -4.151  -7.961  7.165   1.00 34.25 ? 41  VAL A CA  1 
ATOM   182 C  C   . VAL A 1 24 ? -5.648  -8.295  7.167   1.00 34.13 ? 41  VAL A C   1 
ATOM   183 O  O   . VAL A 1 24 ? -6.465  -7.504  7.641   1.00 34.42 ? 41  VAL A O   1 
ATOM   184 C  CB  . VAL A 1 24 ? -3.896  -6.622  6.420   1.00 34.28 ? 41  VAL A CB  1 
ATOM   185 C  CG1 . VAL A 1 24 ? -4.888  -5.549  6.837   1.00 34.98 ? 41  VAL A CG1 1 
ATOM   186 C  CG2 . VAL A 1 24 ? -2.475  -6.168  6.678   1.00 34.71 ? 41  VAL A CG2 1 
ATOM   187 N  N   . GLY A 1 25 ? -6.003  -9.460  6.630   1.00 34.22 ? 42  GLY A N   1 
ATOM   188 C  CA  . GLY A 1 25 ? -7.386  -9.914  6.622   1.00 34.26 ? 42  GLY A CA  1 
ATOM   189 C  C   . GLY A 1 25 ? -8.197  -9.520  5.408   1.00 34.61 ? 42  GLY A C   1 
ATOM   190 O  O   . GLY A 1 25 ? -9.432  -9.603  5.429   1.00 34.97 ? 42  GLY A O   1 
ATOM   191 N  N   . ALA A 1 26 ? -7.519  -9.071  4.352   1.00 34.88 ? 43  ALA A N   1 
ATOM   192 C  CA  . ALA A 1 26 ? -8.114  -9.053  3.025   1.00 35.23 ? 43  ALA A CA  1 
ATOM   193 C  C   . ALA A 1 26 ? -8.094  -10.511 2.577   1.00 35.68 ? 43  ALA A C   1 
ATOM   194 O  O   . ALA A 1 26 ? -7.087  -11.190 2.731   1.00 36.05 ? 43  ALA A O   1 
ATOM   195 C  CB  . ALA A 1 26 ? -7.311  -8.180  2.073   1.00 35.02 ? 43  ALA A CB  1 
ATOM   196 N  N   . GLN A 1 27 ? -9.209  -11.013 2.069   1.00 36.17 ? 44  GLN A N   1 
ATOM   197 C  CA  . GLN A 1 27 ? -9.296  -12.428 1.701   1.00 36.44 ? 44  GLN A CA  1 
ATOM   198 C  C   . GLN A 1 27 ? -9.175  -12.629 0.194   1.00 36.43 ? 44  GLN A C   1 
ATOM   199 O  O   . GLN A 1 27 ? -8.748  -13.694 -0.258  1.00 36.69 ? 44  GLN A O   1 
ATOM   200 C  CB  . GLN A 1 27 ? -10.612 -13.023 2.213   1.00 36.71 ? 44  GLN A CB  1 
ATOM   201 N  N   . LYS A 1 28 ? -9.510  -11.587 -0.568  1.00 36.29 ? 45  LYS A N   1 
ATOM   202 C  CA  . LYS A 1 28 ? -9.759  -11.706 -2.008  1.00 35.96 ? 45  LYS A CA  1 
ATOM   203 C  C   . LYS A 1 28 ? -8.549  -11.401 -2.887  1.00 35.21 ? 45  LYS A C   1 
ATOM   204 O  O   . LYS A 1 28 ? -7.493  -10.997 -2.394  1.00 35.10 ? 45  LYS A O   1 
ATOM   205 C  CB  . LYS A 1 28 ? -10.962 -10.842 -2.410  1.00 36.29 ? 45  LYS A CB  1 
ATOM   206 C  CG  . LYS A 1 28 ? -10.867 -9.351  -2.133  1.00 36.85 ? 45  LYS A CG  1 
ATOM   207 C  CD  . LYS A 1 28 ? -12.267 -8.762  -2.092  1.00 37.79 ? 45  LYS A CD  1 
ATOM   208 C  CE  . LYS A 1 28 ? -12.266 -7.257  -2.152  1.00 38.12 ? 45  LYS A CE  1 
ATOM   209 N  NZ  . LYS A 1 28 ? -13.653 -6.744  -2.303  1.00 38.50 ? 45  LYS A NZ  1 
ATOM   210 N  N   . ASP A 1 29 ? -8.707  -11.645 -4.187  1.00 34.29 ? 46  ASP A N   1 
ATOM   211 C  CA  . ASP A 1 29 ? -7.620  -11.489 -5.156  1.00 33.62 ? 46  ASP A CA  1 
ATOM   212 C  C   . ASP A 1 29 ? -7.770  -10.256 -6.054  1.00 32.73 ? 46  ASP A C   1 
ATOM   213 O  O   . ASP A 1 29 ? -6.795  -9.825  -6.673  1.00 32.94 ? 46  ASP A O   1 
ATOM   214 C  CB  . ASP A 1 29 ? -7.507  -12.750 -6.027  1.00 33.87 ? 46  ASP A CB  1 
ATOM   215 C  CG  . ASP A 1 29 ? -6.906  -13.942 -5.280  1.00 34.86 ? 46  ASP A CG  1 
ATOM   216 O  OD1 . ASP A 1 29 ? -6.424  -14.872 -5.964  1.00 37.27 ? 46  ASP A OD1 1 
ATOM   217 O  OD2 . ASP A 1 29 ? -6.907  -13.961 -4.030  1.00 36.24 ? 46  ASP A OD2 1 
ATOM   218 N  N   . THR A 1 30 ? -8.981  -9.701  -6.124  1.00 31.87 ? 47  THR A N   1 
ATOM   219 C  CA  . THR A 1 30 ? -9.275  -8.524  -6.942  1.00 31.30 ? 47  THR A CA  1 
ATOM   220 C  C   . THR A 1 30 ? -9.889  -7.405  -6.092  1.00 30.50 ? 47  THR A C   1 
ATOM   221 O  O   . THR A 1 30 ? -10.852 -7.641  -5.363  1.00 30.56 ? 47  THR A O   1 
ATOM   222 C  CB  . THR A 1 30 ? -10.242 -8.894  -8.064  1.00 31.36 ? 47  THR A CB  1 
ATOM   223 O  OG1 . THR A 1 30 ? -9.641  -9.912  -8.872  1.00 32.45 ? 47  THR A OG1 1 
ATOM   224 C  CG2 . THR A 1 30 ? -10.568 -7.686  -8.933  1.00 31.66 ? 47  THR A CG2 1 
ATOM   225 N  N   . TYR A 1 31 ? -9.341  -6.193  -6.217  1.00 29.19 ? 48  TYR A N   1 
ATOM   226 C  CA  . TYR A 1 31 ? -9.682  -5.058  -5.358  1.00 28.19 ? 48  TYR A CA  1 
ATOM   227 C  C   . TYR A 1 31 ? -9.893  -3.799  -6.172  1.00 27.24 ? 48  TYR A C   1 
ATOM   228 O  O   . TYR A 1 31 ? -9.469  -3.719  -7.316  1.00 27.10 ? 48  TYR A O   1 
ATOM   229 C  CB  . TYR A 1 31 ? -8.528  -4.772  -4.389  1.00 28.20 ? 48  TYR A CB  1 
ATOM   230 C  CG  . TYR A 1 31 ? -8.145  -5.927  -3.495  1.00 28.57 ? 48  TYR A CG  1 
ATOM   231 C  CD1 . TYR A 1 31 ? -7.337  -6.958  -3.962  1.00 28.11 ? 48  TYR A CD1 1 
ATOM   232 C  CD2 . TYR A 1 31 ? -8.587  -5.982  -2.178  1.00 29.50 ? 48  TYR A CD2 1 
ATOM   233 C  CE1 . TYR A 1 31 ? -6.984  -8.021  -3.146  1.00 29.06 ? 48  TYR A CE1 1 
ATOM   234 C  CE2 . TYR A 1 31 ? -8.239  -7.041  -1.352  1.00 29.96 ? 48  TYR A CE2 1 
ATOM   235 C  CZ  . TYR A 1 31 ? -7.439  -8.060  -1.840  1.00 29.84 ? 48  TYR A CZ  1 
ATOM   236 O  OH  . TYR A 1 31 ? -7.091  -9.110  -1.022  1.00 30.73 ? 48  TYR A OH  1 
ATOM   237 N  N   . THR A 1 32 ? -10.543 -2.807  -5.569  1.00 26.23 ? 49  THR A N   1 
ATOM   238 C  CA  . THR A 1 32 ? -10.445 -1.435  -6.046  1.00 25.38 ? 49  THR A CA  1 
ATOM   239 C  C   . THR A 1 32 ? -9.188  -0.849  -5.412  1.00 24.45 ? 49  THR A C   1 
ATOM   240 O  O   . THR A 1 32 ? -8.716  -1.355  -4.398  1.00 23.80 ? 49  THR A O   1 
ATOM   241 C  CB  . THR A 1 32 ? -11.658 -0.570  -5.657  1.00 25.47 ? 49  THR A CB  1 
ATOM   242 O  OG1 . THR A 1 32 ? -11.758 -0.490  -4.235  1.00 25.34 ? 49  THR A OG1 1 
ATOM   243 C  CG2 . THR A 1 32 ? -12.950 -1.144  -6.226  1.00 25.70 ? 49  THR A CG2 1 
ATOM   244 N  N   . MET A 1 33 ? -8.638  0.205   -6.003  1.00 23.61 ? 50  MET A N   1 
ATOM   245 C  CA  . MET A 1 33 ? -7.460  0.849   -5.426  1.00 22.93 ? 50  MET A CA  1 
ATOM   246 C  C   . MET A 1 33 ? -7.764  1.369   -4.017  1.00 22.40 ? 50  MET A C   1 
ATOM   247 O  O   . MET A 1 33 ? -6.933  1.252   -3.122  1.00 21.87 ? 50  MET A O   1 
ATOM   248 C  CB  . MET A 1 33 ? -6.944  1.976   -6.321  1.00 22.68 ? 50  MET A CB  1 
ATOM   249 C  CG  . MET A 1 33 ? -6.136  1.474   -7.497  1.00 22.13 ? 50  MET A CG  1 
ATOM   250 S  SD  . MET A 1 33 ? -4.570  0.743   -7.012  1.00 22.47 ? 50  MET A SD  1 
ATOM   251 C  CE  . MET A 1 33 ? -3.624  2.183   -6.518  1.00 22.24 ? 50  MET A CE  1 
ATOM   252 N  N   . LYS A 1 34 ? -8.967  1.916   -3.829  1.00 22.17 ? 51  LYS A N   1 
ATOM   253 C  CA  . LYS A 1 34 ? -9.406  2.378   -2.514  1.00 22.14 ? 51  LYS A CA  1 
ATOM   254 C  C   . LYS A 1 34 ? -9.282  1.281   -1.451  1.00 21.92 ? 51  LYS A C   1 
ATOM   255 O  O   . LYS A 1 34 ? -8.876  1.553   -0.317  1.00 22.17 ? 51  LYS A O   1 
ATOM   256 C  CB  . LYS A 1 34 ? -10.855 2.877   -2.577  1.00 22.23 ? 51  LYS A CB  1 
ATOM   257 C  CG  . LYS A 1 34 ? -11.408 3.286   -1.228  1.00 23.43 ? 51  LYS A CG  1 
ATOM   258 N  N   . GLU A 1 35 ? -9.634  0.051   -1.821  1.00 21.76 ? 52  GLU A N   1 
ATOM   259 C  CA  . GLU A 1 35 ? -9.507  -1.095  -0.931  1.00 21.64 ? 52  GLU A CA  1 
ATOM   260 C  C   . GLU A 1 35 ? -8.052  -1.450  -0.673  1.00 21.06 ? 52  GLU A C   1 
ATOM   261 O  O   . GLU A 1 35 ? -7.682  -1.734  0.456   1.00 21.15 ? 52  GLU A O   1 
ATOM   262 C  CB  . GLU A 1 35 ? -10.218 -2.317  -1.494  1.00 22.14 ? 52  GLU A CB  1 
ATOM   263 C  CG  . GLU A 1 35 ? -11.734 -2.223  -1.509  1.00 23.41 ? 52  GLU A CG  1 
ATOM   264 C  CD  . GLU A 1 35 ? -12.352 -3.463  -2.098  1.00 25.64 ? 52  GLU A CD  1 
ATOM   265 O  OE1 . GLU A 1 35 ? -12.020 -3.798  -3.248  1.00 25.64 ? 52  GLU A OE1 1 
ATOM   266 O  OE2 . GLU A 1 35 ? -13.155 -4.124  -1.406  1.00 28.34 ? 52  GLU A OE2 1 
ATOM   267 N  N   . VAL A 1 36 ? -7.225  -1.439  -1.717  1.00 20.05 ? 53  VAL A N   1 
ATOM   268 C  CA  . VAL A 1 36 ? -5.800  -1.736  -1.530  1.00 19.41 ? 53  VAL A CA  1 
ATOM   269 C  C   . VAL A 1 36 ? -5.173  -0.745  -0.542  1.00 19.47 ? 53  VAL A C   1 
ATOM   270 O  O   . VAL A 1 36 ? -4.395  -1.125  0.337   1.00 18.86 ? 53  VAL A O   1 
ATOM   271 C  CB  . VAL A 1 36 ? -5.016  -1.720  -2.870  1.00 19.04 ? 53  VAL A CB  1 
ATOM   272 C  CG1 . VAL A 1 36 ? -3.513  -1.822  -2.606  1.00 18.22 ? 53  VAL A CG1 1 
ATOM   273 C  CG2 . VAL A 1 36 ? -5.465  -2.860  -3.769  1.00 19.02 ? 53  VAL A CG2 1 
ATOM   274 N  N   . LEU A 1 37 ? -5.510  0.528   -0.697  1.00 19.53 ? 54  LEU A N   1 
ATOM   275 C  CA  . LEU A 1 37 ? -4.971  1.552   0.182   1.00 19.89 ? 54  LEU A CA  1 
ATOM   276 C  C   . LEU A 1 37 ? -5.461  1.427   1.610   1.00 20.00 ? 54  LEU A C   1 
ATOM   277 O  O   . LEU A 1 37 ? -4.680  1.627   2.532   1.00 19.47 ? 54  LEU A O   1 
ATOM   278 C  CB  . LEU A 1 37 ? -5.209  2.939   -0.387  1.00 20.08 ? 54  LEU A CB  1 
ATOM   279 C  CG  . LEU A 1 37 ? -3.990  3.227   -1.267  1.00 21.13 ? 54  LEU A CG  1 
ATOM   280 C  CD1 . LEU A 1 37 ? -4.354  3.397   -2.721  1.00 21.17 ? 54  LEU A CD1 1 
ATOM   281 C  CD2 . LEU A 1 37 ? -3.162  4.376   -0.727  1.00 21.42 ? 54  LEU A CD2 1 
ATOM   282 N  N   . PHE A 1 38 ? -6.728  1.073   1.798   1.00 20.27 ? 55  PHE A N   1 
ATOM   283 C  CA  . PHE A 1 38 ? -7.237  0.812   3.147   1.00 20.45 ? 55  PHE A CA  1 
ATOM   284 C  C   . PHE A 1 38 ? -6.416  -0.278  3.833   1.00 20.96 ? 55  PHE A C   1 
ATOM   285 O  O   . PHE A 1 38 ? -5.894  -0.070  4.925   1.00 20.71 ? 55  PHE A O   1 
ATOM   286 C  CB  . PHE A 1 38 ? -8.722  0.419   3.126   1.00 20.03 ? 55  PHE A CB  1 
ATOM   287 C  CG  . PHE A 1 38 ? -9.229  -0.056  4.457   1.00 19.41 ? 55  PHE A CG  1 
ATOM   288 C  CD1 . PHE A 1 38 ? -9.474  0.851   5.482   1.00 19.43 ? 55  PHE A CD1 1 
ATOM   289 C  CD2 . PHE A 1 38 ? -9.427  -1.410  4.700   1.00 18.95 ? 55  PHE A CD2 1 
ATOM   290 C  CE1 . PHE A 1 38 ? -9.922  0.415   6.729   1.00 18.92 ? 55  PHE A CE1 1 
ATOM   291 C  CE2 . PHE A 1 38 ? -9.873  -1.851  5.943   1.00 19.86 ? 55  PHE A CE2 1 
ATOM   292 C  CZ  . PHE A 1 38 ? -10.126 -0.936  6.955   1.00 19.13 ? 55  PHE A CZ  1 
ATOM   293 N  N   . TYR A 1 39 ? -6.284  -1.427  3.174   1.00 21.79 ? 56  TYR A N   1 
ATOM   294 C  CA  . TYR A 1 39 ? -5.598  -2.574  3.764   1.00 22.48 ? 56  TYR A CA  1 
ATOM   295 C  C   . TYR A 1 39 ? -4.099  -2.351  3.952   1.00 22.50 ? 56  TYR A C   1 
ATOM   296 O  O   . TYR A 1 39 ? -3.523  -2.876  4.891   1.00 22.38 ? 56  TYR A O   1 
ATOM   297 C  CB  . TYR A 1 39 ? -5.874  -3.857  2.972   1.00 23.07 ? 56  TYR A CB  1 
ATOM   298 C  CG  . TYR A 1 39 ? -7.318  -4.331  3.089   1.00 25.66 ? 56  TYR A CG  1 
ATOM   299 C  CD1 . TYR A 1 39 ? -7.817  -4.816  4.300   1.00 27.79 ? 56  TYR A CD1 1 
ATOM   300 C  CD2 . TYR A 1 39 ? -8.181  -4.287  1.998   1.00 27.72 ? 56  TYR A CD2 1 
ATOM   301 C  CE1 . TYR A 1 39 ? -9.139  -5.237  4.418   1.00 29.09 ? 56  TYR A CE1 1 
ATOM   302 C  CE2 . TYR A 1 39 ? -9.504  -4.704  2.104   1.00 28.85 ? 56  TYR A CE2 1 
ATOM   303 C  CZ  . TYR A 1 39 ? -9.976  -5.180  3.313   1.00 29.98 ? 56  TYR A CZ  1 
ATOM   304 O  OH  . TYR A 1 39 ? -11.284 -5.598  3.421   1.00 30.91 ? 56  TYR A OH  1 
ATOM   305 N  N   . LEU A 1 40 ? -3.471  -1.573  3.071   1.00 22.51 ? 57  LEU A N   1 
ATOM   306 C  CA  . LEU A 1 40 ? -2.067  -1.172  3.265   1.00 22.72 ? 57  LEU A CA  1 
ATOM   307 C  C   . LEU A 1 40 ? -1.897  -0.327  4.536   1.00 22.61 ? 57  LEU A C   1 
ATOM   308 O  O   . LEU A 1 40 ? -0.931  -0.506  5.288   1.00 21.88 ? 57  LEU A O   1 
ATOM   309 C  CB  . LEU A 1 40 ? -1.535  -0.397  2.041   1.00 22.90 ? 57  LEU A CB  1 
ATOM   310 C  CG  . LEU A 1 40 ? -0.511  -1.063  1.107   1.00 23.69 ? 57  LEU A CG  1 
ATOM   311 C  CD1 . LEU A 1 40 ? -0.515  -2.562  1.205   1.00 24.26 ? 57  LEU A CD1 1 
ATOM   312 C  CD2 . LEU A 1 40 ? -0.695  -0.596  -0.351  1.00 22.90 ? 57  LEU A CD2 1 
ATOM   313 N  N   . GLY A 1 41 ? -2.830  0.592   4.762   1.00 22.80 ? 58  GLY A N   1 
ATOM   314 C  CA  . GLY A 1 41 ? -2.849  1.389   5.984   1.00 23.19 ? 58  GLY A CA  1 
ATOM   315 C  C   . GLY A 1 41 ? -2.982  0.515   7.218   1.00 23.74 ? 58  GLY A C   1 
ATOM   316 O  O   . GLY A 1 41 ? -2.332  0.760   8.227   1.00 23.81 ? 58  GLY A O   1 
ATOM   317 N  N   . GLN A 1 42 ? -3.816  -0.520  7.126   1.00 24.27 ? 59  GLN A N   1 
ATOM   318 C  CA  . GLN A 1 42 ? -4.029  -1.448  8.237   1.00 24.63 ? 59  GLN A CA  1 
ATOM   319 C  C   . GLN A 1 42 ? -2.790  -2.311  8.458   1.00 23.89 ? 59  GLN A C   1 
ATOM   320 O  O   . GLN A 1 42 ? -2.440  -2.603  9.588   1.00 24.05 ? 59  GLN A O   1 
ATOM   321 C  CB  . GLN A 1 42 ? -5.281  -2.312  8.000   1.00 25.12 ? 59  GLN A CB  1 
ATOM   322 C  CG  . GLN A 1 42 ? -6.592  -1.508  7.838   1.00 26.62 ? 59  GLN A CG  1 
ATOM   323 C  CD  . GLN A 1 42 ? -7.040  -0.804  9.120   1.00 28.28 ? 59  GLN A CD  1 
ATOM   324 O  OE1 . GLN A 1 42 ? -7.366  -1.460  10.104  1.00 30.92 ? 59  GLN A OE1 1 
ATOM   325 N  NE2 . GLN A 1 42 ? -7.081  0.534   9.102   1.00 28.06 ? 59  GLN A NE2 1 
ATOM   326 N  N   . TYR A 1 43 ? -2.108  -2.692  7.380   1.00 23.07 ? 60  TYR A N   1 
ATOM   327 C  CA  . TYR A 1 43 ? -0.822  -3.389  7.488   1.00 22.52 ? 60  TYR A CA  1 
ATOM   328 C  C   . TYR A 1 43 ? 0.231   -2.553  8.223   1.00 22.36 ? 60  TYR A C   1 
ATOM   329 O  O   . TYR A 1 43 ? 0.921   -3.048  9.121   1.00 22.46 ? 60  TYR A O   1 
ATOM   330 C  CB  . TYR A 1 43 ? -0.291  -3.740  6.096   1.00 22.42 ? 60  TYR A CB  1 
ATOM   331 C  CG  . TYR A 1 43 ? 1.052   -4.426  6.105   1.00 21.58 ? 60  TYR A CG  1 
ATOM   332 C  CD1 . TYR A 1 43 ? 1.151   -5.798  6.290   1.00 21.54 ? 60  TYR A CD1 1 
ATOM   333 C  CD2 . TYR A 1 43 ? 2.225   -3.700  5.921   1.00 21.15 ? 60  TYR A CD2 1 
ATOM   334 C  CE1 . TYR A 1 43 ? 2.387   -6.430  6.297   1.00 21.16 ? 60  TYR A CE1 1 
ATOM   335 C  CE2 . TYR A 1 43 ? 3.462   -4.321  5.934   1.00 20.82 ? 60  TYR A CE2 1 
ATOM   336 C  CZ  . TYR A 1 43 ? 3.537   -5.686  6.111   1.00 21.09 ? 60  TYR A CZ  1 
ATOM   337 O  OH  . TYR A 1 43 ? 4.766   -6.299  6.124   1.00 20.81 ? 60  TYR A OH  1 
ATOM   338 N  N   . ILE A 1 44 ? 0.367   -1.294  7.816   1.00 21.96 ? 61  ILE A N   1 
ATOM   339 C  CA  . ILE A 1 44 ? 1.344   -0.381  8.406   1.00 21.72 ? 61  ILE A CA  1 
ATOM   340 C  C   . ILE A 1 44 ? 1.105   -0.256  9.909   1.00 22.17 ? 61  ILE A C   1 
ATOM   341 O  O   . ILE A 1 44 ? 2.052   -0.257  10.691  1.00 21.88 ? 61  ILE A O   1 
ATOM   342 C  CB  . ILE A 1 44 ? 1.305   1.014   7.715   1.00 21.43 ? 61  ILE A CB  1 
ATOM   343 C  CG1 . ILE A 1 44 ? 1.871   0.915   6.291   1.00 20.57 ? 61  ILE A CG1 1 
ATOM   344 C  CG2 . ILE A 1 44 ? 2.091   2.061   8.510   1.00 21.41 ? 61  ILE A CG2 1 
ATOM   345 C  CD1 . ILE A 1 44 ? 1.520   2.083   5.393   1.00 19.16 ? 61  ILE A CD1 1 
ATOM   346 N  N   . MET A 1 45 ? -0.162  -0.177  10.299  1.00 22.97 ? 62  MET A N   1 
ATOM   347 C  CA  . MET A 1 45 ? -0.533  -0.119  11.717  1.00 24.09 ? 62  MET A CA  1 
ATOM   348 C  C   . MET A 1 45 ? -0.151  -1.394  12.449  1.00 24.84 ? 62  MET A C   1 
ATOM   349 O  O   . MET A 1 45 ? 0.533   -1.347  13.477  1.00 25.58 ? 62  MET A O   1 
ATOM   350 C  CB  . MET A 1 45 ? -2.029  0.127   11.865  1.00 24.43 ? 62  MET A CB  1 
ATOM   351 C  CG  . MET A 1 45 ? -2.416  1.555   11.647  1.00 26.14 ? 62  MET A CG  1 
ATOM   352 S  SD  . MET A 1 45 ? -4.177  1.712   11.356  1.00 31.82 ? 62  MET A SD  1 
ATOM   353 C  CE  . MET A 1 45 ? -4.321  3.489   11.113  1.00 31.23 ? 62  MET A CE  1 
ATOM   354 N  N   . THR A 1 46 ? -0.573  -2.531  11.910  1.00 25.73 ? 63  THR A N   1 
ATOM   355 C  CA  . THR A 1 46 ? -0.279  -3.822  12.520  1.00 26.11 ? 63  THR A CA  1 
ATOM   356 C  C   . THR A 1 46 ? 1.218   -4.007  12.757  1.00 26.25 ? 63  THR A C   1 
ATOM   357 O  O   . THR A 1 46 ? 1.625   -4.489  13.809  1.00 26.28 ? 63  THR A O   1 
ATOM   358 C  CB  . THR A 1 46 ? -0.810  -4.986  11.661  1.00 26.34 ? 63  THR A CB  1 
ATOM   359 O  OG1 . THR A 1 46 ? -2.244  -4.919  11.593  1.00 27.11 ? 63  THR A OG1 1 
ATOM   360 C  CG2 . THR A 1 46 ? -0.404  -6.318  12.260  1.00 26.93 ? 63  THR A CG2 1 
ATOM   361 N  N   . LYS A 1 47 ? 2.034   -3.613  11.784  1.00 26.25 ? 64  LYS A N   1 
ATOM   362 C  CA  . LYS A 1 47 ? 3.476   -3.822  11.874  1.00 26.44 ? 64  LYS A CA  1 
ATOM   363 C  C   . LYS A 1 47 ? 4.234   -2.656  12.511  1.00 25.78 ? 64  LYS A C   1 
ATOM   364 O  O   . LYS A 1 47 ? 5.460   -2.709  12.644  1.00 25.52 ? 64  LYS A O   1 
ATOM   365 C  CB  . LYS A 1 47 ? 4.031   -4.162  10.496  1.00 26.85 ? 64  LYS A CB  1 
ATOM   366 C  CG  . LYS A 1 47 ? 3.443   -5.457  9.958   1.00 28.39 ? 64  LYS A CG  1 
ATOM   367 C  CD  . LYS A 1 47 ? 4.444   -6.235  9.154   1.00 30.75 ? 64  LYS A CD  1 
ATOM   368 C  CE  . LYS A 1 47 ? 5.443   -6.975  10.013  1.00 31.65 ? 64  LYS A CE  1 
ATOM   369 N  NZ  . LYS A 1 47 ? 6.510   -7.560  9.152   1.00 32.31 ? 64  LYS A NZ  1 
ATOM   370 N  N   . ARG A 1 48 ? 3.494   -1.628  12.920  1.00 25.33 ? 65  ARG A N   1 
ATOM   371 C  CA  . ARG A 1 48 ? 4.040   -0.456  13.602  1.00 25.18 ? 65  ARG A CA  1 
ATOM   372 C  C   . ARG A 1 48 ? 5.125   0.245   12.785  1.00 23.81 ? 65  ARG A C   1 
ATOM   373 O  O   . ARG A 1 48 ? 6.177   0.607   13.308  1.00 23.61 ? 65  ARG A O   1 
ATOM   374 C  CB  . ARG A 1 48 ? 4.550   -0.831  15.003  1.00 25.92 ? 65  ARG A CB  1 
ATOM   375 C  CG  . ARG A 1 48 ? 3.492   -1.538  15.854  1.00 28.00 ? 65  ARG A CG  1 
ATOM   376 C  CD  . ARG A 1 48 ? 3.588   -1.191  17.343  1.00 30.73 ? 65  ARG A CD  1 
ATOM   377 N  NE  . ARG A 1 48 ? 4.844   -1.625  17.947  1.00 32.47 ? 65  ARG A NE  1 
ATOM   378 N  N   . LEU A 1 49 ? 4.853   0.427   11.492  1.00 22.08 ? 66  LEU A N   1 
ATOM   379 C  CA  . LEU A 1 49 ? 5.805   1.052   10.575  1.00 20.72 ? 66  LEU A CA  1 
ATOM   380 C  C   . LEU A 1 49 ? 5.647   2.572   10.502  1.00 19.81 ? 66  LEU A C   1 
ATOM   381 O  O   . LEU A 1 49 ? 6.547   3.255   10.018  1.00 19.97 ? 66  LEU A O   1 
ATOM   382 C  CB  . LEU A 1 49 ? 5.676   0.452   9.165   1.00 20.26 ? 66  LEU A CB  1 
ATOM   383 C  CG  . LEU A 1 49 ? 5.764   -1.073  9.085   1.00 18.75 ? 66  LEU A CG  1 
ATOM   384 C  CD1 . LEU A 1 49 ? 5.507   -1.567  7.664   1.00 17.71 ? 66  LEU A CD1 1 
ATOM   385 C  CD2 . LEU A 1 49 ? 7.116   -1.563  9.584   1.00 17.76 ? 66  LEU A CD2 1 
ATOM   386 N  N   . TYR A 1 50 ? 4.515   3.108   10.962  1.00 19.03 ? 67  TYR A N   1 
ATOM   387 C  CA  . TYR A 1 50 ? 4.355   4.559   11.007  1.00 18.49 ? 67  TYR A CA  1 
ATOM   388 C  C   . TYR A 1 50 ? 5.222   5.178   12.115  1.00 18.24 ? 67  TYR A C   1 
ATOM   389 O  O   . TYR A 1 50 ? 5.341   4.620   13.202  1.00 18.62 ? 67  TYR A O   1 
ATOM   390 C  CB  . TYR A 1 50 ? 2.883   4.979   11.176  1.00 18.32 ? 67  TYR A CB  1 
ATOM   391 C  CG  . TYR A 1 50 ? 2.723   6.485   11.156  1.00 17.38 ? 67  TYR A CG  1 
ATOM   392 C  CD1 . TYR A 1 50 ? 2.982   7.213   10.000  1.00 17.24 ? 67  TYR A CD1 1 
ATOM   393 C  CD2 . TYR A 1 50 ? 2.339   7.185   12.297  1.00 17.10 ? 67  TYR A CD2 1 
ATOM   394 C  CE1 . TYR A 1 50 ? 2.864   8.595   9.977   1.00 16.57 ? 67  TYR A CE1 1 
ATOM   395 C  CE2 . TYR A 1 50 ? 2.219   8.567   12.283  1.00 16.06 ? 67  TYR A CE2 1 
ATOM   396 C  CZ  . TYR A 1 50 ? 2.481   9.268   11.121  1.00 16.58 ? 67  TYR A CZ  1 
ATOM   397 O  OH  . TYR A 1 50 ? 2.364   10.640  11.096  1.00 17.64 ? 67  TYR A OH  1 
ATOM   398 N  N   . ASP A 1 51 ? 5.814   6.332   11.814  1.00 17.59 ? 68  ASP A N   1 
ATOM   399 C  CA  . ASP A 1 51 ? 6.668   7.080   12.749  1.00 17.09 ? 68  ASP A CA  1 
ATOM   400 C  C   . ASP A 1 51 ? 5.984   7.319   14.100  1.00 17.02 ? 68  ASP A C   1 
ATOM   401 O  O   . ASP A 1 51 ? 4.943   7.962   14.186  1.00 16.33 ? 68  ASP A O   1 
ATOM   402 C  CB  . ASP A 1 51 ? 7.044   8.424   12.124  1.00 17.23 ? 68  ASP A CB  1 
ATOM   403 C  CG  . ASP A 1 51 ? 7.975   9.257   12.997  1.00 16.48 ? 68  ASP A CG  1 
ATOM   404 O  OD1 . ASP A 1 51 ? 8.715   8.699   13.847  1.00 16.96 ? 68  ASP A OD1 1 
ATOM   405 O  OD2 . ASP A 1 51 ? 7.977   10.486  12.801  1.00 16.02 ? 68  ASP A OD2 1 
ATOM   406 N  N   . GLU A 1 52 ? 6.586   6.801   15.155  1.00 16.88 ? 69  GLU A N   1 
ATOM   407 C  CA  . GLU A 1 52 ? 6.083   7.020   16.509  1.00 17.56 ? 69  GLU A CA  1 
ATOM   408 C  C   . GLU A 1 52 ? 6.070   8.502   16.893  1.00 17.12 ? 69  GLU A C   1 
ATOM   409 O  O   . GLU A 1 52 ? 5.305   8.915   17.772  1.00 17.43 ? 69  GLU A O   1 
ATOM   410 C  CB  . GLU A 1 52 ? 6.953   6.239   17.482  1.00 18.04 ? 69  GLU A CB  1 
ATOM   411 C  CG  . GLU A 1 52 ? 6.400   6.113   18.863  1.00 20.41 ? 69  GLU A CG  1 
ATOM   412 C  CD  . GLU A 1 52 ? 7.137   5.061   19.661  1.00 23.70 ? 69  GLU A CD  1 
ATOM   413 O  OE1 . GLU A 1 52 ? 6.465   4.167   20.212  1.00 26.78 ? 69  GLU A OE1 1 
ATOM   414 O  OE2 . GLU A 1 52 ? 8.392   5.124   19.715  1.00 25.34 ? 69  GLU A OE2 1 
ATOM   415 N  N   . LYS A 1 53 ? 6.930   9.292   16.252  1.00 16.87 ? 70  LYS A N   1 
ATOM   416 C  CA  . LYS A 1 53 ? 7.033   10.734  16.495  1.00 16.95 ? 70  LYS A CA  1 
ATOM   417 C  C   . LYS A 1 53 ? 6.107   11.554  15.604  1.00 16.76 ? 70  LYS A C   1 
ATOM   418 O  O   . LYS A 1 53 ? 6.214   12.781  15.570  1.00 16.52 ? 70  LYS A O   1 
ATOM   419 C  CB  . LYS A 1 53 ? 8.474   11.218  16.322  1.00 17.27 ? 70  LYS A CB  1 
ATOM   420 C  CG  . LYS A 1 53 ? 9.486   10.542  17.214  1.00 18.05 ? 70  LYS A CG  1 
ATOM   421 C  CD  . LYS A 1 53 ? 10.889  11.081  16.975  1.00 19.41 ? 70  LYS A CD  1 
ATOM   422 C  CE  . LYS A 1 53 ? 11.855  10.600  18.031  1.00 20.64 ? 70  LYS A CE  1 
ATOM   423 N  NZ  . LYS A 1 53 ? 11.904  9.126   18.082  1.00 22.31 ? 70  LYS A NZ  1 
ATOM   424 N  N   . GLN A 1 54 ? 5.226   10.878  14.865  1.00 16.41 ? 71  GLN A N   1 
ATOM   425 C  CA  . GLN A 1 54 ? 4.081   11.516  14.194  1.00 16.85 ? 71  GLN A CA  1 
ATOM   426 C  C   . GLN A 1 54 ? 4.463   12.520  13.089  1.00 16.86 ? 71  GLN A C   1 
ATOM   427 O  O   . GLN A 1 54 ? 3.734   13.478  12.825  1.00 17.39 ? 71  GLN A O   1 
ATOM   428 C  CB  . GLN A 1 54 ? 3.174   12.198  15.235  1.00 16.95 ? 71  GLN A CB  1 
ATOM   429 C  CG  . GLN A 1 54 ? 2.800   11.318  16.434  1.00 17.16 ? 71  GLN A CG  1 
ATOM   430 C  CD  . GLN A 1 54 ? 2.035   10.065  16.028  1.00 17.53 ? 71  GLN A CD  1 
ATOM   431 O  OE1 . GLN A 1 54 ? 1.027   10.138  15.318  1.00 16.60 ? 71  GLN A OE1 1 
ATOM   432 N  NE2 . GLN A 1 54 ? 2.510   8.911   16.476  1.00 18.50 ? 71  GLN A NE2 1 
ATOM   433 N  N   . GLN A 1 55 ? 5.586   12.281  12.417  1.00 16.72 ? 72  GLN A N   1 
ATOM   434 C  CA  . GLN A 1 55 ? 6.091   13.218  11.420  1.00 16.58 ? 72  GLN A CA  1 
ATOM   435 C  C   . GLN A 1 55 ? 5.681   12.834  9.991   1.00 17.19 ? 72  GLN A C   1 
ATOM   436 O  O   . GLN A 1 55 ? 6.340   13.220  9.041   1.00 17.36 ? 72  GLN A O   1 
ATOM   437 C  CB  . GLN A 1 55 ? 7.620   13.338  11.545  1.00 16.34 ? 72  GLN A CB  1 
ATOM   438 C  CG  . GLN A 1 55 ? 8.087   13.736  12.932  1.00 16.94 ? 72  GLN A CG  1 
ATOM   439 C  CD  . GLN A 1 55 ? 7.634   15.124  13.330  1.00 17.03 ? 72  GLN A CD  1 
ATOM   440 O  OE1 . GLN A 1 55 ? 8.052   16.124  12.732  1.00 18.35 ? 72  GLN A OE1 1 
ATOM   441 N  NE2 . GLN A 1 55 ? 6.766   15.199  14.338  1.00 18.12 ? 72  GLN A NE2 1 
ATOM   442 N  N   . HIS A 1 56 ? 4.575   12.098  9.852   1.00 18.04 ? 73  HIS A N   1 
ATOM   443 C  CA  . HIS A 1 56 ? 3.975   11.790  8.536   1.00 18.72 ? 73  HIS A CA  1 
ATOM   444 C  C   . HIS A 1 56 ? 4.890   10.976  7.617   1.00 18.52 ? 73  HIS A C   1 
ATOM   445 O  O   . HIS A 1 56 ? 4.853   11.129  6.393   1.00 18.39 ? 73  HIS A O   1 
ATOM   446 C  CB  . HIS A 1 56 ? 3.506   13.084  7.860   1.00 19.18 ? 73  HIS A CB  1 
ATOM   447 C  CG  . HIS A 1 56 ? 2.643   13.934  8.737   1.00 21.40 ? 73  HIS A CG  1 
ATOM   448 N  ND1 . HIS A 1 56 ? 1.314   13.654  8.966   1.00 23.87 ? 73  HIS A ND1 1 
ATOM   449 C  CD2 . HIS A 1 56 ? 2.923   15.046  9.456   1.00 23.33 ? 73  HIS A CD2 1 
ATOM   450 C  CE1 . HIS A 1 56 ? 0.811   14.559  9.785   1.00 24.38 ? 73  HIS A CE1 1 
ATOM   451 N  NE2 . HIS A 1 56 ? 1.766   15.417  10.094  1.00 25.03 ? 73  HIS A NE2 1 
ATOM   452 N  N   . ILE A 1 57 ? 5.705   10.115  8.226   1.00 18.31 ? 74  ILE A N   1 
ATOM   453 C  CA  . ILE A 1 57 ? 6.639   9.237   7.529   1.00 18.18 ? 74  ILE A CA  1 
ATOM   454 C  C   . ILE A 1 57 ? 6.417   7.794   7.966   1.00 17.59 ? 74  ILE A C   1 
ATOM   455 O  O   . ILE A 1 57 ? 6.247   7.515   9.157   1.00 17.20 ? 74  ILE A O   1 
ATOM   456 C  CB  . ILE A 1 57 ? 8.107   9.604   7.839   1.00 18.72 ? 74  ILE A CB  1 
ATOM   457 C  CG1 . ILE A 1 57 ? 8.402   11.043  7.421   1.00 20.48 ? 74  ILE A CG1 1 
ATOM   458 C  CG2 . ILE A 1 57 ? 9.074   8.662   7.125   1.00 18.92 ? 74  ILE A CG2 1 
ATOM   459 C  CD1 . ILE A 1 57 ? 8.325   11.306  5.918   1.00 22.82 ? 74  ILE A CD1 1 
ATOM   460 N  N   . VAL A 1 58 ? 6.414   6.890   6.985   1.00 16.90 ? 75  VAL A N   1 
ATOM   461 C  CA  . VAL A 1 58 ? 6.423   5.452   7.216   1.00 16.50 ? 75  VAL A CA  1 
ATOM   462 C  C   . VAL A 1 58 ? 7.854   4.937   6.999   1.00 16.83 ? 75  VAL A C   1 
ATOM   463 O  O   . VAL A 1 58 ? 8.442   5.168   5.945   1.00 16.42 ? 75  VAL A O   1 
ATOM   464 C  CB  . VAL A 1 58 ? 5.465   4.733   6.239   1.00 16.50 ? 75  VAL A CB  1 
ATOM   465 C  CG1 . VAL A 1 58 ? 5.616   3.203   6.315   1.00 15.89 ? 75  VAL A CG1 1 
ATOM   466 C  CG2 . VAL A 1 58 ? 4.028   5.152   6.513   1.00 15.57 ? 75  VAL A CG2 1 
ATOM   467 N  N   . TYR A 1 59 ? 8.399   4.259   8.004   1.00 16.88 ? 76  TYR A N   1 
ATOM   468 C  CA  . TYR A 1 59 ? 9.726   3.644   7.927   1.00 17.09 ? 76  TYR A CA  1 
ATOM   469 C  C   . TYR A 1 59 ? 9.598   2.161   7.561   1.00 17.32 ? 76  TYR A C   1 
ATOM   470 O  O   . TYR A 1 59 ? 9.355   1.306   8.424   1.00 17.63 ? 76  TYR A O   1 
ATOM   471 C  CB  . TYR A 1 59 ? 10.475  3.836   9.258   1.00 17.11 ? 76  TYR A CB  1 
ATOM   472 C  CG  . TYR A 1 59 ? 10.786  5.283   9.582   1.00 17.01 ? 76  TYR A CG  1 
ATOM   473 C  CD1 . TYR A 1 59 ? 11.707  5.995   8.834   1.00 16.64 ? 76  TYR A CD1 1 
ATOM   474 C  CD2 . TYR A 1 59 ? 10.168  5.937   10.650  1.00 17.81 ? 76  TYR A CD2 1 
ATOM   475 C  CE1 . TYR A 1 59 ? 12.000  7.315   9.110   1.00 17.30 ? 76  TYR A CE1 1 
ATOM   476 C  CE2 . TYR A 1 59 ? 10.462  7.265   10.946  1.00 18.35 ? 76  TYR A CE2 1 
ATOM   477 C  CZ  . TYR A 1 59 ? 11.385  7.949   10.173  1.00 17.78 ? 76  TYR A CZ  1 
ATOM   478 O  OH  . TYR A 1 59 ? 11.689  9.266   10.442  1.00 18.89 ? 76  TYR A OH  1 
ATOM   479 N  N   . CYS A 1 60 ? 9.751   1.862   6.272   1.00 17.60 ? 77  CYS A N   1 
ATOM   480 C  CA  . CYS A 1 60 ? 9.463   0.531   5.744   1.00 18.22 ? 77  CYS A CA  1 
ATOM   481 C  C   . CYS A 1 60 ? 10.696  -0.286  5.363   1.00 18.69 ? 77  CYS A C   1 
ATOM   482 O  O   . CYS A 1 60 ? 10.562  -1.421  4.917   1.00 18.92 ? 77  CYS A O   1 
ATOM   483 C  CB  . CYS A 1 60 ? 8.501   0.633   4.548   1.00 18.25 ? 77  CYS A CB  1 
ATOM   484 S  SG  . CYS A 1 60 ? 8.976   1.823   3.267   1.00 17.83 ? 77  CYS A SG  1 
ATOM   485 N  N   . SER A 1 61 ? 11.887  0.269   5.547   1.00 19.43 ? 78  SER A N   1 
ATOM   486 C  CA  . SER A 1 61 ? 13.119  -0.471  5.274   1.00 20.02 ? 78  SER A CA  1 
ATOM   487 C  C   . SER A 1 61 ? 13.138  -1.779  6.048   1.00 19.79 ? 78  SER A C   1 
ATOM   488 O  O   . SER A 1 61 ? 12.709  -1.830  7.191   1.00 19.67 ? 78  SER A O   1 
ATOM   489 C  CB  . SER A 1 61 ? 14.341  0.356   5.652   1.00 20.49 ? 78  SER A CB  1 
ATOM   490 O  OG  . SER A 1 61 ? 14.425  0.500   7.061   1.00 23.30 ? 78  SER A OG  1 
ATOM   491 N  N   . ASN A 1 62 ? 13.619  -2.836  5.409   1.00 20.02 ? 79  ASN A N   1 
ATOM   492 C  CA  . ASN A 1 62 ? 13.772  -4.149  6.047   1.00 20.32 ? 79  ASN A CA  1 
ATOM   493 C  C   . ASN A 1 62 ? 12.451  -4.824  6.414   1.00 20.49 ? 79  ASN A C   1 
ATOM   494 O  O   . ASN A 1 62 ? 12.426  -5.744  7.237   1.00 20.95 ? 79  ASN A O   1 
ATOM   495 C  CB  . ASN A 1 62 ? 14.700  -4.051  7.273   1.00 20.39 ? 79  ASN A CB  1 
ATOM   496 C  CG  . ASN A 1 62 ? 15.970  -3.277  6.979   1.00 20.92 ? 79  ASN A CG  1 
ATOM   497 O  OD1 . ASN A 1 62 ? 16.678  -3.573  6.019   1.00 21.75 ? 79  ASN A OD1 1 
ATOM   498 N  ND2 . ASN A 1 62 ? 16.243  -2.258  7.780   1.00 20.00 ? 79  ASN A ND2 1 
ATOM   499 N  N   . ASP A 1 63 ? 11.359  -4.350  5.816   1.00 20.77 ? 80  ASP A N   1 
ATOM   500 C  CA  . ASP A 1 63 ? 10.047  -4.973  5.920   1.00 20.93 ? 80  ASP A CA  1 
ATOM   501 C  C   . ASP A 1 63 ? 9.602   -5.301  4.495   1.00 21.16 ? 80  ASP A C   1 
ATOM   502 O  O   . ASP A 1 63 ? 10.070  -4.674  3.549   1.00 20.96 ? 80  ASP A O   1 
ATOM   503 C  CB  . ASP A 1 63 ? 9.056   -4.027  6.618   1.00 20.73 ? 80  ASP A CB  1 
ATOM   504 C  CG  . ASP A 1 63 ? 7.688   -4.650  6.836   1.00 21.04 ? 80  ASP A CG  1 
ATOM   505 O  OD1 . ASP A 1 63 ? 7.458   -5.255  7.904   1.00 21.50 ? 80  ASP A OD1 1 
ATOM   506 O  OD2 . ASP A 1 63 ? 6.830   -4.537  5.935   1.00 21.38 ? 80  ASP A OD2 1 
ATOM   507 N  N   . LEU A 1 64 ? 8.710   -6.275  4.333   1.00 21.74 ? 81  LEU A N   1 
ATOM   508 C  CA  . LEU A 1 64 ? 8.194   -6.602  2.993   1.00 21.96 ? 81  LEU A CA  1 
ATOM   509 C  C   . LEU A 1 64 ? 7.721   -5.353  2.241   1.00 21.63 ? 81  LEU A C   1 
ATOM   510 O  O   . LEU A 1 64 ? 7.919   -5.253  1.030   1.00 21.50 ? 81  LEU A O   1 
ATOM   511 C  CB  . LEU A 1 64 ? 7.052   -7.632  3.046   1.00 22.60 ? 81  LEU A CB  1 
ATOM   512 C  CG  . LEU A 1 64 ? 6.455   -8.001  1.667   1.00 23.71 ? 81  LEU A CG  1 
ATOM   513 C  CD1 . LEU A 1 64 ? 7.526   -8.383  0.615   1.00 25.27 ? 81  LEU A CD1 1 
ATOM   514 C  CD2 . LEU A 1 64 ? 5.396   -9.099  1.789   1.00 26.00 ? 81  LEU A CD2 1 
ATOM   515 N  N   . LEU A 1 65 ? 7.107   -4.407  2.950   1.00 21.59 ? 82  LEU A N   1 
ATOM   516 C  CA  . LEU A 1 65 ? 6.612   -3.180  2.320   1.00 21.25 ? 82  LEU A CA  1 
ATOM   517 C  C   . LEU A 1 65 ? 7.735   -2.368  1.686   1.00 21.09 ? 82  LEU A C   1 
ATOM   518 O  O   . LEU A 1 65 ? 7.565   -1.823  0.594   1.00 20.84 ? 82  LEU A O   1 
ATOM   519 C  CB  . LEU A 1 65 ? 5.830   -2.315  3.312   1.00 21.25 ? 82  LEU A CB  1 
ATOM   520 C  CG  . LEU A 1 65 ? 5.186   -1.057  2.719   1.00 20.98 ? 82  LEU A CG  1 
ATOM   521 C  CD1 . LEU A 1 65 ? 4.180   -1.422  1.623   1.00 20.54 ? 82  LEU A CD1 1 
ATOM   522 C  CD2 . LEU A 1 65 ? 4.518   -0.213  3.792   1.00 21.42 ? 82  LEU A CD2 1 
ATOM   523 N  N   . GLY A 1 66 ? 8.875   -2.281  2.372   1.00 20.87 ? 83  GLY A N   1 
ATOM   524 C  CA  . GLY A 1 66 ? 10.050  -1.618  1.814   1.00 21.16 ? 83  GLY A CA  1 
ATOM   525 C  C   . GLY A 1 66 ? 10.567  -2.340  0.582   1.00 21.20 ? 83  GLY A C   1 
ATOM   526 O  O   . GLY A 1 66 ? 10.980  -1.709  -0.382  1.00 21.27 ? 83  GLY A O   1 
ATOM   527 N  N   . ASP A 1 67 ? 10.546  -3.669  0.628   1.00 21.56 ? 84  ASP A N   1 
ATOM   528 C  CA  . ASP A 1 67 ? 10.935  -4.497  -0.515  1.00 22.02 ? 84  ASP A CA  1 
ATOM   529 C  C   . ASP A 1 67 ? 10.061  -4.190  -1.728  1.00 21.61 ? 84  ASP A C   1 
ATOM   530 O  O   . ASP A 1 67 ? 10.574  -3.918  -2.824  1.00 21.70 ? 84  ASP A O   1 
ATOM   531 C  CB  . ASP A 1 67 ? 10.842  -5.988  -0.167  1.00 22.61 ? 84  ASP A CB  1 
ATOM   532 C  CG  . ASP A 1 67 ? 11.857  -6.424  0.888   1.00 24.45 ? 84  ASP A CG  1 
ATOM   533 O  OD1 . ASP A 1 67 ? 12.775  -5.643  1.236   1.00 26.80 ? 84  ASP A OD1 1 
ATOM   534 O  OD2 . ASP A 1 67 ? 11.724  -7.566  1.379   1.00 27.00 ? 84  ASP A OD2 1 
ATOM   535 N  N   . LEU A 1 68 ? 8.745   -4.215  -1.526  1.00 21.34 ? 85  LEU A N   1 
ATOM   536 C  CA  . LEU A 1 68 ? 7.776   -3.940  -2.594  1.00 21.31 ? 85  LEU A CA  1 
ATOM   537 C  C   . LEU A 1 68 ? 7.863   -2.529  -3.172  1.00 20.78 ? 85  LEU A C   1 
ATOM   538 O  O   . LEU A 1 68 ? 7.816   -2.340  -4.395  1.00 20.87 ? 85  LEU A O   1 
ATOM   539 C  CB  . LEU A 1 68 ? 6.348   -4.157  -2.086  1.00 21.76 ? 85  LEU A CB  1 
ATOM   540 C  CG  . LEU A 1 68 ? 5.948   -5.580  -1.729  1.00 23.46 ? 85  LEU A CG  1 
ATOM   541 C  CD1 . LEU A 1 68 ? 4.459   -5.638  -1.405  1.00 25.09 ? 85  LEU A CD1 1 
ATOM   542 C  CD2 . LEU A 1 68 ? 6.313   -6.523  -2.866  1.00 25.46 ? 85  LEU A CD2 1 
ATOM   543 N  N   . PHE A 1 69 ? 7.976   -1.541  -2.286  1.00 20.04 ? 86  PHE A N   1 
ATOM   544 C  CA  . PHE A 1 69 ? 7.968   -0.132  -2.675  1.00 19.81 ? 86  PHE A CA  1 
ATOM   545 C  C   . PHE A 1 69 ? 9.319   0.323   -3.198  1.00 20.14 ? 86  PHE A C   1 
ATOM   546 O  O   . PHE A 1 69 ? 9.395   1.316   -3.921  1.00 20.97 ? 86  PHE A O   1 
ATOM   547 C  CB  . PHE A 1 69 ? 7.531   0.744   -1.487  1.00 19.40 ? 86  PHE A CB  1 
ATOM   548 C  CG  . PHE A 1 69 ? 6.027   0.870   -1.324  1.00 18.96 ? 86  PHE A CG  1 
ATOM   549 C  CD1 . PHE A 1 69 ? 5.152   -0.011  -1.946  1.00 18.61 ? 86  PHE A CD1 1 
ATOM   550 C  CD2 . PHE A 1 69 ? 5.495   1.873   -0.525  1.00 18.24 ? 86  PHE A CD2 1 
ATOM   551 C  CE1 . PHE A 1 69 ? 3.780   0.124   -1.796  1.00 18.63 ? 86  PHE A CE1 1 
ATOM   552 C  CE2 . PHE A 1 69 ? 4.115   2.009   -0.370  1.00 18.26 ? 86  PHE A CE2 1 
ATOM   553 C  CZ  . PHE A 1 69 ? 3.264   1.129   -1.004  1.00 18.48 ? 86  PHE A CZ  1 
ATOM   554 N  N   . GLY A 1 70 ? 10.372  -0.402  -2.839  1.00 20.23 ? 87  GLY A N   1 
ATOM   555 C  CA  . GLY A 1 70 ? 11.740  -0.055  -3.228  1.00 20.71 ? 87  GLY A CA  1 
ATOM   556 C  C   . GLY A 1 70 ? 12.288  1.213   -2.597  1.00 20.84 ? 87  GLY A C   1 
ATOM   557 O  O   . GLY A 1 70 ? 13.133  1.885   -3.190  1.00 21.48 ? 87  GLY A O   1 
ATOM   558 N  N   . VAL A 1 71 ? 11.815  1.533   -1.389  1.00 20.56 ? 88  VAL A N   1 
ATOM   559 C  CA  . VAL A 1 71 ? 12.227  2.739   -0.654  1.00 20.23 ? 88  VAL A CA  1 
ATOM   560 C  C   . VAL A 1 71 ? 12.405  2.387   0.829   1.00 19.84 ? 88  VAL A C   1 
ATOM   561 O  O   . VAL A 1 71 ? 11.742  1.479   1.320   1.00 19.12 ? 88  VAL A O   1 
ATOM   562 C  CB  . VAL A 1 71 ? 11.176  3.891   -0.790  1.00 20.45 ? 88  VAL A CB  1 
ATOM   563 C  CG1 . VAL A 1 71 ? 11.042  4.350   -2.247  1.00 19.83 ? 88  VAL A CG1 1 
ATOM   564 C  CG2 . VAL A 1 71 ? 9.813   3.475   -0.240  1.00 20.44 ? 88  VAL A CG2 1 
ATOM   565 N  N   . PRO A 1 72 ? 13.314  3.084   1.540   1.00 19.83 ? 89  PRO A N   1 
ATOM   566 C  CA  . PRO A 1 72 ? 13.465  2.836   2.984   1.00 19.65 ? 89  PRO A CA  1 
ATOM   567 C  C   . PRO A 1 72 ? 12.389  3.532   3.829   1.00 19.32 ? 89  PRO A C   1 
ATOM   568 O  O   . PRO A 1 72 ? 12.121  3.115   4.955   1.00 19.01 ? 89  PRO A O   1 
ATOM   569 C  CB  . PRO A 1 72 ? 14.851  3.416   3.288   1.00 19.61 ? 89  PRO A CB  1 
ATOM   570 C  CG  . PRO A 1 72 ? 15.001  4.533   2.312   1.00 20.08 ? 89  PRO A CG  1 
ATOM   571 C  CD  . PRO A 1 72 ? 14.242  4.127   1.064   1.00 19.91 ? 89  PRO A CD  1 
ATOM   572 N  N   . SER A 1 73 ? 11.798  4.586   3.272   1.00 18.86 ? 90  SER A N   1 
ATOM   573 C  CA  . SER A 1 73 ? 10.729  5.335   3.911   1.00 18.85 ? 90  SER A CA  1 
ATOM   574 C  C   . SER A 1 73 ? 10.004  6.183   2.877   1.00 18.51 ? 90  SER A C   1 
ATOM   575 O  O   . SER A 1 73 ? 10.495  6.362   1.756   1.00 18.41 ? 90  SER A O   1 
ATOM   576 C  CB  . SER A 1 73 ? 11.292  6.241   5.005   1.00 18.89 ? 90  SER A CB  1 
ATOM   577 O  OG  . SER A 1 73 ? 12.172  7.205   4.461   1.00 20.34 ? 90  SER A OG  1 
ATOM   578 N  N   . PHE A 1 74 ? 8.838   6.702   3.249   1.00 18.17 ? 91  PHE A N   1 
ATOM   579 C  CA  . PHE A 1 74 ? 8.099   7.614   2.386   1.00 18.17 ? 91  PHE A CA  1 
ATOM   580 C  C   . PHE A 1 74 ? 7.131   8.480   3.187   1.00 18.61 ? 91  PHE A C   1 
ATOM   581 O  O   . PHE A 1 74 ? 6.745   8.132   4.305   1.00 18.02 ? 91  PHE A O   1 
ATOM   582 C  CB  . PHE A 1 74 ? 7.343   6.844   1.301   1.00 18.02 ? 91  PHE A CB  1 
ATOM   583 C  CG  . PHE A 1 74 ? 6.310   5.898   1.830   1.00 16.28 ? 91  PHE A CG  1 
ATOM   584 C  CD1 . PHE A 1 74 ? 4.980   6.304   1.981   1.00 15.59 ? 91  PHE A CD1 1 
ATOM   585 C  CD2 . PHE A 1 74 ? 6.640   4.596   2.153   1.00 15.32 ? 91  PHE A CD2 1 
ATOM   586 C  CE1 . PHE A 1 74 ? 4.022   5.427   2.473   1.00 15.26 ? 91  PHE A CE1 1 
ATOM   587 C  CE2 . PHE A 1 74 ? 5.688   3.720   2.639   1.00 14.84 ? 91  PHE A CE2 1 
ATOM   588 C  CZ  . PHE A 1 74 ? 4.367   4.138   2.788   1.00 14.46 ? 91  PHE A CZ  1 
ATOM   589 N  N   . SER A 1 75 ? 6.754   9.611   2.607   1.00 19.45 ? 92  SER A N   1 
ATOM   590 C  CA  . SER A 1 75 ? 5.802   10.535  3.220   1.00 19.94 ? 92  SER A CA  1 
ATOM   591 C  C   . SER A 1 75 ? 4.367   10.088  2.954   1.00 20.36 ? 92  SER A C   1 
ATOM   592 O  O   . SER A 1 75 ? 4.016   9.787   1.818   1.00 20.09 ? 92  SER A O   1 
ATOM   593 C  CB  . SER A 1 75 ? 6.008   11.946  2.666   1.00 20.17 ? 92  SER A CB  1 
ATOM   594 O  OG  . SER A 1 75 ? 4.937   12.803  3.036   1.00 21.44 ? 92  SER A OG  1 
ATOM   595 N  N   . VAL A 1 76 ? 3.547   10.033  3.996   1.00 20.54 ? 93  VAL A N   1 
ATOM   596 C  CA  . VAL A 1 76 ? 2.125   9.681   3.843   1.00 21.37 ? 93  VAL A CA  1 
ATOM   597 C  C   . VAL A 1 76 ? 1.295   10.795  3.194   1.00 22.07 ? 93  VAL A C   1 
ATOM   598 O  O   . VAL A 1 76 ? 0.144   10.567  2.828   1.00 21.97 ? 93  VAL A O   1 
ATOM   599 C  CB  . VAL A 1 76 ? 1.469   9.266   5.197   1.00 21.48 ? 93  VAL A CB  1 
ATOM   600 C  CG1 . VAL A 1 76 ? 2.247   8.135   5.851   1.00 21.54 ? 93  VAL A CG1 1 
ATOM   601 C  CG2 . VAL A 1 76 ? 1.346   10.456  6.135   1.00 21.61 ? 93  VAL A CG2 1 
ATOM   602 N  N   . LYS A 1 77 ? 1.871   11.988  3.045   1.00 22.77 ? 94  LYS A N   1 
ATOM   603 C  CA  . LYS A 1 77 ? 1.169   13.109  2.425   1.00 23.21 ? 94  LYS A CA  1 
ATOM   604 C  C   . LYS A 1 77 ? 1.208   13.064  0.890   1.00 23.19 ? 94  LYS A C   1 
ATOM   605 O  O   . LYS A 1 77 ? 0.417   13.735  0.239   1.00 23.58 ? 94  LYS A O   1 
ATOM   606 C  CB  . LYS A 1 77 ? 1.746   14.445  2.920   1.00 23.47 ? 94  LYS A CB  1 
ATOM   607 C  CG  . LYS A 1 77 ? 1.538   14.703  4.399   1.00 23.76 ? 94  LYS A CG  1 
ATOM   608 C  CD  . LYS A 1 77 ? 2.027   16.081  4.801   1.00 24.66 ? 94  LYS A CD  1 
ATOM   609 N  N   . GLU A 1 78 ? 2.114   12.271  0.323   1.00 22.74 ? 95  GLU A N   1 
ATOM   610 C  CA  . GLU A 1 78 ? 2.365   12.266  -1.124  1.00 22.42 ? 95  GLU A CA  1 
ATOM   611 C  C   . GLU A 1 78 ? 1.617   11.114  -1.808  1.00 21.00 ? 95  GLU A C   1 
ATOM   612 O  O   . GLU A 1 78 ? 2.181   10.070  -2.128  1.00 20.49 ? 95  GLU A O   1 
ATOM   613 C  CB  . GLU A 1 78 ? 3.875   12.231  -1.372  1.00 23.11 ? 95  GLU A CB  1 
ATOM   614 C  CG  . GLU A 1 78 ? 4.577   13.422  -0.712  1.00 25.73 ? 95  GLU A CG  1 
ATOM   615 C  CD  . GLU A 1 78 ? 6.021   13.597  -1.125  1.00 29.49 ? 95  GLU A CD  1 
ATOM   616 O  OE1 . GLU A 1 78 ? 6.837   12.673  -0.913  1.00 31.46 ? 95  GLU A OE1 1 
ATOM   617 O  OE2 . GLU A 1 78 ? 6.345   14.685  -1.646  1.00 32.94 ? 95  GLU A OE2 1 
ATOM   618 N  N   . HIS A 1 79 ? 0.322   11.325  -2.015  1.00 19.34 ? 96  HIS A N   1 
ATOM   619 C  CA  . HIS A 1 79 ? -0.581  10.258  -2.439  1.00 18.56 ? 96  HIS A CA  1 
ATOM   620 C  C   . HIS A 1 79 ? -0.279  9.719   -3.830  1.00 17.22 ? 96  HIS A C   1 
ATOM   621 O  O   . HIS A 1 79 ? -0.371  8.522   -4.061  1.00 16.70 ? 96  HIS A O   1 
ATOM   622 C  CB  . HIS A 1 79 ? -2.042  10.736  -2.394  1.00 18.49 ? 96  HIS A CB  1 
ATOM   623 C  CG  . HIS A 1 79 ? -2.573  10.962  -1.010  1.00 19.65 ? 96  HIS A CG  1 
ATOM   624 N  ND1 . HIS A 1 79 ? -1.756  11.134  0.086   1.00 20.49 ? 96  HIS A ND1 1 
ATOM   625 C  CD2 . HIS A 1 79 ? -3.841  11.074  -0.553  1.00 20.64 ? 96  HIS A CD2 1 
ATOM   626 C  CE1 . HIS A 1 79 ? -2.500  11.323  1.161   1.00 20.60 ? 96  HIS A CE1 1 
ATOM   627 N  NE2 . HIS A 1 79 ? -3.769  11.302  0.800   1.00 21.26 ? 96  HIS A NE2 1 
ATOM   628 N  N   . ARG A 1 80 ? 0.065   10.602  -4.759  1.00 16.74 ? 97  ARG A N   1 
ATOM   629 C  CA  . ARG A 1 80 ? 0.421   10.168  -6.114  1.00 16.41 ? 97  ARG A CA  1 
ATOM   630 C  C   . ARG A 1 80 ? 1.670   9.281   -6.103  1.00 15.98 ? 97  ARG A C   1 
ATOM   631 O  O   . ARG A 1 80 ? 1.717   8.273   -6.795  1.00 16.12 ? 97  ARG A O   1 
ATOM   632 C  CB  . ARG A 1 80 ? 0.606   11.371  -7.049  1.00 16.60 ? 97  ARG A CB  1 
ATOM   633 C  CG  . ARG A 1 80 ? 1.053   11.031  -8.472  1.00 16.94 ? 97  ARG A CG  1 
ATOM   634 C  CD  . ARG A 1 80 ? 0.187   9.986   -9.142  1.00 16.48 ? 97  ARG A CD  1 
ATOM   635 N  NE  . ARG A 1 80 ? -1.198  10.421  -9.285  1.00 17.15 ? 97  ARG A NE  1 
ATOM   636 C  CZ  . ARG A 1 80 ? -2.200  9.632   -9.647  1.00 17.91 ? 97  ARG A CZ  1 
ATOM   637 N  NH1 . ARG A 1 80 ? -1.985  8.347   -9.918  1.00 18.35 ? 97  ARG A NH1 1 
ATOM   638 N  NH2 . ARG A 1 80 ? -3.427  10.133  -9.742  1.00 18.65 ? 97  ARG A NH2 1 
ATOM   639 N  N   . LYS A 1 81 ? 2.674   9.633   -5.311  1.00 16.33 ? 98  LYS A N   1 
ATOM   640 C  CA  . LYS A 1 81 ? 3.865   8.789   -5.211  1.00 16.27 ? 98  LYS A CA  1 
ATOM   641 C  C   . LYS A 1 81 ? 3.510   7.398   -4.670  1.00 15.58 ? 98  LYS A C   1 
ATOM   642 O  O   . LYS A 1 81 ? 4.020   6.386   -5.145  1.00 15.00 ? 98  LYS A O   1 
ATOM   643 C  CB  . LYS A 1 81 ? 4.930   9.444   -4.336  1.00 16.96 ? 98  LYS A CB  1 
ATOM   644 C  CG  . LYS A 1 81 ? 5.580   10.667  -4.945  1.00 19.35 ? 98  LYS A CG  1 
ATOM   645 C  CD  . LYS A 1 81 ? 6.817   11.068  -4.138  1.00 22.58 ? 98  LYS A CD  1 
ATOM   646 C  CE  . LYS A 1 81 ? 7.490   12.327  -4.669  1.00 24.31 ? 98  LYS A CE  1 
ATOM   647 N  NZ  . LYS A 1 81 ? 8.447   12.882  -3.661  1.00 25.23 ? 98  LYS A NZ  1 
ATOM   648 N  N   . ILE A 1 82 ? 2.640   7.363   -3.663  1.00 15.37 ? 99  ILE A N   1 
ATOM   649 C  CA  . ILE A 1 82 ? 2.177   6.111   -3.080  1.00 15.24 ? 99  ILE A CA  1 
ATOM   650 C  C   . ILE A 1 82 ? 1.406   5.288   -4.121  1.00 15.57 ? 99  ILE A C   1 
ATOM   651 O  O   . ILE A 1 82 ? 1.647   4.087   -4.276  1.00 14.49 ? 99  ILE A O   1 
ATOM   652 C  CB  . ILE A 1 82 ? 1.352   6.370   -1.781  1.00 15.44 ? 99  ILE A CB  1 
ATOM   653 C  CG1 . ILE A 1 82 ? 2.281   6.926   -0.696  1.00 14.95 ? 99  ILE A CG1 1 
ATOM   654 C  CG2 . ILE A 1 82 ? 0.664   5.105   -1.295  1.00 15.69 ? 99  ILE A CG2 1 
ATOM   655 C  CD1 . ILE A 1 82 ? 1.561   7.501   0.534   1.00 14.36 ? 99  ILE A CD1 1 
ATOM   656 N  N   . TYR A 1 83 ? 0.479   5.927   -4.832  1.00 15.83 ? 100 TYR A N   1 
ATOM   657 C  CA  . TYR A 1 83 ? -0.264  5.222   -5.886  1.00 16.38 ? 100 TYR A CA  1 
ATOM   658 C  C   . TYR A 1 83 ? 0.694   4.581   -6.888  1.00 15.99 ? 100 TYR A C   1 
ATOM   659 O  O   . TYR A 1 83 ? 0.551   3.408   -7.226  1.00 15.19 ? 100 TYR A O   1 
ATOM   660 C  CB  . TYR A 1 83 ? -1.283  6.140   -6.582  1.00 16.68 ? 100 TYR A CB  1 
ATOM   661 C  CG  . TYR A 1 83 ? -2.702  5.959   -6.075  1.00 17.82 ? 100 TYR A CG  1 
ATOM   662 C  CD1 . TYR A 1 83 ? -3.020  6.175   -4.729  1.00 18.78 ? 100 TYR A CD1 1 
ATOM   663 C  CD2 . TYR A 1 83 ? -3.720  5.565   -6.926  1.00 19.27 ? 100 TYR A CD2 1 
ATOM   664 C  CE1 . TYR A 1 83 ? -4.322  6.011   -4.260  1.00 19.85 ? 100 TYR A CE1 1 
ATOM   665 C  CE2 . TYR A 1 83 ? -5.017  5.389   -6.466  1.00 20.56 ? 100 TYR A CE2 1 
ATOM   666 C  CZ  . TYR A 1 83 ? -5.315  5.608   -5.135  1.00 20.92 ? 100 TYR A CZ  1 
ATOM   667 O  OH  . TYR A 1 83 ? -6.616  5.430   -4.691  1.00 22.49 ? 100 TYR A OH  1 
ATOM   668 N  N   . THR A 1 84 ? 1.693   5.341   -7.321  1.00 16.47 ? 101 THR A N   1 
ATOM   669 C  CA  . THR A 1 84 ? 2.703   4.843   -8.272  1.00 16.40 ? 101 THR A CA  1 
ATOM   670 C  C   . THR A 1 84 ? 3.473   3.631   -7.747  1.00 15.92 ? 101 THR A C   1 
ATOM   671 O  O   . THR A 1 84 ? 3.636   2.652   -8.466  1.00 15.20 ? 101 THR A O   1 
ATOM   672 C  CB  . THR A 1 84 ? 3.683   5.958   -8.651  1.00 16.65 ? 101 THR A CB  1 
ATOM   673 O  OG1 . THR A 1 84 ? 2.948   7.006   -9.282  1.00 17.72 ? 101 THR A OG1 1 
ATOM   674 C  CG2 . THR A 1 84 ? 4.786   5.454   -9.592  1.00 16.83 ? 101 THR A CG2 1 
ATOM   675 N  N   . MET A 1 85 ? 3.914   3.680   -6.490  1.00 15.50 ? 102 MET A N   1 
ATOM   676 C  CA  . MET A 1 85 ? 4.600   2.538   -5.882  1.00 15.36 ? 102 MET A CA  1 
ATOM   677 C  C   . MET A 1 85 ? 3.714   1.293   -5.807  1.00 14.91 ? 102 MET A C   1 
ATOM   678 O  O   . MET A 1 85 ? 4.196   0.188   -6.037  1.00 14.61 ? 102 MET A O   1 
ATOM   679 C  CB  . MET A 1 85 ? 5.154   2.889   -4.486  1.00 15.26 ? 102 MET A CB  1 
ATOM   680 C  CG  . MET A 1 85 ? 6.307   3.853   -4.518  1.00 16.57 ? 102 MET A CG  1 
ATOM   681 S  SD  . MET A 1 85 ? 7.027   4.198   -2.907  1.00 17.65 ? 102 MET A SD  1 
ATOM   682 C  CE  . MET A 1 85 ? 5.690   5.076   -2.103  1.00 17.58 ? 102 MET A CE  1 
ATOM   683 N  N   . ILE A 1 86 ? 2.414   1.484   -5.538  1.00 14.54 ? 103 ILE A N   1 
ATOM   684 C  CA  . ILE A 1 86 ? 1.444   0.385   -5.485  1.00 14.94 ? 103 ILE A CA  1 
ATOM   685 C  C   . ILE A 1 86 ? 1.174   -0.184  -6.892  1.00 14.65 ? 103 ILE A C   1 
ATOM   686 O  O   . ILE A 1 86 ? 1.185   -1.402  -7.086  1.00 14.27 ? 103 ILE A O   1 
ATOM   687 C  CB  . ILE A 1 86 ? 0.098   0.849   -4.833  1.00 14.90 ? 103 ILE A CB  1 
ATOM   688 C  CG1 . ILE A 1 86 ? 0.301   1.200   -3.353  1.00 14.96 ? 103 ILE A CG1 1 
ATOM   689 C  CG2 . ILE A 1 86 ? -0.989  -0.229  -4.972  1.00 15.81 ? 103 ILE A CG2 1 
ATOM   690 C  CD1 . ILE A 1 86 ? -0.859  1.951   -2.721  1.00 15.23 ? 103 ILE A CD1 1 
ATOM   691 N  N   . TYR A 1 87 ? 0.971   0.703   -7.867  1.00 14.79 ? 104 TYR A N   1 
ATOM   692 C  CA  . TYR A 1 87 ? 0.704   0.301   -9.261  1.00 15.66 ? 104 TYR A CA  1 
ATOM   693 C  C   . TYR A 1 87 ? 1.777   -0.619  -9.856  1.00 16.17 ? 104 TYR A C   1 
ATOM   694 O  O   . TYR A 1 87 ? 1.461   -1.519  -10.659 1.00 16.46 ? 104 TYR A O   1 
ATOM   695 C  CB  . TYR A 1 87 ? 0.554   1.540   -10.154 1.00 15.44 ? 104 TYR A CB  1 
ATOM   696 C  CG  . TYR A 1 87 ? -0.810  2.203   -10.137 1.00 15.30 ? 104 TYR A CG  1 
ATOM   697 C  CD1 . TYR A 1 87 ? -0.932  3.586   -10.038 1.00 15.11 ? 104 TYR A CD1 1 
ATOM   698 C  CD2 . TYR A 1 87 ? -1.974  1.462   -10.274 1.00 16.07 ? 104 TYR A CD2 1 
ATOM   699 C  CE1 . TYR A 1 87 ? -2.176  4.211   -10.065 1.00 15.70 ? 104 TYR A CE1 1 
ATOM   700 C  CE2 . TYR A 1 87 ? -3.211  2.079   -10.290 1.00 15.30 ? 104 TYR A CE2 1 
ATOM   701 C  CZ  . TYR A 1 87 ? -3.306  3.452   -10.178 1.00 15.50 ? 104 TYR A CZ  1 
ATOM   702 O  OH  . TYR A 1 87 ? -4.554  4.055   -10.197 1.00 17.11 ? 104 TYR A OH  1 
ATOM   703 N  N   . ARG A 1 88 ? 3.038   -0.405  -9.461  1.00 16.87 ? 105 ARG A N   1 
ATOM   704 C  CA  . ARG A 1 88 ? 4.145   -1.240  -9.913  1.00 17.49 ? 105 ARG A CA  1 
ATOM   705 C  C   . ARG A 1 88 ? 4.021   -2.683  -9.406  1.00 18.02 ? 105 ARG A C   1 
ATOM   706 O  O   . ARG A 1 88 ? 4.711   -3.573  -9.907  1.00 18.78 ? 105 ARG A O   1 
ATOM   707 C  CB  . ARG A 1 88 ? 5.494   -0.663  -9.455  1.00 17.51 ? 105 ARG A CB  1 
ATOM   708 C  CG  . ARG A 1 88 ? 5.880   0.688   -10.042 1.00 19.18 ? 105 ARG A CG  1 
ATOM   709 C  CD  . ARG A 1 88 ? 7.350   1.044   -9.698  1.00 22.10 ? 105 ARG A CD  1 
ATOM   710 N  NE  . ARG A 1 88 ? 7.507   2.467   -9.368  1.00 25.42 ? 105 ARG A NE  1 
ATOM   711 C  CZ  . ARG A 1 88 ? 7.907   2.961   -8.180  1.00 26.67 ? 105 ARG A CZ  1 
ATOM   712 N  NH1 . ARG A 1 88 ? 8.273   2.160   -7.168  1.00 27.57 ? 105 ARG A NH1 1 
ATOM   713 N  NH2 . ARG A 1 88 ? 7.972   4.281   -8.003  1.00 27.28 ? 105 ARG A NH2 1 
ATOM   714 N  N   . ASN A 1 89 ? 3.150   -2.901  -8.417  1.00 18.07 ? 106 ASN A N   1 
ATOM   715 C  CA  . ASN A 1 89 ? 2.951   -4.202  -7.774  1.00 18.68 ? 106 ASN A CA  1 
ATOM   716 C  C   . ASN A 1 89 ? 1.604   -4.849  -8.070  1.00 19.05 ? 106 ASN A C   1 
ATOM   717 O  O   . ASN A 1 89 ? 1.138   -5.704  -7.319  1.00 19.35 ? 106 ASN A O   1 
ATOM   718 C  CB  . ASN A 1 89 ? 3.112   -4.047  -6.267  1.00 18.77 ? 106 ASN A CB  1 
ATOM   719 C  CG  . ASN A 1 89 ? 4.531   -3.781  -5.872  1.00 19.93 ? 106 ASN A CG  1 
ATOM   720 O  OD1 . ASN A 1 89 ? 4.928   -2.629  -5.653  1.00 21.49 ? 106 ASN A OD1 1 
ATOM   721 N  ND2 . ASN A 1 89 ? 5.317   -4.841  -5.785  1.00 20.29 ? 106 ASN A ND2 1 
ATOM   722 N  N   . LEU A 1 90 ? 0.983   -4.471  -9.172  1.00 19.36 ? 107 LEU A N   1 
ATOM   723 C  CA  . LEU A 1 90 ? -0.316  -5.040  -9.518  1.00 19.94 ? 107 LEU A CA  1 
ATOM   724 C  C   . LEU A 1 90 ? -0.595  -4.922  -10.997 1.00 20.18 ? 107 LEU A C   1 
ATOM   725 O  O   . LEU A 1 90 ? 0.097   -4.203  -11.719 1.00 20.02 ? 107 LEU A O   1 
ATOM   726 C  CB  . LEU A 1 90 ? -1.425  -4.370  -8.705  1.00 19.90 ? 107 LEU A CB  1 
ATOM   727 C  CG  . LEU A 1 90 ? -1.498  -2.846  -8.746  1.00 19.95 ? 107 LEU A CG  1 
ATOM   728 C  CD1 . LEU A 1 90 ? -2.059  -2.335  -10.046 1.00 20.46 ? 107 LEU A CD1 1 
ATOM   729 C  CD2 . LEU A 1 90 ? -2.314  -2.343  -7.595  1.00 19.00 ? 107 LEU A CD2 1 
ATOM   730 N  N   . VAL A 1 91 ? -1.620  -5.638  -11.443 1.00 20.70 ? 108 VAL A N   1 
ATOM   731 C  CA  . VAL A 1 91 ? -2.074  -5.528  -12.816 1.00 21.04 ? 108 VAL A CA  1 
ATOM   732 C  C   . VAL A 1 91 ? -3.505  -4.987  -12.813 1.00 20.93 ? 108 VAL A C   1 
ATOM   733 O  O   . VAL A 1 91 ? -4.355  -5.417  -12.029 1.00 20.92 ? 108 VAL A O   1 
ATOM   734 C  CB  . VAL A 1 91 ? -1.891  -6.855  -13.640 1.00 21.22 ? 108 VAL A CB  1 
ATOM   735 C  CG1 . VAL A 1 91 ? -1.857  -8.049  -12.773 1.00 22.46 ? 108 VAL A CG1 1 
ATOM   736 C  CG2 . VAL A 1 91 ? -2.951  -6.991  -14.743 1.00 21.43 ? 108 VAL A CG2 1 
ATOM   737 N  N   . VAL A 1 92 ? -3.734  -3.993  -13.660 1.00 21.05 ? 109 VAL A N   1 
ATOM   738 C  CA  . VAL A 1 92 ? -5.046  -3.385  -13.805 1.00 21.49 ? 109 VAL A CA  1 
ATOM   739 C  C   . VAL A 1 92 ? -5.945  -4.302  -14.625 1.00 22.30 ? 109 VAL A C   1 
ATOM   740 O  O   . VAL A 1 92 ? -5.545  -4.804  -15.682 1.00 22.55 ? 109 VAL A O   1 
ATOM   741 C  CB  . VAL A 1 92 ? -4.947  -2.010  -14.472 1.00 21.25 ? 109 VAL A CB  1 
ATOM   742 C  CG1 . VAL A 1 92 ? -6.337  -1.458  -14.779 1.00 21.54 ? 109 VAL A CG1 1 
ATOM   743 C  CG2 . VAL A 1 92 ? -4.161  -1.049  -13.583 1.00 21.30 ? 109 VAL A CG2 1 
ATOM   744 N  N   . VAL A 1 93 ? -7.160  -4.509  -14.122 1.00 23.03 ? 110 VAL A N   1 
ATOM   745 C  CA  . VAL A 1 93 ? -8.139  -5.392  -14.749 1.00 23.66 ? 110 VAL A CA  1 
ATOM   746 C  C   . VAL A 1 93 ? -8.901  -4.620  -15.813 1.00 24.03 ? 110 VAL A C   1 
ATOM   747 O  O   . VAL A 1 93 ? -9.245  -3.455  -15.611 1.00 25.53 ? 110 VAL A O   1 
ATOM   748 C  CB  . VAL A 1 93 ? -9.137  -5.951  -13.707 1.00 23.51 ? 110 VAL A CB  1 
ATOM   749 C  CG1 . VAL A 1 93 ? -10.135 -6.883  -14.375 1.00 24.22 ? 110 VAL A CG1 1 
ATOM   750 C  CG2 . VAL A 1 93 ? -8.394  -6.672  -12.600 1.00 24.01 ? 110 VAL A CG2 1 
HETATM 751 C  C3  . 07G B 2 .  ? -2.221  8.120   1.796   1.00 23.68 ? 1   07G A C3  1 
HETATM 752 C  C4  . 07G B 2 .  ? -2.606  7.729   0.518   1.00 23.39 ? 1   07G A C4  1 
HETATM 753 F  F1  . 07G B 2 .  ? -1.695  7.562   -0.463  1.00 22.51 ? 1   07G A F1  1 
HETATM 754 C  C5  . 07G B 2 .  ? -3.947  7.516   0.252   1.00 24.02 ? 1   07G A C5  1 
HETATM 755 F  F2  . 07G B 2 .  ? -4.314  7.140   -0.981  1.00 24.92 ? 1   07G A F2  1 
HETATM 756 C  C6  . 07G B 2 .  ? -4.897  7.683   1.257   1.00 24.23 ? 1   07G A C6  1 
HETATM 757 C  C1  . 07G B 2 .  ? -4.507  8.079   2.536   1.00 24.30 ? 1   07G A C1  1 
HETATM 758 C  C2  . 07G B 2 .  ? -3.163  8.297   2.814   1.00 24.11 ? 1   07G A C2  1 
HETATM 759 C  C7  . 07G B 2 .  ? -2.693  8.761   4.199   1.00 24.73 ? 1   07G A C7  1 
HETATM 760 N  N1  . 07G B 2 .  ? -3.458  8.192   5.316   1.00 25.21 ? 1   07G A N1  1 
HETATM 761 C  C8  . 07G B 2 .  ? -4.469  8.833   5.888   1.00 27.42 ? 1   07G A C8  1 
HETATM 762 O  O1  . 07G B 2 .  ? -4.863  9.914   5.445   1.00 29.35 ? 1   07G A O1  1 
HETATM 763 C  C9  . 07G B 2 .  ? -2.859  6.943   5.727   1.00 24.39 ? 1   07G A C9  1 
HETATM 764 C  C10 . 07G B 2 .  ? -2.001  6.878   6.928   1.00 23.08 ? 1   07G A C10 1 
HETATM 765 O  O2  . 07G B 2 .  ? -1.277  7.853   7.091   1.00 23.02 ? 1   07G A O2  1 
HETATM 766 N  N3  . 07G B 2 .  ? -1.947  5.732   7.636   1.00 22.73 ? 1   07G A N3  1 
HETATM 767 C  C20 . 07G B 2 .  ? -0.981  5.490   8.740   1.00 22.19 ? 1   07G A C20 1 
HETATM 768 C  C22 . 07G B 2 .  ? -1.053  6.574   9.812   1.00 22.72 ? 1   07G A C22 1 
HETATM 769 C  C23 . 07G B 2 .  ? -1.252  4.125   9.368   1.00 22.22 ? 1   07G A C23 1 
HETATM 770 C  C21 . 07G B 2 .  ? 0.420   5.458   8.115   1.00 21.85 ? 1   07G A C21 1 
HETATM 771 C  C11 . 07G B 2 .  ? -3.144  5.694   4.888   1.00 22.52 ? 1   07G A C11 1 
HETATM 772 C  C14 . 07G B 2 .  ? -2.054  5.166   4.231   1.00 20.73 ? 1   07G A C14 1 
HETATM 773 C  C15 . 07G B 2 .  ? -0.700  5.502   4.246   1.00 20.26 ? 1   07G A C15 1 
HETATM 774 C  C16 . 07G B 2 .  ? 0.196   4.763   3.495   1.00 19.47 ? 1   07G A C16 1 
HETATM 775 C  C17 . 07G B 2 .  ? -0.254  3.689   2.739   1.00 20.19 ? 1   07G A C17 1 
HETATM 776 CL CL1 . 07G B 2 .  ? 0.861   2.770   1.790   1.00 20.03 ? 1   07G A CL1 1 
HETATM 777 C  C18 . 07G B 2 .  ? -1.606  3.357   2.734   1.00 20.38 ? 1   07G A C18 1 
HETATM 778 C  C13 . 07G B 2 .  ? -2.513  4.096   3.484   1.00 21.35 ? 1   07G A C13 1 
HETATM 779 N  N2  . 07G B 2 .  ? -3.838  4.000   3.656   1.00 21.29 ? 1   07G A N2  1 
HETATM 780 C  C12 . 07G B 2 .  ? -4.252  4.963   4.490   1.00 22.44 ? 1   07G A C12 1 
HETATM 781 C  C19 . 07G B 2 .  ? -5.712  5.113   4.882   1.00 23.31 ? 1   07G A C19 1 
HETATM 782 O  O4  . 07G B 2 .  ? -6.097  6.129   5.487   1.00 24.07 ? 1   07G A O4  1 
HETATM 783 O  O3  . 07G B 2 .  ? -6.448  4.183   4.521   1.00 24.84 ? 1   07G A O3  1 
HETATM 784 O  O   . HOH C 3 .  ? 13.720  -3.038  2.353   1.00 27.83 ? 2   HOH A O   1 
HETATM 785 O  O   . HOH C 3 .  ? -6.249  2.163   6.544   1.00 23.41 ? 3   HOH A O   1 
HETATM 786 O  O   . HOH C 3 .  ? 6.693   6.742   -6.416  1.00 25.22 ? 4   HOH A O   1 
HETATM 787 O  O   . HOH C 3 .  ? 2.819   12.789  -4.621  1.00 26.01 ? 5   HOH A O   1 
HETATM 788 O  O   . HOH C 3 .  ? 6.949   0.130   -6.233  1.00 27.99 ? 6   HOH A O   1 
HETATM 789 O  O   . HOH C 3 .  ? -1.607  -10.152 -10.661 1.00 28.11 ? 7   HOH A O   1 
HETATM 790 O  O   . HOH C 3 .  ? 8.858   4.697   14.906  1.00 24.32 ? 8   HOH A O   1 
HETATM 791 O  O   . HOH C 3 .  ? 4.672   8.695   20.567  1.00 19.14 ? 9   HOH A O   1 
HETATM 792 O  O   . HOH C 3 .  ? 0.615   11.525  12.915  1.00 20.43 ? 10  HOH A O   1 
HETATM 793 O  O   . HOH C 3 .  ? 5.276   -10.054 -6.611  1.00 32.57 ? 11  HOH A O   1 
HETATM 794 O  O   . HOH C 3 .  ? -4.506  3.834   8.106   1.00 25.08 ? 12  HOH A O   1 
HETATM 795 O  O   . HOH C 3 .  ? 2.274   2.169   12.691  1.00 36.20 ? 13  HOH A O   1 
HETATM 796 O  O   . HOH C 3 .  ? 14.339  3.515   7.471   0.50 24.97 ? 14  HOH A O   1 
HETATM 797 O  O   . HOH C 3 .  ? 2.911   -2.988  -12.724 1.00 22.69 ? 15  HOH A O   1 
HETATM 798 O  O   . HOH C 3 .  ? 8.817   -5.324  10.138  1.00 27.39 ? 16  HOH A O   1 
HETATM 799 O  O   . HOH C 3 .  ? 3.882   -7.464  -5.626  1.00 27.69 ? 17  HOH A O   1 
HETATM 800 O  O   . HOH C 3 .  ? 13.830  1.889   -6.002  1.00 43.09 ? 126 HOH A O   1 
HETATM 801 O  O   . HOH C 3 .  ? 14.199  11.251  15.731  1.00 58.44 ? 127 HOH A O   1 
HETATM 802 O  O   . HOH C 3 .  ? -9.307  14.810  -7.354  1.00 70.19 ? 128 HOH A O   1 
HETATM 803 O  O   . HOH C 3 .  ? -17.843 6.807   -7.293  1.00 54.89 ? 129 HOH A O   1 
HETATM 804 O  O   . HOH C 3 .  ? 11.146  8.205   14.627  1.00 30.22 ? 130 HOH A O   1 
HETATM 805 O  O   . HOH C 3 .  ? 17.760  -1.440  4.751   1.00 29.54 ? 131 HOH A O   1 
HETATM 806 O  O   . HOH C 3 .  ? -1.123  5.791   13.877  1.00 38.06 ? 132 HOH A O   1 
HETATM 807 O  O   . HOH C 3 .  ? 7.329   10.049  -0.391  1.00 24.54 ? 133 HOH A O   1 
HETATM 808 O  O   . HOH C 3 .  ? -7.483  5.973   -2.036  1.00 27.48 ? 134 HOH A O   1 
HETATM 809 O  O   . HOH C 3 .  ? -5.305  -9.555  -14.556 1.00 52.62 ? 135 HOH A O   1 
HETATM 810 O  O   . HOH C 3 .  ? 2.566   11.317  -11.850 1.00 43.84 ? 136 HOH A O   1 
HETATM 811 O  O   . HOH C 3 .  ? -13.302 11.186  -10.744 1.00 40.84 ? 137 HOH A O   1 
HETATM 812 O  O   . HOH C 3 .  ? -8.901  4.176   4.171   1.00 42.15 ? 138 HOH A O   1 
HETATM 813 O  O   . HOH C 3 .  ? 7.656   -0.651  -12.926 1.00 35.94 ? 139 HOH A O   1 
HETATM 814 O  O   . HOH C 3 .  ? 5.224   17.456  11.850  1.00 35.39 ? 140 HOH A O   1 
HETATM 815 O  O   . HOH C 3 .  ? -1.492  13.970  -2.272  1.00 29.01 ? 141 HOH A O   1 
HETATM 816 O  O   . HOH C 3 .  ? 0.574   -14.637 -2.884  1.00 36.66 ? 142 HOH A O   1 
HETATM 817 O  O   . HOH C 3 .  ? 4.556   9.271   -8.981  1.00 35.55 ? 143 HOH A O   1 
HETATM 818 O  O   . HOH C 3 .  ? -2.968  -10.749 -13.338 1.00 35.53 ? 144 HOH A O   1 
HETATM 819 O  O   . HOH C 3 .  ? 10.863  -6.648  9.675   1.00 37.61 ? 145 HOH A O   1 
HETATM 820 O  O   . HOH C 3 .  ? 3.068   4.130   15.003  1.00 33.49 ? 146 HOH A O   1 
HETATM 821 O  O   . HOH C 3 .  ? 10.686  7.730   -0.477  1.00 29.07 ? 147 HOH A O   1 
HETATM 822 O  O   . HOH C 3 .  ? 14.029  -0.834  0.878   1.00 39.18 ? 148 HOH A O   1 
HETATM 823 O  O   . HOH C 3 .  ? -6.784  -13.053 4.653   1.00 34.25 ? 149 HOH A O   1 
HETATM 824 O  O   . HOH C 3 .  ? 14.786  9.075   19.546  1.00 35.38 ? 150 HOH A O   1 
HETATM 825 O  O   . HOH C 3 .  ? 10.476  16.128  11.165  1.00 32.15 ? 151 HOH A O   1 
HETATM 826 O  O   . HOH C 3 .  ? 17.393  1.655   0.575   1.00 35.03 ? 152 HOH A O   1 
HETATM 827 O  O   . HOH C 3 .  ? 8.247   3.135   12.868  1.00 31.88 ? 153 HOH A O   1 
HETATM 828 O  O   . HOH C 3 .  ? 9.651   7.451   19.083  1.00 31.56 ? 154 HOH A O   1 
HETATM 829 O  O   . HOH C 3 .  ? 8.604   -8.012  6.658   1.00 29.20 ? 155 HOH A O   1 
HETATM 830 O  O   . HOH C 3 .  ? -1.731  -14.624 -0.887  1.00 32.91 ? 156 HOH A O   1 
HETATM 831 O  O   . HOH C 3 .  ? -0.931  -12.593 -7.538  1.00 30.84 ? 157 HOH A O   1 
HETATM 832 O  O   . HOH C 3 .  ? -6.444  10.114  -12.863 1.00 39.25 ? 158 HOH A O   1 
HETATM 833 O  O   . HOH C 3 .  ? 10.563  11.318  12.264  1.00 25.50 ? 159 HOH A O   1 
HETATM 834 O  O   . HOH C 3 .  ? 8.609   8.309   -2.046  1.00 40.50 ? 160 HOH A O   1 
HETATM 835 O  O   . HOH C 3 .  ? 14.685  5.721   7.063   0.50 37.15 ? 161 HOH A O   1 
HETATM 836 O  O   . HOH C 3 .  ? 10.292  -9.941  -0.354  1.00 46.03 ? 162 HOH A O   1 
HETATM 837 O  O   . HOH C 3 .  ? 0.331   13.488  -4.607  1.00 35.24 ? 163 HOH A O   1 
HETATM 838 O  O   . HOH C 3 .  ? -10.363 -12.723 -8.323  1.00 38.55 ? 164 HOH A O   1 
HETATM 839 O  O   . HOH C 3 .  ? -1.809  10.275  7.811   1.00 36.54 ? 165 HOH A O   1 
HETATM 840 O  O   . HOH C 3 .  ? 10.829  5.811   -5.454  1.00 47.27 ? 166 HOH A O   1 
HETATM 841 O  O   . HOH C 3 .  ? 7.402   -4.261  12.403  1.00 30.75 ? 167 HOH A O   1 
HETATM 842 O  O   . HOH C 3 .  ? -4.375  -10.789 -7.255  1.00 36.01 ? 168 HOH A O   1 
HETATM 843 O  O   . HOH C 3 .  ? -0.191  -12.350 -10.295 1.00 37.25 ? 169 HOH A O   1 
HETATM 844 O  O   . HOH C 3 .  ? 12.247  -9.469  9.816   0.50 46.55 ? 170 HOH A O   1 
HETATM 845 O  O   . HOH C 3 .  ? -5.474  8.634   9.281   1.00 42.68 ? 171 HOH A O   1 
HETATM 846 O  O   . HOH C 3 .  ? 4.264   13.007  -7.176  1.00 40.78 ? 172 HOH A O   1 
HETATM 847 O  O   . HOH C 3 .  ? -2.446  -9.317  10.967  1.00 31.64 ? 173 HOH A O   1 
HETATM 848 O  O   . HOH C 3 .  ? -17.778 9.989   -5.718  1.00 43.61 ? 174 HOH A O   1 
HETATM 849 O  O   . HOH C 3 .  ? -13.847 0.699   -3.131  1.00 32.43 ? 175 HOH A O   1 
HETATM 850 O  O   . HOH C 3 .  ? -2.395  12.166  4.033   1.00 34.27 ? 176 HOH A O   1 
HETATM 851 O  O   . HOH C 3 .  ? 4.169   -9.374  7.614   1.00 40.74 ? 177 HOH A O   1 
HETATM 852 O  O   . HOH C 3 .  ? -12.998 5.670   -1.788  1.00 39.67 ? 178 HOH A O   1 
HETATM 853 O  O   . HOH C 3 .  ? 4.327   -5.849  14.731  1.00 48.52 ? 179 HOH A O   1 
HETATM 854 O  O   . HOH C 3 .  ? 13.917  -6.714  3.577   1.00 48.23 ? 180 HOH A O   1 
HETATM 855 O  O   . HOH C 3 .  ? -8.581  4.668   1.369   1.00 45.92 ? 181 HOH A O   1 
HETATM 856 O  O   . HOH C 3 .  ? -6.417  11.054  -2.228  1.00 33.47 ? 182 HOH A O   1 
HETATM 857 O  O   . HOH C 3 .  ? 14.624  7.516   5.185   1.00 31.32 ? 183 HOH A O   1 
HETATM 858 O  O   . HOH C 3 .  ? 12.845  9.817   13.609  1.00 42.43 ? 184 HOH A O   1 
HETATM 859 O  O   . HOH C 3 .  ? -0.074  3.280   13.394  1.00 48.88 ? 185 HOH A O   1 
HETATM 860 O  O   . HOH C 3 .  ? -14.860 -0.341  -9.597  1.00 41.82 ? 186 HOH A O   1 
HETATM 861 O  O   . HOH C 3 .  ? 8.333   2.590   -11.952 1.00 37.00 ? 187 HOH A O   1 
HETATM 862 O  O   . HOH C 3 .  ? -1.226  -13.250 3.927   1.00 44.10 ? 188 HOH A O   1 
HETATM 863 O  O   . HOH C 3 .  ? 1.701   6.297   15.837  1.00 39.44 ? 189 HOH A O   1 
HETATM 864 O  O   . HOH C 3 .  ? -11.629 -0.237  -13.646 1.00 41.81 ? 190 HOH A O   1 
HETATM 865 O  O   . HOH C 3 .  ? 13.436  6.455   -1.569  1.00 51.97 ? 191 HOH A O   1 
HETATM 866 O  O   . HOH C 3 .  ? 15.149  3.821   -2.622  1.00 37.52 ? 192 HOH A O   1 
HETATM 867 O  O   . HOH C 3 .  ? -11.143 -9.196  1.842   1.00 48.12 ? 193 HOH A O   1 
HETATM 868 O  O   . HOH C 3 .  ? 11.309  13.449  10.827  1.00 34.15 ? 194 HOH A O   1 
HETATM 869 O  O   . HOH C 3 .  ? -9.367  0.189   -15.521 1.00 39.64 ? 195 HOH A O   1 
HETATM 870 O  O   . HOH C 3 .  ? 6.641   -3.101  -12.319 1.00 43.93 ? 196 HOH A O   1 
HETATM 871 O  O   . HOH C 3 .  ? 10.462  3.380   -5.649  1.00 35.10 ? 197 HOH A O   1 
HETATM 872 O  O   . HOH C 3 .  ? 13.254  -3.394  -3.335  1.00 36.27 ? 198 HOH A O   1 
HETATM 873 O  O   . HOH C 3 .  ? 6.906   8.669   -8.336  1.00 35.28 ? 199 HOH A O   1 
HETATM 874 O  O   . HOH C 3 .  ? -11.024 -5.471  -17.993 1.00 39.30 ? 200 HOH A O   1 
HETATM 875 O  O   . HOH C 3 .  ? 6.897   -6.646  13.890  1.00 44.87 ? 201 HOH A O   1 
HETATM 876 O  O   . HOH C 3 .  ? 7.862   -4.887  -6.630  1.00 40.00 ? 202 HOH A O   1 
HETATM 877 O  O   . HOH C 3 .  ? 16.916  -5.617  4.327   1.00 39.92 ? 203 HOH A O   1 
HETATM 878 O  O   . HOH C 3 .  ? -1.485  12.538  6.386   1.00 43.77 ? 204 HOH A O   1 
HETATM 879 O  O   . HOH C 3 .  ? 8.965   -1.582  -7.152  1.00 40.69 ? 205 HOH A O   1 
HETATM 880 O  O   . HOH C 3 .  ? 5.091   2.882   15.917  1.00 45.82 ? 206 HOH A O   1 
HETATM 881 O  O   . HOH C 3 .  ? 14.289  9.794   10.186  1.00 48.31 ? 207 HOH A O   1 
HETATM 882 O  O   . HOH C 3 .  ? 10.774  11.507  -3.562  1.00 61.44 ? 208 HOH A O   1 
HETATM 883 O  O   . HOH C 3 .  ? 8.877   14.361  7.756   1.00 58.32 ? 209 HOH A O   1 
HETATM 884 O  O   . HOH C 3 .  ? -8.713  -5.298  -19.088 1.00 53.92 ? 210 HOH A O   1 
HETATM 885 O  O   . HOH C 3 .  ? -7.849  -4.863  8.292   1.00 47.31 ? 211 HOH A O   1 
HETATM 886 O  O   . HOH C 3 .  ? 0.475   1.173   15.302  1.00 47.82 ? 212 HOH A O   1 
HETATM 887 O  O   . HOH C 3 .  ? -16.028 0.686   -7.119  1.00 38.24 ? 213 HOH A O   1 
HETATM 888 O  O   . HOH C 3 .  ? 12.934  -1.579  -6.314  1.00 38.75 ? 214 HOH A O   1 
HETATM 889 O  O   . HOH C 3 .  ? 6.380   16.711  -3.719  1.00 48.89 ? 215 HOH A O   1 
HETATM 890 O  O   . HOH C 3 .  ? -11.669 -11.799 -5.732  1.00 52.52 ? 216 HOH A O   1 
HETATM 891 O  O   . HOH C 3 .  ? -7.240  -15.169 3.302   1.00 47.74 ? 217 HOH A O   1 
HETATM 892 O  O   . HOH C 3 .  ? -12.920 13.362  -7.331  1.00 50.84 ? 218 HOH A O   1 
HETATM 893 O  O   . HOH C 3 .  ? -11.231 13.507  -5.019  1.00 58.47 ? 219 HOH A O   1 
HETATM 894 O  O   . HOH C 3 .  ? 4.117   -5.087  -14.217 1.00 54.96 ? 220 HOH A O   1 
HETATM 895 O  O   . HOH C 3 .  ? -13.089 -4.716  1.326   1.00 39.27 ? 221 HOH A O   1 
HETATM 896 O  O   . HOH C 3 .  ? -14.478 7.054   -5.802  1.00 49.90 ? 222 HOH A O   1 
HETATM 897 O  O   . HOH C 3 .  ? 2.257   -10.058 5.860   1.00 46.60 ? 223 HOH A O   1 
HETATM 898 O  O   . HOH C 3 .  ? -1.171  -15.319 1.680   1.00 37.61 ? 224 HOH A O   1 
HETATM 899 O  O   . HOH C 3 .  ? -6.804  -1.569  -18.427 1.00 52.16 ? 225 HOH A O   1 
# 
loop_
_atom_site_anisotrop.id 
_atom_site_anisotrop.type_symbol 
_atom_site_anisotrop.pdbx_label_atom_id 
_atom_site_anisotrop.pdbx_label_alt_id 
_atom_site_anisotrop.pdbx_label_comp_id 
_atom_site_anisotrop.pdbx_label_asym_id 
_atom_site_anisotrop.pdbx_label_seq_id 
_atom_site_anisotrop.pdbx_PDB_ins_code 
_atom_site_anisotrop.U[1][1] 
_atom_site_anisotrop.U[2][2] 
_atom_site_anisotrop.U[3][3] 
_atom_site_anisotrop.U[1][2] 
_atom_site_anisotrop.U[1][3] 
_atom_site_anisotrop.U[2][3] 
_atom_site_anisotrop.pdbx_auth_seq_id 
_atom_site_anisotrop.pdbx_auth_comp_id 
_atom_site_anisotrop.pdbx_auth_asym_id 
_atom_site_anisotrop.pdbx_auth_atom_id 
1   N  N   . GLN A 1  ? 0.3503 0.3602 0.3599 -0.0030 0.0007  -0.0047 18  GLN A N   
2   C  CA  . GLN A 1  ? 0.3455 0.3507 0.3507 -0.0016 -0.0002 -0.0036 18  GLN A CA  
3   C  C   . GLN A 1  ? 0.3398 0.3468 0.3419 -0.0002 0.0006  -0.0018 18  GLN A C   
4   O  O   . GLN A 1  ? 0.3541 0.3533 0.3477 -0.0002 0.0002  0.0013  18  GLN A O   
5   C  CB  . GLN A 1  ? 0.3502 0.3552 0.3560 -0.0006 -0.0013 -0.0031 18  GLN A CB  
6   C  CG  . GLN A 1  ? 0.3621 0.3734 0.3749 -0.0052 -0.0002 -0.0026 18  GLN A CG  
7   C  CD  . GLN A 1  ? 0.3930 0.4031 0.4066 0.0047  0.0001  -0.0061 18  GLN A CD  
8   O  OE1 . GLN A 1  ? 0.4352 0.4331 0.4390 -0.0014 -0.0037 -0.0062 18  GLN A OE1 
9   N  NE2 . GLN A 1  ? 0.4010 0.4274 0.4232 0.0025  -0.0108 -0.0024 18  GLN A NE2 
10  N  N   . ILE A 2  ? 0.3314 0.3399 0.3358 0.0005  -0.0011 -0.0036 19  ILE A N   
11  C  CA  . ILE A 2  ? 0.3232 0.3368 0.3285 0.0022  -0.0009 -0.0038 19  ILE A CA  
12  C  C   . ILE A 2  ? 0.3294 0.3442 0.3366 0.0025  -0.0018 -0.0035 19  ILE A C   
13  O  O   . ILE A 2  ? 0.3313 0.3520 0.3391 0.0020  -0.0003 -0.0041 19  ILE A O   
14  C  CB  . ILE A 2  ? 0.3158 0.3299 0.3200 0.0006  -0.0002 -0.0021 19  ILE A CB  
15  C  CG1 . ILE A 2  ? 0.3110 0.3164 0.3068 0.0019  0.0006  -0.0024 19  ILE A CG1 
16  C  CG2 . ILE A 2  ? 0.3078 0.3252 0.3150 0.0063  -0.0020 -0.0027 19  ILE A CG2 
17  C  CD1 . ILE A 2  ? 0.3011 0.3039 0.2982 0.0014  -0.0052 0.0008  19  ILE A CD1 
18  N  N   . PRO A 3  ? 0.3361 0.3500 0.3427 0.0046  -0.0023 -0.0020 20  PRO A N   
19  C  CA  . PRO A 3  ? 0.3371 0.3529 0.3462 0.0045  -0.0023 -0.0029 20  PRO A CA  
20  C  C   . PRO A 3  ? 0.3385 0.3569 0.3492 0.0052  -0.0012 -0.0016 20  PRO A C   
21  O  O   . PRO A 3  ? 0.3304 0.3599 0.3444 0.0082  -0.0030 -0.0013 20  PRO A O   
22  C  CB  . PRO A 3  ? 0.3373 0.3513 0.3450 0.0046  -0.0026 -0.0004 20  PRO A CB  
23  C  CG  . PRO A 3  ? 0.3456 0.3523 0.3465 0.0021  -0.0036 -0.0022 20  PRO A CG  
24  C  CD  . PRO A 3  ? 0.3374 0.3499 0.3439 0.0036  -0.0022 -0.0004 20  PRO A CD  
25  N  N   . ALA A 4  ? 0.3390 0.3610 0.3551 0.0056  -0.0023 -0.0005 21  ALA A N   
26  C  CA  . ALA A 4  ? 0.3372 0.3631 0.3566 0.0054  -0.0016 0.0006  21  ALA A CA  
27  C  C   . ALA A 4  ? 0.3346 0.3632 0.3562 0.0047  -0.0017 0.0011  21  ALA A C   
28  O  O   . ALA A 4  ? 0.3299 0.3678 0.3583 0.0055  -0.0027 0.0023  21  ALA A O   
29  C  CB  . ALA A 4  ? 0.3399 0.3666 0.3608 0.0058  -0.0031 0.0006  21  ALA A CB  
30  N  N   . SER A 5  ? 0.3363 0.3634 0.3567 0.0042  -0.0016 0.0009  22  SER A N   
31  C  CA  . SER A 5  ? 0.3406 0.3593 0.3528 0.0027  -0.0020 -0.0001 22  SER A CA  
32  C  C   . SER A 5  ? 0.3368 0.3538 0.3462 0.0023  -0.0025 -0.0010 22  SER A C   
33  O  O   . SER A 5  ? 0.3319 0.3506 0.3470 0.0059  -0.0061 -0.0022 22  SER A O   
34  C  CB  . SER A 5  ? 0.3430 0.3634 0.3545 0.0015  -0.0038 -0.0004 22  SER A CB  
35  O  OG  . SER A 5  ? 0.3642 0.3730 0.3547 -0.0047 -0.0026 0.0018  22  SER A OG  
36  N  N   . GLU A 6  ? 0.3315 0.3466 0.3364 0.0030  -0.0019 -0.0026 23  GLU A N   
37  C  CA  . GLU A 6  ? 0.3283 0.3399 0.3283 0.0020  -0.0016 -0.0028 23  GLU A CA  
38  C  C   . GLU A 6  ? 0.3261 0.3418 0.3279 0.0032  -0.0027 -0.0034 23  GLU A C   
39  O  O   . GLU A 6  ? 0.3200 0.3434 0.3188 0.0041  -0.0028 -0.0043 23  GLU A O   
40  C  CB  . GLU A 6  ? 0.3234 0.3362 0.3242 0.0035  -0.0019 -0.0035 23  GLU A CB  
41  C  CG  . GLU A 6  ? 0.3111 0.3208 0.3016 0.0030  -0.0028 -0.0049 23  GLU A CG  
42  C  CD  . GLU A 6  ? 0.2874 0.3066 0.2812 0.0102  -0.0086 -0.0104 23  GLU A CD  
43  O  OE1 . GLU A 6  ? 0.2777 0.3214 0.3005 0.0063  -0.0144 -0.0015 23  GLU A OE1 
44  O  OE2 . GLU A 6  ? 0.2627 0.3070 0.2383 0.0163  -0.0113 -0.0262 23  GLU A OE2 
45  N  N   . GLN A 7  ? 0.3275 0.3430 0.3328 0.0049  -0.0024 -0.0033 24  GLN A N   
46  C  CA  . GLN A 7  ? 0.3293 0.3444 0.3329 0.0043  0.0008  -0.0029 24  GLN A CA  
47  C  C   . GLN A 7  ? 0.3265 0.3416 0.3292 0.0048  0.0028  -0.0022 24  GLN A C   
48  O  O   . GLN A 7  ? 0.3189 0.3392 0.3273 0.0087  0.0041  -0.0025 24  GLN A O   
49  C  CB  . GLN A 7  ? 0.3330 0.3461 0.3351 0.0048  0.0008  -0.0023 24  GLN A CB  
50  C  CG  . GLN A 7  ? 0.3441 0.3539 0.3464 0.0030  -0.0010 -0.0012 24  GLN A CG  
51  C  CD  . GLN A 7  ? 0.3645 0.3728 0.3650 0.0054  0.0035  -0.0037 24  GLN A CD  
52  O  OE1 . GLN A 7  ? 0.3980 0.4035 0.3848 0.0012  0.0105  0.0007  24  GLN A OE1 
53  N  NE2 . GLN A 7  ? 0.3681 0.3780 0.3675 0.0063  0.0003  -0.0053 24  GLN A NE2 
54  N  N   . GLU A 8  ? 0.3283 0.3424 0.3317 0.0026  0.0036  -0.0027 25  GLU A N   
55  C  CA  . GLU A 8  ? 0.3292 0.3419 0.3333 0.0016  0.0022  -0.0035 25  GLU A CA  
56  C  C   . GLU A 8  ? 0.3176 0.3344 0.3238 -0.0007 0.0015  -0.0028 25  GLU A C   
57  O  O   . GLU A 8  ? 0.3239 0.3373 0.3233 0.0007  0.0024  -0.0088 25  GLU A O   
58  C  CB  . GLU A 8  ? 0.3370 0.3518 0.3421 0.0002  0.0006  -0.0014 25  GLU A CB  
59  C  CG  . GLU A 8  ? 0.3662 0.3736 0.3765 0.0021  -0.0015 -0.0077 25  GLU A CG  
60  C  CD  . GLU A 8  ? 0.4114 0.4140 0.4060 0.0004  0.0022  0.0014  25  GLU A CD  
61  O  OE1 . GLU A 8  ? 0.4589 0.4343 0.4380 0.0042  -0.0013 -0.0079 25  GLU A OE1 
62  O  OE2 . GLU A 8  ? 0.4408 0.4292 0.4432 0.0023  0.0061  -0.0044 25  GLU A OE2 
63  N  N   . THR A 9  ? 0.3038 0.3205 0.3082 0.0008  0.0014  -0.0044 26  THR A N   
64  C  CA  . THR A 9  ? 0.2892 0.3098 0.2990 0.0016  0.0003  -0.0030 26  THR A CA  
65  C  C   . THR A 9  ? 0.2799 0.3040 0.2894 0.0013  0.0023  -0.0032 26  THR A C   
66  O  O   . THR A 9  ? 0.2728 0.3084 0.2835 0.0018  0.0030  -0.0060 26  THR A O   
67  C  CB  . THR A 9  ? 0.2908 0.3076 0.2976 0.0007  0.0013  -0.0030 26  THR A CB  
68  O  OG1 . THR A 9  ? 0.2815 0.3184 0.3158 0.0069  -0.0024 0.0046  26  THR A OG1 
69  C  CG2 . THR A 9  ? 0.2896 0.3127 0.2996 0.0016  -0.0022 -0.0037 26  THR A CG2 
70  N  N   . LEU A 10 ? 0.2710 0.2981 0.2800 0.0016  0.0021  -0.0025 27  LEU A N   
71  C  CA  . LEU A 10 ? 0.2729 0.2952 0.2814 0.0010  0.0010  -0.0028 27  LEU A CA  
72  C  C   . LEU A 10 ? 0.2675 0.2937 0.2761 0.0005  -0.0006 -0.0039 27  LEU A C   
73  O  O   . LEU A 10 ? 0.2566 0.2991 0.2708 0.0016  -0.0043 -0.0102 27  LEU A O   
74  C  CB  . LEU A 10 ? 0.2805 0.2979 0.2824 0.0015  -0.0015 -0.0015 27  LEU A CB  
75  C  CG  . LEU A 10 ? 0.3014 0.3161 0.3129 0.0001  -0.0007 -0.0004 27  LEU A CG  
76  C  CD1 . LEU A 10 ? 0.3221 0.3465 0.3367 0.0001  -0.0066 -0.0036 27  LEU A CD1 
77  C  CD2 . LEU A 10 ? 0.3287 0.3348 0.3267 -0.0053 -0.0027 0.0086  27  LEU A CD2 
78  N  N   . VAL A 11 ? 0.2716 0.2912 0.2733 -0.0012 0.0011  -0.0045 28  VAL A N   
79  C  CA  . VAL A 11 ? 0.2742 0.2945 0.2763 -0.0034 -0.0002 -0.0060 28  VAL A CA  
80  C  C   . VAL A 11 ? 0.2927 0.3046 0.2890 -0.0054 -0.0005 -0.0050 28  VAL A C   
81  O  O   . VAL A 11 ? 0.2977 0.3082 0.2979 -0.0104 -0.0016 -0.0085 28  VAL A O   
82  C  CB  . VAL A 11 ? 0.2701 0.2901 0.2705 -0.0021 -0.0001 -0.0078 28  VAL A CB  
83  C  CG1 . VAL A 11 ? 0.2573 0.2809 0.2646 -0.0008 0.0006  -0.0099 28  VAL A CG1 
84  C  CG2 . VAL A 11 ? 0.2437 0.2837 0.2616 -0.0057 0.0024  -0.0021 28  VAL A CG2 
85  N  N   . ARG A 12 ? 0.3115 0.3215 0.3054 -0.0047 0.0006  -0.0057 29  ARG A N   
86  C  CA  . ARG A 12 ? 0.3302 0.3349 0.3222 -0.0038 0.0003  -0.0021 29  ARG A CA  
87  C  C   . ARG A 12 ? 0.3288 0.3324 0.3206 -0.0045 -0.0004 -0.0043 29  ARG A C   
88  O  O   . ARG A 12 ? 0.3294 0.3298 0.3109 -0.0111 -0.0027 -0.0051 29  ARG A O   
89  C  CB  . ARG A 12 ? 0.3452 0.3451 0.3347 -0.0028 0.0010  -0.0030 29  ARG A CB  
90  C  CG  . ARG A 12 ? 0.3827 0.3983 0.3923 -0.0035 -0.0022 0.0020  29  ARG A CG  
91  C  CD  . ARG A 12 ? 0.4696 0.4533 0.4533 -0.0004 -0.0009 -0.0095 29  ARG A CD  
92  N  NE  . ARG A 12 ? 0.5103 0.5216 0.5259 -0.0083 0.0018  -0.0026 29  ARG A NE  
93  C  CZ  . ARG A 12 ? 0.5712 0.5758 0.5700 -0.0004 -0.0077 0.0013  29  ARG A CZ  
94  N  NH1 . ARG A 12 ? 0.5852 0.5956 0.5964 -0.0051 -0.0007 0.0008  29  ARG A NH1 
95  N  NH2 . ARG A 12 ? 0.5968 0.5890 0.5896 -0.0031 -0.0012 0.0042  29  ARG A NH2 
96  N  N   . PRO A 13 ? 0.3315 0.3349 0.3216 -0.0036 -0.0005 -0.0025 30  PRO A N   
97  C  CA  . PRO A 13 ? 0.3355 0.3362 0.3283 -0.0038 -0.0009 -0.0013 30  PRO A CA  
98  C  C   . PRO A 13 ? 0.3448 0.3441 0.3351 -0.0035 -0.0015 -0.0030 30  PRO A C   
99  O  O   . PRO A 13 ? 0.3450 0.3442 0.3335 -0.0036 -0.0053 -0.0020 30  PRO A O   
100 C  CB  . PRO A 13 ? 0.3328 0.3311 0.3231 -0.0028 -0.0014 -0.0007 30  PRO A CB  
101 C  CG  . PRO A 13 ? 0.3317 0.3338 0.3205 -0.0023 0.0011  -0.0012 30  PRO A CG  
102 C  CD  . PRO A 13 ? 0.3323 0.3363 0.3271 -0.0019 -0.0005 -0.0034 30  PRO A CD  
103 N  N   . LYS A 14 ? 0.3540 0.3556 0.3501 -0.0060 -0.0011 -0.0048 31  LYS A N   
104 C  CA  . LYS A 14 ? 0.3671 0.3648 0.3666 -0.0029 -0.0017 -0.0034 31  LYS A CA  
105 C  C   . LYS A 14 ? 0.3755 0.3738 0.3729 -0.0038 -0.0025 -0.0031 31  LYS A C   
106 O  O   . LYS A 14 ? 0.3743 0.3705 0.3727 -0.0013 -0.0008 -0.0038 31  LYS A O   
107 C  CB  . LYS A 14 ? 0.3681 0.3694 0.3685 -0.0021 -0.0010 -0.0050 31  LYS A CB  
108 C  CG  . LYS A 14 ? 0.3822 0.3820 0.3818 -0.0002 -0.0015 -0.0025 31  LYS A CG  
109 C  CD  . LYS A 14 ? 0.3990 0.4030 0.4019 -0.0001 0.0029  -0.0009 31  LYS A CD  
110 C  CE  . LYS A 14 ? 0.4157 0.4135 0.4115 -0.0008 0.0010  0.0027  31  LYS A CE  
111 N  NZ  . LYS A 14 ? 0.4220 0.4293 0.4365 -0.0008 0.0018  0.0049  31  LYS A NZ  
112 N  N   . PRO A 15 ? 0.3842 0.3836 0.3830 -0.0013 -0.0013 -0.0021 32  PRO A N   
113 C  CA  . PRO A 15 ? 0.3902 0.3884 0.3880 -0.0007 -0.0023 -0.0010 32  PRO A CA  
114 C  C   . PRO A 15 ? 0.3903 0.3880 0.3883 -0.0011 -0.0026 -0.0011 32  PRO A C   
115 O  O   . PRO A 15 ? 0.3916 0.3893 0.3901 -0.0018 -0.0021 -0.0006 32  PRO A O   
116 C  CB  . PRO A 15 ? 0.3907 0.3902 0.3889 -0.0007 -0.0005 -0.0002 32  PRO A CB  
117 C  CG  . PRO A 15 ? 0.3908 0.3892 0.3893 -0.0004 -0.0018 -0.0009 32  PRO A CG  
118 C  CD  . PRO A 15 ? 0.3869 0.3866 0.3874 -0.0011 -0.0003 -0.0013 32  PRO A CD  
119 N  N   . LEU A 16 ? 0.3879 0.3869 0.3862 -0.0002 -0.0028 -0.0008 33  LEU A N   
120 C  CA  . LEU A 16 ? 0.3830 0.3812 0.3820 -0.0007 -0.0021 -0.0018 33  LEU A CA  
121 C  C   . LEU A 16 ? 0.3734 0.3675 0.3692 -0.0018 -0.0032 -0.0011 33  LEU A C   
122 O  O   . LEU A 16 ? 0.3749 0.3651 0.3715 -0.0003 -0.0046 -0.0048 33  LEU A O   
123 C  CB  . LEU A 16 ? 0.3851 0.3843 0.3839 -0.0011 -0.0021 -0.0020 33  LEU A CB  
124 C  CG  . LEU A 16 ? 0.3940 0.3941 0.3967 0.0008  -0.0024 -0.0015 33  LEU A CG  
125 C  CD1 . LEU A 16 ? 0.3993 0.4087 0.4089 0.0010  -0.0038 -0.0006 33  LEU A CD1 
126 C  CD2 . LEU A 16 ? 0.4006 0.4032 0.4016 0.0018  -0.0051 0.0018  33  LEU A CD2 
127 N  N   . LEU A 17 ? 0.3579 0.3543 0.3557 -0.0016 -0.0022 -0.0031 34  LEU A N   
128 C  CA  . LEU A 17 ? 0.3460 0.3447 0.3435 -0.0036 -0.0011 -0.0007 34  LEU A CA  
129 C  C   . LEU A 17 ? 0.3416 0.3387 0.3397 -0.0027 0.0003  0.0000  34  LEU A C   
130 O  O   . LEU A 17 ? 0.3338 0.3332 0.3321 -0.0069 0.0012  0.0064  34  LEU A O   
131 C  CB  . LEU A 17 ? 0.3443 0.3435 0.3411 -0.0020 -0.0006 -0.0013 34  LEU A CB  
132 C  CG  . LEU A 17 ? 0.3344 0.3363 0.3277 -0.0023 -0.0006 -0.0029 34  LEU A CG  
133 C  CD1 . LEU A 17 ? 0.3311 0.3296 0.3246 -0.0006 0.0007  -0.0058 34  LEU A CD1 
134 C  CD2 . LEU A 17 ? 0.3154 0.3280 0.3136 0.0005  -0.0006 -0.0045 34  LEU A CD2 
135 N  N   . LEU A 18 ? 0.3374 0.3352 0.3369 -0.0025 0.0002  0.0014  35  LEU A N   
136 C  CA  . LEU A 18 ? 0.3424 0.3392 0.3412 -0.0022 -0.0016 -0.0011 35  LEU A CA  
137 C  C   . LEU A 18 ? 0.3518 0.3453 0.3489 -0.0040 -0.0016 -0.0003 35  LEU A C   
138 O  O   . LEU A 18 ? 0.3553 0.3433 0.3446 -0.0047 -0.0021 0.0001  35  LEU A O   
139 C  CB  . LEU A 18 ? 0.3410 0.3380 0.3381 -0.0001 -0.0025 -0.0003 35  LEU A CB  
140 C  CG  . LEU A 18 ? 0.3437 0.3401 0.3451 -0.0039 -0.0024 -0.0032 35  LEU A CG  
141 C  CD1 . LEU A 18 ? 0.3435 0.3331 0.3467 -0.0004 0.0003  -0.0047 35  LEU A CD1 
142 C  CD2 . LEU A 18 ? 0.3494 0.3557 0.3449 -0.0084 -0.0050 -0.0059 35  LEU A CD2 
143 N  N   . LYS A 19 ? 0.3663 0.3605 0.3658 -0.0028 -0.0026 -0.0003 36  LYS A N   
144 C  CA  . LYS A 19 ? 0.3822 0.3788 0.3796 -0.0033 -0.0014 0.0008  36  LYS A CA  
145 C  C   . LYS A 19 ? 0.3942 0.3912 0.3890 -0.0028 -0.0011 0.0000  36  LYS A C   
146 O  O   . LYS A 19 ? 0.3979 0.3949 0.3897 -0.0034 -0.0016 0.0024  36  LYS A O   
147 C  CB  . LYS A 19 ? 0.3820 0.3811 0.3838 -0.0017 -0.0019 -0.0001 36  LYS A CB  
148 C  CG  . LYS A 19 ? 0.3957 0.3933 0.3945 -0.0020 -0.0015 0.0021  36  LYS A CG  
149 C  CD  . LYS A 19 ? 0.4065 0.4122 0.4108 0.0002  0.0004  -0.0002 36  LYS A CD  
150 C  CE  . LYS A 19 ? 0.4249 0.4285 0.4234 -0.0004 0.0040  -0.0010 36  LYS A CE  
151 N  N   . LEU A 20 ? 0.4081 0.4020 0.4007 -0.0037 -0.0014 0.0010  37  LEU A N   
152 C  CA  . LEU A 20 ? 0.4189 0.4109 0.4119 -0.0023 -0.0010 0.0003  37  LEU A CA  
153 C  C   . LEU A 20 ? 0.4248 0.4162 0.4172 -0.0025 -0.0003 0.0004  37  LEU A C   
154 O  O   . LEU A 20 ? 0.4316 0.4181 0.4166 -0.0043 -0.0013 0.0004  37  LEU A O   
155 C  CB  . LEU A 20 ? 0.4219 0.4164 0.4149 -0.0011 -0.0015 0.0006  37  LEU A CB  
156 C  CG  . LEU A 20 ? 0.4229 0.4172 0.4146 -0.0017 -0.0003 0.0045  37  LEU A CG  
157 C  CD1 . LEU A 20 ? 0.4269 0.4224 0.4118 -0.0015 0.0007  0.0030  37  LEU A CD1 
158 C  CD2 . LEU A 20 ? 0.4118 0.4222 0.4079 0.0011  -0.0060 -0.0005 37  LEU A CD2 
159 N  N   . LEU A 21 ? 0.4293 0.4214 0.4220 -0.0028 0.0000  0.0016  38  LEU A N   
160 C  CA  . LEU A 21 ? 0.4321 0.4266 0.4273 -0.0020 0.0006  0.0008  38  LEU A CA  
161 C  C   . LEU A 21 ? 0.4366 0.4321 0.4317 -0.0017 0.0005  0.0010  38  LEU A C   
162 O  O   . LEU A 21 ? 0.4342 0.4278 0.4303 -0.0010 0.0016  0.0009  38  LEU A O   
163 C  CB  . LEU A 21 ? 0.4311 0.4303 0.4296 -0.0009 0.0000  0.0001  38  LEU A CB  
164 C  CG  . LEU A 21 ? 0.4310 0.4286 0.4275 -0.0033 -0.0004 0.0015  38  LEU A CG  
165 C  CD1 . LEU A 21 ? 0.4330 0.4373 0.4314 -0.0042 -0.0019 0.0045  38  LEU A CD1 
166 C  CD2 . LEU A 21 ? 0.4180 0.4266 0.4242 -0.0008 0.0053  0.0029  38  LEU A CD2 
167 N  N   . LYS A 22 ? 0.4426 0.4361 0.4365 -0.0018 0.0007  0.0012  39  LYS A N   
168 C  CA  . LYS A 22 ? 0.4468 0.4415 0.4413 -0.0030 0.0002  0.0010  39  LYS A CA  
169 C  C   . LYS A 22 ? 0.4465 0.4400 0.4392 -0.0035 -0.0001 0.0017  39  LYS A C   
170 O  O   . LYS A 22 ? 0.4492 0.4423 0.4401 -0.0068 0.0002  0.0025  39  LYS A O   
171 C  CB  . LYS A 22 ? 0.4489 0.4422 0.4441 -0.0027 0.0002  0.0009  39  LYS A CB  
172 C  CG  . LYS A 22 ? 0.4524 0.4471 0.4456 -0.0022 0.0000  -0.0004 39  LYS A CG  
173 C  CD  . LYS A 22 ? 0.4601 0.4421 0.4554 -0.0033 0.0009  0.0023  39  LYS A CD  
174 N  N   . SER A 23 ? 0.4465 0.4367 0.4360 -0.0035 0.0001  0.0034  40  SER A N   
175 C  CA  . SER A 23 ? 0.4438 0.4336 0.4336 -0.0022 -0.0001 0.0030  40  SER A CA  
176 C  C   . SER A 23 ? 0.4411 0.4285 0.4302 -0.0022 -0.0002 0.0025  40  SER A C   
177 O  O   . SER A 23 ? 0.4398 0.4260 0.4297 -0.0024 -0.0008 0.0015  40  SER A O   
178 C  CB  . SER A 23 ? 0.4426 0.4327 0.4338 -0.0035 -0.0015 0.0025  40  SER A CB  
179 O  OG  . SER A 23 ? 0.4571 0.4379 0.4352 -0.0017 -0.0020 0.0034  40  SER A OG  
180 N  N   . VAL A 24 ? 0.4396 0.4309 0.4305 -0.0007 0.0013  0.0003  41  VAL A N   
181 C  CA  . VAL A 24 ? 0.4370 0.4322 0.4320 -0.0017 0.0017  0.0005  41  VAL A CA  
182 C  C   . VAL A 24 ? 0.4356 0.4314 0.4295 -0.0033 0.0039  0.0008  41  VAL A C   
183 O  O   . VAL A 24 ? 0.4393 0.4374 0.4308 -0.0042 0.0057  0.0015  41  VAL A O   
184 C  CB  . VAL A 24 ? 0.4358 0.4308 0.4359 -0.0024 0.0024  -0.0002 41  VAL A CB  
185 C  CG1 . VAL A 24 ? 0.4433 0.4383 0.4472 -0.0007 -0.0005 -0.0014 41  VAL A CG1 
186 C  CG2 . VAL A 24 ? 0.4398 0.4352 0.4437 -0.0034 -0.0007 -0.0019 41  VAL A CG2 
187 N  N   . GLY A 25 ? 0.4369 0.4332 0.4299 -0.0045 0.0050  0.0013  42  GLY A N   
188 C  CA  . GLY A 25 ? 0.4362 0.4345 0.4308 -0.0045 0.0036  0.0012  42  GLY A CA  
189 C  C   . GLY A 25 ? 0.4400 0.4389 0.4360 -0.0047 0.0037  -0.0005 42  GLY A C   
190 O  O   . GLY A 25 ? 0.4442 0.4453 0.4389 -0.0056 0.0077  -0.0012 42  GLY A O   
191 N  N   . ALA A 26 ? 0.4431 0.4419 0.4403 -0.0061 0.0039  -0.0011 43  ALA A N   
192 C  CA  . ALA A 26 ? 0.4481 0.4460 0.4444 -0.0041 0.0022  -0.0010 43  ALA A CA  
193 C  C   . ALA A 26 ? 0.4530 0.4510 0.4514 -0.0026 0.0019  -0.0015 43  ALA A C   
194 O  O   . ALA A 26 ? 0.4571 0.4564 0.4561 -0.0004 0.0011  -0.0028 43  ALA A O   
195 C  CB  . ALA A 26 ? 0.4466 0.4422 0.4415 -0.0053 0.0013  -0.0004 43  ALA A CB  
196 N  N   . GLN A 27 ? 0.4583 0.4580 0.4580 -0.0030 0.0007  -0.0019 44  GLN A N   
197 C  CA  . GLN A 27 ? 0.4617 0.4607 0.4620 -0.0025 0.0008  -0.0017 44  GLN A CA  
198 C  C   . GLN A 27 ? 0.4622 0.4611 0.4607 -0.0018 0.0001  -0.0014 44  GLN A C   
199 O  O   . GLN A 27 ? 0.4651 0.4635 0.4655 -0.0022 -0.0014 -0.0003 44  GLN A O   
200 C  CB  . GLN A 27 ? 0.4647 0.4633 0.4667 -0.0031 0.0007  -0.0020 44  GLN A CB  
201 N  N   . LYS A 28 ? 0.4609 0.4589 0.4591 -0.0022 0.0007  -0.0010 45  LYS A N   
202 C  CA  . LYS A 28 ? 0.4559 0.4554 0.4549 -0.0024 0.0006  -0.0002 45  LYS A CA  
203 C  C   . LYS A 28 ? 0.4502 0.4442 0.4435 -0.0025 0.0003  0.0003  45  LYS A C   
204 O  O   . LYS A 28 ? 0.4493 0.4421 0.4420 -0.0052 0.0013  0.0008  45  LYS A O   
205 C  CB  . LYS A 28 ? 0.4603 0.4591 0.4591 -0.0016 -0.0004 0.0006  45  LYS A CB  
206 C  CG  . LYS A 28 ? 0.4698 0.4641 0.4662 -0.0034 -0.0006 -0.0010 45  LYS A CG  
207 C  CD  . LYS A 28 ? 0.4792 0.4790 0.4776 -0.0015 0.0005  0.0001  45  LYS A CD  
208 C  CE  . LYS A 28 ? 0.4863 0.4800 0.4822 -0.0003 0.0010  -0.0009 45  LYS A CE  
209 N  NZ  . LYS A 28 ? 0.4877 0.4858 0.4893 -0.0046 -0.0003 0.0000  45  LYS A NZ  
210 N  N   . ASP A 29 ? 0.4384 0.4312 0.4332 -0.0030 0.0019  -0.0009 46  ASP A N   
211 C  CA  . ASP A 29 ? 0.4299 0.4226 0.4248 -0.0020 0.0011  -0.0016 46  ASP A CA  
212 C  C   . ASP A 29 ? 0.4178 0.4122 0.4135 -0.0019 0.0020  -0.0028 46  ASP A C   
213 O  O   . ASP A 29 ? 0.4203 0.4138 0.4171 -0.0025 0.0025  -0.0012 46  ASP A O   
214 C  CB  . ASP A 29 ? 0.4340 0.4254 0.4275 -0.0026 0.0020  -0.0028 46  ASP A CB  
215 C  CG  . ASP A 29 ? 0.4471 0.4353 0.4419 -0.0010 0.0007  -0.0006 46  ASP A CG  
216 O  OD1 . ASP A 29 ? 0.4820 0.4618 0.4723 0.0044  0.0072  -0.0072 46  ASP A OD1 
217 O  OD2 . ASP A 29 ? 0.4701 0.4556 0.4512 -0.0033 0.0033  -0.0039 46  ASP A OD2 
218 N  N   . THR A 30 ? 0.4069 0.4022 0.4018 -0.0026 0.0024  -0.0031 47  THR A N   
219 C  CA  . THR A 30 ? 0.3987 0.3965 0.3938 -0.0033 0.0039  -0.0033 47  THR A CA  
220 C  C   . THR A 30 ? 0.3868 0.3892 0.3829 -0.0052 0.0045  -0.0025 47  THR A C   
221 O  O   . THR A 30 ? 0.3849 0.3936 0.3826 -0.0087 0.0082  -0.0030 47  THR A O   
222 C  CB  . THR A 30 ? 0.3996 0.3968 0.3950 -0.0027 0.0017  -0.0034 47  THR A CB  
223 O  OG1 . THR A 30 ? 0.4188 0.4072 0.4068 -0.0034 0.0066  -0.0046 47  THR A OG1 
224 C  CG2 . THR A 30 ? 0.4048 0.3996 0.3985 -0.0048 0.0036  -0.0029 47  THR A CG2 
225 N  N   . TYR A 31 ? 0.3686 0.3758 0.3644 -0.0062 0.0051  -0.0034 48  TYR A N   
226 C  CA  . TYR A 31 ? 0.3531 0.3633 0.3543 -0.0044 0.0032  -0.0014 48  TYR A CA  
227 C  C   . TYR A 31 ? 0.3388 0.3552 0.3408 -0.0043 0.0009  -0.0050 48  TYR A C   
228 O  O   . TYR A 31 ? 0.3346 0.3567 0.3383 -0.0071 0.0021  -0.0072 48  TYR A O   
229 C  CB  . TYR A 31 ? 0.3541 0.3636 0.3537 -0.0045 0.0036  -0.0025 48  TYR A CB  
230 C  CG  . TYR A 31 ? 0.3602 0.3644 0.3610 -0.0047 0.0015  -0.0004 48  TYR A CG  
231 C  CD1 . TYR A 31 ? 0.3481 0.3634 0.3562 -0.0054 0.0040  -0.0005 48  TYR A CD1 
232 C  CD2 . TYR A 31 ? 0.3768 0.3773 0.3664 -0.0011 0.0015  -0.0009 48  TYR A CD2 
233 C  CE1 . TYR A 31 ? 0.3684 0.3700 0.3655 -0.0028 0.0023  -0.0051 48  TYR A CE1 
234 C  CE2 . TYR A 31 ? 0.3838 0.3813 0.3733 0.0007  0.0022  0.0018  48  TYR A CE2 
235 C  CZ  . TYR A 31 ? 0.3827 0.3807 0.3705 0.0002  0.0025  -0.0006 48  TYR A CZ  
236 O  OH  . TYR A 31 ? 0.4034 0.3790 0.3851 -0.0009 0.0071  0.0011  48  TYR A OH  
237 N  N   . THR A 32 ? 0.3288 0.3429 0.3248 -0.0045 0.0003  -0.0035 49  THR A N   
238 C  CA  . THR A 32 ? 0.3179 0.3327 0.3135 -0.0033 -0.0002 -0.0038 49  THR A CA  
239 C  C   . THR A 32 ? 0.3071 0.3191 0.3028 -0.0008 0.0002  -0.0034 49  THR A C   
240 O  O   . THR A 32 ? 0.2971 0.3132 0.2939 -0.0026 -0.0011 -0.0065 49  THR A O   
241 C  CB  . THR A 32 ? 0.3208 0.3338 0.3131 -0.0033 -0.0005 -0.0021 49  THR A CB  
242 O  OG1 . THR A 32 ? 0.3184 0.3357 0.3084 -0.0069 -0.0012 -0.0063 49  THR A OG1 
243 C  CG2 . THR A 32 ? 0.3197 0.3382 0.3185 -0.0071 -0.0005 -0.0025 49  THR A CG2 
244 N  N   . MET A 33 ? 0.2944 0.3094 0.2930 -0.0007 -0.0023 -0.0042 50  MET A N   
245 C  CA  . MET A 33 ? 0.2860 0.3000 0.2852 0.0006  0.0001  -0.0031 50  MET A CA  
246 C  C   . MET A 33 ? 0.2778 0.2932 0.2799 0.0018  0.0016  -0.0041 50  MET A C   
247 O  O   . MET A 33 ? 0.2707 0.2853 0.2748 -0.0001 0.0036  -0.0054 50  MET A O   
248 C  CB  . MET A 33 ? 0.2822 0.2988 0.2808 0.0012  -0.0027 -0.0029 50  MET A CB  
249 C  CG  . MET A 33 ? 0.2691 0.2955 0.2761 0.0017  -0.0009 -0.0005 50  MET A CG  
250 S  SD  . MET A 33 ? 0.2523 0.3282 0.2733 0.0000  0.0031  -0.0038 50  MET A SD  
251 C  CE  . MET A 33 ? 0.2914 0.2941 0.2594 -0.0025 0.0067  0.0049  50  MET A CE  
252 N  N   . LYS A 34 ? 0.2718 0.2915 0.2789 0.0009  0.0035  -0.0049 51  LYS A N   
253 C  CA  . LYS A 34 ? 0.2694 0.2925 0.2789 0.0015  0.0028  -0.0047 51  LYS A CA  
254 C  C   . LYS A 34 ? 0.2646 0.2916 0.2764 0.0017  0.0051  -0.0051 51  LYS A C   
255 O  O   . LYS A 34 ? 0.2637 0.2985 0.2802 -0.0016 0.0082  -0.0072 51  LYS A O   
256 C  CB  . LYS A 34 ? 0.2714 0.2907 0.2822 0.0041  0.0022  -0.0036 51  LYS A CB  
257 C  CG  . LYS A 34 ? 0.2894 0.3073 0.2931 0.0030  0.0063  -0.0031 51  LYS A CG  
258 N  N   . GLU A 35 ? 0.2651 0.2912 0.2704 0.0012  0.0055  -0.0048 52  GLU A N   
259 C  CA  . GLU A 35 ? 0.2643 0.2878 0.2698 0.0012  0.0057  -0.0040 52  GLU A CA  
260 C  C   . GLU A 35 ? 0.2591 0.2790 0.2620 -0.0014 0.0042  -0.0026 52  GLU A C   
261 O  O   . GLU A 35 ? 0.2642 0.2790 0.2605 -0.0086 0.0089  0.0019  52  GLU A O   
262 C  CB  . GLU A 35 ? 0.2730 0.2936 0.2743 0.0019  0.0053  -0.0040 52  GLU A CB  
263 C  CG  . GLU A 35 ? 0.2881 0.3088 0.2924 -0.0021 0.0063  -0.0002 52  GLU A CG  
264 C  CD  . GLU A 35 ? 0.3263 0.3312 0.3163 -0.0108 0.0063  -0.0092 52  GLU A CD  
265 O  OE1 . GLU A 35 ? 0.3204 0.3385 0.3152 -0.0136 0.0100  -0.0011 52  GLU A OE1 
266 O  OE2 . GLU A 35 ? 0.3590 0.3659 0.3519 -0.0177 0.0148  -0.0065 52  GLU A OE2 
267 N  N   . VAL A 36 ? 0.2439 0.2680 0.2499 -0.0005 0.0043  -0.0032 53  VAL A N   
268 C  CA  . VAL A 36 ? 0.2370 0.2581 0.2421 -0.0003 0.0028  -0.0024 53  VAL A CA  
269 C  C   . VAL A 36 ? 0.2393 0.2588 0.2414 0.0004  0.0043  -0.0009 53  VAL A C   
270 O  O   . VAL A 36 ? 0.2354 0.2551 0.2259 -0.0047 -0.0022 -0.0006 53  VAL A O   
271 C  CB  . VAL A 36 ? 0.2316 0.2532 0.2386 -0.0013 0.0016  -0.0025 53  VAL A CB  
272 C  CG1 . VAL A 36 ? 0.2131 0.2505 0.2285 0.0056  0.0047  -0.0060 53  VAL A CG1 
273 C  CG2 . VAL A 36 ? 0.2391 0.2530 0.2306 -0.0014 0.0013  -0.0036 53  VAL A CG2 
274 N  N   . LEU A 37 ? 0.2373 0.2625 0.2422 0.0018  0.0034  -0.0030 54  LEU A N   
275 C  CA  . LEU A 37 ? 0.2445 0.2639 0.2473 -0.0006 0.0021  -0.0034 54  LEU A CA  
276 C  C   . LEU A 37 ? 0.2453 0.2659 0.2483 0.0008  0.0030  -0.0047 54  LEU A C   
277 O  O   . LEU A 37 ? 0.2383 0.2621 0.2391 0.0042  0.0024  -0.0049 54  LEU A O   
278 C  CB  . LEU A 37 ? 0.2461 0.2669 0.2498 0.0018  -0.0021 -0.0074 54  LEU A CB  
279 C  CG  . LEU A 37 ? 0.2673 0.2730 0.2624 -0.0073 0.0048  0.0028  54  LEU A CG  
280 C  CD1 . LEU A 37 ? 0.2588 0.2821 0.2630 0.0000  -0.0114 -0.0062 54  LEU A CD1 
281 C  CD2 . LEU A 37 ? 0.2875 0.2662 0.2598 -0.0031 0.0036  -0.0077 54  LEU A CD2 
282 N  N   . PHE A 38 ? 0.2450 0.2719 0.2532 0.0011  0.0020  -0.0030 55  PHE A N   
283 C  CA  . PHE A 38 ? 0.2484 0.2712 0.2574 0.0004  0.0015  -0.0021 55  PHE A CA  
284 C  C   . PHE A 38 ? 0.2583 0.2755 0.2623 -0.0012 0.0035  -0.0002 55  PHE A C   
285 O  O   . PHE A 38 ? 0.2507 0.2761 0.2599 -0.0010 0.0045  -0.0036 55  PHE A O   
286 C  CB  . PHE A 38 ? 0.2394 0.2675 0.2539 -0.0005 -0.0001 -0.0021 55  PHE A CB  
287 C  CG  . PHE A 38 ? 0.2222 0.2634 0.2517 0.0027  -0.0103 -0.0014 55  PHE A CG  
288 C  CD1 . PHE A 38 ? 0.2148 0.2659 0.2575 0.0077  -0.0063 0.0024  55  PHE A CD1 
289 C  CD2 . PHE A 38 ? 0.2102 0.2628 0.2469 0.0059  -0.0090 0.0024  55  PHE A CD2 
290 C  CE1 . PHE A 38 ? 0.2149 0.2570 0.2470 0.0098  -0.0052 -0.0008 55  PHE A CE1 
291 C  CE2 . PHE A 38 ? 0.2291 0.2639 0.2614 0.0042  -0.0043 0.0031  55  PHE A CE2 
292 C  CZ  . PHE A 38 ? 0.2245 0.2573 0.2447 0.0019  -0.0032 0.0012  55  PHE A CZ  
293 N  N   . TYR A 39 ? 0.2738 0.2843 0.2694 -0.0038 0.0054  -0.0015 56  TYR A N   
294 C  CA  . TYR A 39 ? 0.2825 0.2896 0.2819 -0.0019 0.0039  -0.0001 56  TYR A CA  
295 C  C   . TYR A 39 ? 0.2871 0.2858 0.2817 -0.0023 0.0034  -0.0012 56  TYR A C   
296 O  O   . TYR A 39 ? 0.2871 0.2822 0.2809 -0.0074 0.0016  0.0011  56  TYR A O   
297 C  CB  . TYR A 39 ? 0.2894 0.2983 0.2888 -0.0006 0.0033  -0.0010 56  TYR A CB  
298 C  CG  . TYR A 39 ? 0.3165 0.3295 0.3287 -0.0046 0.0029  0.0004  56  TYR A CG  
299 C  CD1 . TYR A 39 ? 0.3502 0.3578 0.3478 -0.0043 0.0023  0.0019  56  TYR A CD1 
300 C  CD2 . TYR A 39 ? 0.3495 0.3562 0.3475 -0.0039 -0.0026 0.0024  56  TYR A CD2 
301 C  CE1 . TYR A 39 ? 0.3598 0.3732 0.3721 -0.0073 -0.0001 0.0018  56  TYR A CE1 
302 C  CE2 . TYR A 39 ? 0.3572 0.3689 0.3700 -0.0045 -0.0021 0.0029  56  TYR A CE2 
303 C  CZ  . TYR A 39 ? 0.3731 0.3891 0.3770 -0.0046 -0.0003 0.0004  56  TYR A CZ  
304 O  OH  . TYR A 39 ? 0.3734 0.4021 0.3988 -0.0110 -0.0095 0.0004  56  TYR A OH  
305 N  N   . LEU A 40 ? 0.2884 0.2848 0.2817 -0.0030 0.0029  -0.0009 57  LEU A N   
306 C  CA  . LEU A 40 ? 0.2884 0.2912 0.2835 -0.0026 0.0026  0.0017  57  LEU A CA  
307 C  C   . LEU A 40 ? 0.2864 0.2916 0.2808 -0.0036 0.0039  0.0033  57  LEU A C   
308 O  O   . LEU A 40 ? 0.2700 0.2910 0.2700 -0.0093 0.0067  0.0058  57  LEU A O   
309 C  CB  . LEU A 40 ? 0.2893 0.2943 0.2862 -0.0028 0.0026  0.0022  57  LEU A CB  
310 C  CG  . LEU A 40 ? 0.3066 0.3007 0.2928 -0.0019 0.0027  -0.0011 57  LEU A CG  
311 C  CD1 . LEU A 40 ? 0.3221 0.3017 0.2979 -0.0083 0.0087  -0.0063 57  LEU A CD1 
312 C  CD2 . LEU A 40 ? 0.2822 0.2976 0.2899 -0.0060 0.0007  0.0022  57  LEU A CD2 
313 N  N   . GLY A 41 ? 0.2858 0.2964 0.2841 -0.0022 0.0029  0.0030  58  GLY A N   
314 C  CA  . GLY A 41 ? 0.2909 0.2990 0.2912 -0.0003 0.0031  0.0006  58  GLY A CA  
315 C  C   . GLY A 41 ? 0.2973 0.3071 0.2974 -0.0007 0.0044  -0.0014 58  GLY A C   
316 O  O   . GLY A 41 ? 0.2963 0.3123 0.2960 -0.0020 0.0046  -0.0012 58  GLY A O   
317 N  N   . GLN A 42 ? 0.3077 0.3117 0.3027 -0.0022 0.0041  -0.0020 59  GLN A N   
318 C  CA  . GLN A 42 ? 0.3120 0.3156 0.3082 -0.0021 0.0026  -0.0009 59  GLN A CA  
319 C  C   . GLN A 42 ? 0.3031 0.3061 0.2984 -0.0031 0.0032  -0.0008 59  GLN A C   
320 O  O   . GLN A 42 ? 0.3015 0.3107 0.3017 -0.0051 0.0068  -0.0009 59  GLN A O   
321 C  CB  . GLN A 42 ? 0.3192 0.3215 0.3136 -0.0032 0.0029  0.0000  59  GLN A CB  
322 C  CG  . GLN A 42 ? 0.3289 0.3445 0.3380 -0.0008 0.0007  0.0029  59  GLN A CG  
323 C  CD  . GLN A 42 ? 0.3464 0.3720 0.3561 0.0015  -0.0012 -0.0007 59  GLN A CD  
324 O  OE1 . GLN A 42 ? 0.3744 0.4136 0.3867 -0.0009 0.0009  0.0117  59  GLN A OE1 
325 N  NE2 . GLN A 42 ? 0.3374 0.3757 0.3528 -0.0032 -0.0076 -0.0053 59  GLN A NE2 
326 N  N   . TYR A 43 ? 0.2932 0.2950 0.2884 -0.0026 0.0008  -0.0011 60  TYR A N   
327 C  CA  . TYR A 43 ? 0.2872 0.2892 0.2791 -0.0007 0.0003  -0.0009 60  TYR A CA  
328 C  C   . TYR A 43 ? 0.2854 0.2865 0.2777 0.0015  0.0010  -0.0007 60  TYR A C   
329 O  O   . TYR A 43 ? 0.2860 0.2899 0.2773 0.0022  0.0017  -0.0035 60  TYR A O   
330 C  CB  . TYR A 43 ? 0.2849 0.2881 0.2786 -0.0006 -0.0003 0.0004  60  TYR A CB  
331 C  CG  . TYR A 43 ? 0.2822 0.2790 0.2585 -0.0013 -0.0017 -0.0023 60  TYR A CG  
332 C  CD1 . TYR A 43 ? 0.2852 0.2759 0.2574 0.0019  0.0000  -0.0005 60  TYR A CD1 
333 C  CD2 . TYR A 43 ? 0.2787 0.2765 0.2485 -0.0014 0.0028  -0.0039 60  TYR A CD2 
334 C  CE1 . TYR A 43 ? 0.2784 0.2700 0.2554 -0.0023 -0.0015 -0.0022 60  TYR A CE1 
335 C  CE2 . TYR A 43 ? 0.2757 0.2657 0.2495 -0.0039 -0.0025 0.0003  60  TYR A CE2 
336 C  CZ  . TYR A 43 ? 0.2800 0.2687 0.2526 -0.0030 -0.0010 -0.0006 60  TYR A CZ  
337 O  OH  . TYR A 43 ? 0.2856 0.2531 0.2518 -0.0018 -0.0018 0.0003  60  TYR A OH  
338 N  N   . ILE A 44 ? 0.2784 0.2832 0.2726 0.0009  0.0009  -0.0002 61  ILE A N   
339 C  CA  . ILE A 44 ? 0.2761 0.2800 0.2689 0.0015  0.0005  -0.0008 61  ILE A CA  
340 C  C   . ILE A 44 ? 0.2838 0.2868 0.2715 -0.0008 -0.0002 0.0008  61  ILE A C   
341 O  O   . ILE A 44 ? 0.2855 0.2812 0.2646 -0.0016 0.0011  0.0038  61  ILE A O   
342 C  CB  . ILE A 44 ? 0.2730 0.2757 0.2653 0.0000  -0.0013 -0.0005 61  ILE A CB  
343 C  CG1 . ILE A 44 ? 0.2580 0.2633 0.2601 0.0017  0.0014  -0.0011 61  ILE A CG1 
344 C  CG2 . ILE A 44 ? 0.2687 0.2764 0.2682 0.0028  -0.0041 -0.0016 61  ILE A CG2 
345 C  CD1 . ILE A 44 ? 0.2348 0.2491 0.2438 0.0014  0.0031  -0.0007 61  ILE A CD1 
346 N  N   . MET A 45 ? 0.2919 0.3001 0.2804 -0.0004 0.0016  -0.0011 62  MET A N   
347 C  CA  . MET A 45 ? 0.3049 0.3148 0.2955 -0.0020 0.0009  -0.0007 62  MET A CA  
348 C  C   . MET A 45 ? 0.3155 0.3227 0.3055 -0.0043 0.0010  0.0004  62  MET A C   
349 O  O   . MET A 45 ? 0.3245 0.3363 0.3107 -0.0079 -0.0003 0.0031  62  MET A O   
350 C  CB  . MET A 45 ? 0.3076 0.3207 0.2998 -0.0031 0.0014  -0.0023 62  MET A CB  
351 C  CG  . MET A 45 ? 0.3296 0.3379 0.3254 0.0012  0.0001  0.0039  62  MET A CG  
352 S  SD  . MET A 45 ? 0.3675 0.4184 0.4229 0.0053  0.0019  0.0043  62  MET A SD  
353 C  CE  . MET A 45 ? 0.3854 0.4021 0.3988 -0.0043 0.0065  -0.0009 62  MET A CE  
354 N  N   . THR A 46 ? 0.3274 0.3318 0.3184 -0.0041 -0.0005 -0.0001 63  THR A N   
355 C  CA  . THR A 46 ? 0.3317 0.3341 0.3260 -0.0023 -0.0006 0.0014  63  THR A CA  
356 C  C   . THR A 46 ? 0.3350 0.3343 0.3279 -0.0034 -0.0006 0.0008  63  THR A C   
357 O  O   . THR A 46 ? 0.3358 0.3363 0.3264 -0.0059 -0.0020 -0.0007 63  THR A O   
358 C  CB  . THR A 46 ? 0.3328 0.3360 0.3318 -0.0022 -0.0009 0.0023  63  THR A CB  
359 O  OG1 . THR A 46 ? 0.3349 0.3500 0.3451 -0.0042 -0.0034 0.0043  63  THR A OG1 
360 C  CG2 . THR A 46 ? 0.3365 0.3435 0.3430 -0.0016 -0.0004 0.0035  63  THR A CG2 
361 N  N   . LYS A 47 ? 0.3385 0.3305 0.3280 -0.0033 -0.0011 0.0021  64  LYS A N   
362 C  CA  . LYS A 47 ? 0.3395 0.3336 0.3312 -0.0043 -0.0004 0.0027  64  LYS A CA  
363 C  C   . LYS A 47 ? 0.3333 0.3249 0.3213 -0.0039 -0.0002 0.0040  64  LYS A C   
364 O  O   . LYS A 47 ? 0.3332 0.3185 0.3178 -0.0087 -0.0022 0.0058  64  LYS A O   
365 C  CB  . LYS A 47 ? 0.3441 0.3381 0.3377 -0.0029 -0.0010 0.0019  64  LYS A CB  
366 C  CG  . LYS A 47 ? 0.3613 0.3608 0.3564 -0.0059 -0.0013 -0.0014 64  LYS A CG  
367 C  CD  . LYS A 47 ? 0.3875 0.3909 0.3898 0.0009  0.0015  -0.0038 64  LYS A CD  
368 C  CE  . LYS A 47 ? 0.4011 0.4017 0.3997 0.0008  -0.0034 0.0011  64  LYS A CE  
369 N  NZ  . LYS A 47 ? 0.4047 0.4112 0.4116 -0.0035 0.0037  -0.0033 64  LYS A NZ  
370 N  N   . ARG A 48 ? 0.3265 0.3218 0.3141 -0.0042 -0.0016 0.0035  65  ARG A N   
371 C  CA  . ARG A 48 ? 0.3244 0.3184 0.3138 -0.0016 -0.0007 0.0011  65  ARG A CA  
372 C  C   . ARG A 48 ? 0.3075 0.3023 0.2946 0.0002  -0.0025 -0.0009 65  ARG A C   
373 O  O   . ARG A 48 ? 0.3096 0.2974 0.2898 -0.0026 -0.0034 -0.0033 65  ARG A O   
374 C  CB  . ARG A 48 ? 0.3352 0.3285 0.3210 -0.0013 -0.0029 -0.0004 65  ARG A CB  
375 C  CG  . ARG A 48 ? 0.3567 0.3532 0.3536 -0.0053 0.0021  0.0032  65  ARG A CG  
376 C  CD  . ARG A 48 ? 0.3904 0.3941 0.3828 -0.0025 0.0012  0.0010  65  ARG A CD  
377 N  NE  . ARG A 48 ? 0.4067 0.4176 0.4093 0.0011  -0.0019 0.0106  65  ARG A NE  
378 N  N   . LEU A 49 ? 0.2835 0.2799 0.2753 0.0017  -0.0015 -0.0016 66  LEU A N   
379 C  CA  . LEU A 49 ? 0.2641 0.2628 0.2600 0.0013  -0.0018 -0.0028 66  LEU A CA  
380 C  C   . LEU A 49 ? 0.2509 0.2528 0.2487 0.0012  -0.0009 -0.0024 66  LEU A C   
381 O  O   . LEU A 49 ? 0.2536 0.2506 0.2545 0.0040  -0.0041 -0.0022 66  LEU A O   
382 C  CB  . LEU A 49 ? 0.2572 0.2573 0.2550 0.0031  -0.0019 -0.0018 66  LEU A CB  
383 C  CG  . LEU A 49 ? 0.2343 0.2411 0.2367 -0.0021 0.0031  -0.0003 66  LEU A CG  
384 C  CD1 . LEU A 49 ? 0.2075 0.2370 0.2280 0.0036  0.0014  0.0038  66  LEU A CD1 
385 C  CD2 . LEU A 49 ? 0.2248 0.2252 0.2248 -0.0070 -0.0001 -0.0003 66  LEU A CD2 
386 N  N   . TYR A 50 ? 0.2416 0.2433 0.2381 -0.0021 -0.0029 -0.0011 67  TYR A N   
387 C  CA  . TYR A 50 ? 0.2319 0.2400 0.2305 0.0007  -0.0015 -0.0017 67  TYR A CA  
388 C  C   . TYR A 50 ? 0.2313 0.2379 0.2239 0.0007  -0.0016 -0.0020 67  TYR A C   
389 O  O   . TYR A 50 ? 0.2404 0.2418 0.2251 -0.0021 -0.0039 -0.0012 67  TYR A O   
390 C  CB  . TYR A 50 ? 0.2285 0.2377 0.2297 0.0007  -0.0007 -0.0015 67  TYR A CB  
391 C  CG  . TYR A 50 ? 0.2128 0.2320 0.2156 -0.0008 -0.0033 -0.0029 67  TYR A CG  
392 C  CD1 . TYR A 50 ? 0.2110 0.2267 0.2170 -0.0012 -0.0046 -0.0023 67  TYR A CD1 
393 C  CD2 . TYR A 50 ? 0.2076 0.2262 0.2159 0.0029  -0.0024 -0.0013 67  TYR A CD2 
394 C  CE1 . TYR A 50 ? 0.1978 0.2244 0.2072 0.0041  -0.0055 -0.0032 67  TYR A CE1 
395 C  CE2 . TYR A 50 ? 0.1824 0.2188 0.2089 0.0033  -0.0089 -0.0050 67  TYR A CE2 
396 C  CZ  . TYR A 50 ? 0.1871 0.2251 0.2176 0.0031  -0.0062 -0.0038 67  TYR A CZ  
397 O  OH  . TYR A 50 ? 0.1897 0.2350 0.2452 0.0032  -0.0093 -0.0047 67  TYR A OH  
398 N  N   . ASP A 51 ? 0.2214 0.2332 0.2138 0.0022  -0.0026 -0.0066 68  ASP A N   
399 C  CA  . ASP A 51 ? 0.2119 0.2293 0.2082 0.0043  0.0018  -0.0069 68  ASP A CA  
400 C  C   . ASP A 51 ? 0.2106 0.2301 0.2057 0.0069  -0.0001 -0.0079 68  ASP A C   
401 O  O   . ASP A 51 ? 0.1925 0.2295 0.1982 0.0114  -0.0101 -0.0121 68  ASP A O   
402 C  CB  . ASP A 51 ? 0.2123 0.2313 0.2110 0.0053  0.0037  -0.0079 68  ASP A CB  
403 C  CG  . ASP A 51 ? 0.2032 0.2243 0.1986 0.0026  0.0059  -0.0095 68  ASP A CG  
404 O  OD1 . ASP A 51 ? 0.2135 0.2322 0.1987 -0.0048 -0.0022 -0.0152 68  ASP A OD1 
405 O  OD2 . ASP A 51 ? 0.1886 0.2287 0.1913 0.0101  -0.0001 -0.0179 68  ASP A OD2 
406 N  N   . GLU A 52 ? 0.2040 0.2316 0.2058 0.0060  -0.0006 -0.0080 69  GLU A N   
407 C  CA  . GLU A 52 ? 0.2169 0.2374 0.2130 0.0061  -0.0005 -0.0050 69  GLU A CA  
408 C  C   . GLU A 52 ? 0.2102 0.2330 0.2072 0.0053  -0.0011 -0.0047 69  GLU A C   
409 O  O   . GLU A 52 ? 0.2100 0.2434 0.2088 0.0042  0.0034  -0.0032 69  GLU A O   
410 C  CB  . GLU A 52 ? 0.2242 0.2382 0.2229 0.0074  -0.0023 -0.0045 69  GLU A CB  
411 C  CG  . GLU A 52 ? 0.2538 0.2710 0.2505 0.0049  0.0028  -0.0029 69  GLU A CG  
412 C  CD  . GLU A 52 ? 0.2983 0.3001 0.3017 0.0072  -0.0016 0.0053  69  GLU A CD  
413 O  OE1 . GLU A 52 ? 0.3401 0.3321 0.3452 -0.0075 0.0139  0.0083  69  GLU A OE1 
414 O  OE2 . GLU A 52 ? 0.3099 0.3353 0.3173 0.0040  -0.0013 -0.0065 69  GLU A OE2 
415 N  N   . LYS A 53 ? 0.2086 0.2317 0.2005 0.0061  0.0027  -0.0057 70  LYS A N   
416 C  CA  . LYS A 53 ? 0.2113 0.2267 0.2060 0.0030  0.0043  -0.0057 70  LYS A CA  
417 C  C   . LYS A 53 ? 0.2080 0.2235 0.2050 0.0024  0.0036  -0.0056 70  LYS A C   
418 O  O   . LYS A 53 ? 0.2004 0.2265 0.2008 0.0033  -0.0016 -0.0132 70  LYS A O   
419 C  CB  . LYS A 53 ? 0.2188 0.2299 0.2076 0.0009  0.0055  -0.0070 70  LYS A CB  
420 C  CG  . LYS A 53 ? 0.2329 0.2322 0.2204 0.0038  0.0080  -0.0023 70  LYS A CG  
421 C  CD  . LYS A 53 ? 0.2507 0.2424 0.2443 -0.0015 0.0032  -0.0054 70  LYS A CD  
422 C  CE  . LYS A 53 ? 0.2702 0.2600 0.2538 0.0011  0.0000  -0.0062 70  LYS A CE  
423 N  NZ  . LYS A 53 ? 0.2882 0.2858 0.2733 0.0005  -0.0026 0.0054  70  LYS A NZ  
424 N  N   . GLN A 54 ? 0.2020 0.2200 0.2014 0.0034  0.0031  -0.0074 71  GLN A N   
425 C  CA  . GLN A 54 ? 0.2074 0.2238 0.2092 0.0033  0.0011  -0.0045 71  GLN A CA  
426 C  C   . GLN A 54 ? 0.2059 0.2252 0.2095 0.0042  -0.0002 -0.0047 71  GLN A C   
427 O  O   . GLN A 54 ? 0.2121 0.2327 0.2159 0.0085  0.0023  -0.0107 71  GLN A O   
428 C  CB  . GLN A 54 ? 0.2079 0.2247 0.2114 0.0025  0.0000  -0.0025 71  GLN A CB  
429 C  CG  . GLN A 54 ? 0.2074 0.2315 0.2132 0.0040  0.0016  -0.0007 71  GLN A CG  
430 C  CD  . GLN A 54 ? 0.2210 0.2353 0.2095 0.0040  0.0009  -0.0055 71  GLN A CD  
431 O  OE1 . GLN A 54 ? 0.1788 0.2438 0.2079 0.0150  0.0077  -0.0140 71  GLN A OE1 
432 N  NE2 . GLN A 54 ? 0.2267 0.2580 0.2184 0.0143  0.0056  0.0007  71  GLN A NE2 
433 N  N   . GLN A 55 ? 0.1999 0.2281 0.2069 0.0026  -0.0031 -0.0056 72  GLN A N   
434 C  CA  . GLN A 55 ? 0.1986 0.2220 0.2094 0.0016  -0.0037 -0.0055 72  GLN A CA  
435 C  C   . GLN A 55 ? 0.2108 0.2291 0.2129 0.0001  -0.0024 -0.0056 72  GLN A C   
436 O  O   . GLN A 55 ? 0.2205 0.2301 0.2088 -0.0029 -0.0086 -0.0056 72  GLN A O   
437 C  CB  . GLN A 55 ? 0.1941 0.2209 0.2057 0.0014  -0.0003 -0.0035 72  GLN A CB  
438 C  CG  . GLN A 55 ? 0.1970 0.2274 0.2191 -0.0030 -0.0023 -0.0020 72  GLN A CG  
439 C  CD  . GLN A 55 ? 0.1975 0.2334 0.2160 -0.0002 -0.0025 -0.0047 72  GLN A CD  
440 O  OE1 . GLN A 55 ? 0.2091 0.2433 0.2448 0.0005  -0.0022 -0.0067 72  GLN A OE1 
441 N  NE2 . GLN A 55 ? 0.2281 0.2538 0.2061 -0.0041 -0.0052 -0.0107 72  GLN A NE2 
442 N  N   . HIS A 56 ? 0.2252 0.2380 0.2222 -0.0007 -0.0043 -0.0067 73  HIS A N   
443 C  CA  . HIS A 56 ? 0.2338 0.2470 0.2303 -0.0011 -0.0052 -0.0027 73  HIS A CA  
444 C  C   . HIS A 56 ? 0.2319 0.2444 0.2274 -0.0001 -0.0054 -0.0025 73  HIS A C   
445 O  O   . HIS A 56 ? 0.2245 0.2513 0.2229 0.0009  -0.0062 -0.0093 73  HIS A O   
446 C  CB  . HIS A 56 ? 0.2402 0.2517 0.2368 -0.0007 -0.0081 -0.0031 73  HIS A CB  
447 C  CG  . HIS A 56 ? 0.2646 0.2765 0.2717 0.0040  -0.0053 0.0001  73  HIS A CG  
448 N  ND1 . HIS A 56 ? 0.2904 0.3050 0.3116 0.0032  -0.0010 -0.0003 73  HIS A ND1 
449 C  CD2 . HIS A 56 ? 0.2928 0.2986 0.2950 0.0064  -0.0019 -0.0045 73  HIS A CD2 
450 C  CE1 . HIS A 56 ? 0.3015 0.3133 0.3113 0.0044  -0.0028 -0.0039 73  HIS A CE1 
451 N  NE2 . HIS A 56 ? 0.3090 0.3197 0.3222 0.0033  0.0017  -0.0066 73  HIS A NE2 
452 N  N   . ILE A 57 ? 0.2291 0.2427 0.2236 -0.0008 -0.0050 -0.0017 74  ILE A N   
453 C  CA  . ILE A 57 ? 0.2233 0.2392 0.2281 -0.0010 -0.0043 -0.0011 74  ILE A CA  
454 C  C   . ILE A 57 ? 0.2111 0.2343 0.2228 0.0033  -0.0044 -0.0008 74  ILE A C   
455 O  O   . ILE A 57 ? 0.2030 0.2314 0.2192 0.0001  0.0011  -0.0062 74  ILE A O   
456 C  CB  . ILE A 57 ? 0.2284 0.2445 0.2384 0.0005  -0.0055 -0.0004 74  ILE A CB  
457 C  CG1 . ILE A 57 ? 0.2492 0.2650 0.2637 -0.0028 -0.0053 0.0006  74  ILE A CG1 
458 C  CG2 . ILE A 57 ? 0.2342 0.2519 0.2327 -0.0029 -0.0043 -0.0070 74  ILE A CG2 
459 C  CD1 . ILE A 57 ? 0.2797 0.3052 0.2823 -0.0046 -0.0063 -0.0039 74  ILE A CD1 
460 N  N   . VAL A 58 ? 0.2023 0.2265 0.2132 0.0042  -0.0015 -0.0007 75  VAL A N   
461 C  CA  . VAL A 58 ? 0.1991 0.2188 0.2088 0.0043  0.0011  0.0012  75  VAL A CA  
462 C  C   . VAL A 58 ? 0.2036 0.2238 0.2120 0.0062  0.0020  0.0016  75  VAL A C   
463 O  O   . VAL A 58 ? 0.1946 0.2181 0.2109 0.0103  0.0028  0.0008  75  VAL A O   
464 C  CB  . VAL A 58 ? 0.2030 0.2169 0.2071 0.0041  0.0030  0.0035  75  VAL A CB  
465 C  CG1 . VAL A 58 ? 0.1921 0.2135 0.1977 0.0072  0.0061  -0.0051 75  VAL A CG1 
466 C  CG2 . VAL A 58 ? 0.1854 0.2067 0.1992 0.0001  0.0003  0.0052  75  VAL A CG2 
467 N  N   . TYR A 59 ? 0.2015 0.2277 0.2122 0.0057  0.0010  0.0003  76  TYR A N   
468 C  CA  . TYR A 59 ? 0.2066 0.2282 0.2146 0.0052  -0.0037 0.0000  76  TYR A CA  
469 C  C   . TYR A 59 ? 0.2072 0.2302 0.2206 0.0058  -0.0057 0.0019  76  TYR A C   
470 O  O   . TYR A 59 ? 0.2118 0.2273 0.2305 0.0032  -0.0027 0.0009  76  TYR A O   
471 C  CB  . TYR A 59 ? 0.2057 0.2300 0.2142 0.0082  -0.0035 -0.0008 76  TYR A CB  
472 C  CG  . TYR A 59 ? 0.2065 0.2317 0.2081 0.0047  -0.0074 -0.0004 76  TYR A CG  
473 C  CD1 . TYR A 59 ? 0.1948 0.2284 0.2088 0.0071  -0.0100 -0.0038 76  TYR A CD1 
474 C  CD2 . TYR A 59 ? 0.2082 0.2364 0.2319 0.0026  -0.0012 -0.0076 76  TYR A CD2 
475 C  CE1 . TYR A 59 ? 0.2019 0.2398 0.2153 0.0063  -0.0133 -0.0010 76  TYR A CE1 
476 C  CE2 . TYR A 59 ? 0.2234 0.2405 0.2335 0.0024  -0.0031 0.0001  76  TYR A CE2 
477 C  CZ  . TYR A 59 ? 0.2045 0.2424 0.2285 0.0081  -0.0069 -0.0031 76  TYR A CZ  
478 O  OH  . TYR A 59 ? 0.2079 0.2612 0.2484 0.0069  -0.0153 -0.0076 76  TYR A OH  
479 N  N   . CYS A 60 ? 0.2106 0.2328 0.2250 0.0051  -0.0069 0.0008  77  CYS A N   
480 C  CA  . CYS A 60 ? 0.2219 0.2389 0.2310 0.0043  -0.0085 0.0004  77  CYS A CA  
481 C  C   . CYS A 60 ? 0.2342 0.2442 0.2315 0.0018  -0.0036 -0.0006 77  CYS A C   
482 O  O   . CYS A 60 ? 0.2477 0.2377 0.2334 0.0020  -0.0005 0.0012  77  CYS A O   
483 C  CB  . CYS A 60 ? 0.2170 0.2418 0.2347 0.0045  -0.0121 -0.0033 77  CYS A CB  
484 S  SG  . CYS A 60 ? 0.1851 0.2562 0.2358 0.0134  -0.0252 -0.0024 77  CYS A SG  
485 N  N   . SER A 61 ? 0.2448 0.2529 0.2407 0.0020  -0.0037 -0.0006 78  SER A N   
486 C  CA  . SER A 61 ? 0.2488 0.2609 0.2507 0.0029  -0.0061 0.0016  78  SER A CA  
487 C  C   . SER A 61 ? 0.2420 0.2605 0.2493 0.0033  -0.0070 0.0004  78  SER A C   
488 O  O   . SER A 61 ? 0.2385 0.2651 0.2436 0.0096  -0.0105 0.0006  78  SER A O   
489 C  CB  . SER A 61 ? 0.2570 0.2624 0.2591 0.0022  -0.0054 -0.0002 78  SER A CB  
490 O  OG  . SER A 61 ? 0.2954 0.2963 0.2932 -0.0013 -0.0112 0.0091  78  SER A OG  
491 N  N   . ASN A 62 ? 0.2512 0.2597 0.2495 0.0017  -0.0092 -0.0018 79  ASN A N   
492 C  CA  . ASN A 62 ? 0.2581 0.2595 0.2541 0.0020  -0.0060 -0.0003 79  ASN A CA  
493 C  C   . ASN A 62 ? 0.2594 0.2607 0.2583 0.0021  -0.0056 0.0016  79  ASN A C   
494 O  O   . ASN A 62 ? 0.2628 0.2616 0.2713 0.0020  -0.0066 0.0062  79  ASN A O   
495 C  CB  . ASN A 62 ? 0.2589 0.2603 0.2555 0.0028  -0.0050 -0.0003 79  ASN A CB  
496 C  CG  . ASN A 62 ? 0.2584 0.2720 0.2643 0.0028  -0.0035 -0.0039 79  ASN A CG  
497 O  OD1 . ASN A 62 ? 0.2649 0.2877 0.2737 0.0105  0.0009  -0.0033 79  ASN A OD1 
498 N  ND2 . ASN A 62 ? 0.2419 0.2688 0.2490 0.0004  -0.0103 -0.0068 79  ASN A ND2 
499 N  N   . ASP A 63 ? 0.2671 0.2624 0.2593 -0.0007 -0.0076 0.0028  80  ASP A N   
500 C  CA  . ASP A 63 ? 0.2686 0.2655 0.2609 -0.0005 -0.0040 0.0013  80  ASP A CA  
501 C  C   . ASP A 63 ? 0.2692 0.2709 0.2637 -0.0017 -0.0056 0.0009  80  ASP A C   
502 O  O   . ASP A 63 ? 0.2650 0.2762 0.2550 -0.0004 -0.0067 -0.0001 80  ASP A O   
503 C  CB  . ASP A 63 ? 0.2674 0.2606 0.2594 0.0002  -0.0059 0.0004  80  ASP A CB  
504 C  CG  . ASP A 63 ? 0.2773 0.2603 0.2615 -0.0004 -0.0020 0.0011  80  ASP A CG  
505 O  OD1 . ASP A 63 ? 0.2911 0.2647 0.2609 -0.0064 -0.0102 0.0043  80  ASP A OD1 
506 O  OD2 . ASP A 63 ? 0.2808 0.2560 0.2756 -0.0027 -0.0021 0.0011  80  ASP A OD2 
507 N  N   . LEU A 64 ? 0.2782 0.2761 0.2718 -0.0012 -0.0062 -0.0015 81  LEU A N   
508 C  CA  . LEU A 64 ? 0.2806 0.2783 0.2752 -0.0023 -0.0055 -0.0018 81  LEU A CA  
509 C  C   . LEU A 64 ? 0.2756 0.2735 0.2727 -0.0014 -0.0051 -0.0027 81  LEU A C   
510 O  O   . LEU A 64 ? 0.2740 0.2686 0.2741 -0.0038 -0.0046 -0.0061 81  LEU A O   
511 C  CB  . LEU A 64 ? 0.2870 0.2840 0.2874 -0.0012 -0.0048 0.0002  81  LEU A CB  
512 C  CG  . LEU A 64 ? 0.3044 0.2973 0.2992 -0.0014 -0.0047 -0.0022 81  LEU A CG  
513 C  CD1 . LEU A 64 ? 0.3227 0.3124 0.3248 0.0006  0.0015  -0.0020 81  LEU A CD1 
514 C  CD2 . LEU A 64 ? 0.3298 0.3236 0.3343 -0.0110 -0.0030 0.0061  81  LEU A CD2 
515 N  N   . LEU A 65 ? 0.2739 0.2778 0.2685 -0.0008 -0.0050 -0.0029 82  LEU A N   
516 C  CA  . LEU A 65 ? 0.2704 0.2713 0.2656 -0.0006 -0.0040 -0.0039 82  LEU A CA  
517 C  C   . LEU A 65 ? 0.2675 0.2707 0.2629 -0.0002 -0.0042 -0.0055 82  LEU A C   
518 O  O   . LEU A 65 ? 0.2654 0.2709 0.2555 -0.0017 -0.0067 -0.0096 82  LEU A O   
519 C  CB  . LEU A 65 ? 0.2698 0.2748 0.2626 -0.0009 -0.0036 -0.0029 82  LEU A CB  
520 C  CG  . LEU A 65 ? 0.2686 0.2690 0.2596 -0.0030 -0.0023 -0.0009 82  LEU A CG  
521 C  CD1 . LEU A 65 ? 0.2472 0.2768 0.2563 0.0010  -0.0019 0.0033  82  LEU A CD1 
522 C  CD2 . LEU A 65 ? 0.2721 0.2747 0.2669 0.0000  0.0055  -0.0014 82  LEU A CD2 
523 N  N   . GLY A 66 ? 0.2631 0.2696 0.2599 0.0024  -0.0041 -0.0046 83  GLY A N   
524 C  CA  . GLY A 66 ? 0.2675 0.2727 0.2637 0.0005  -0.0050 -0.0033 83  GLY A CA  
525 C  C   . GLY A 66 ? 0.2645 0.2755 0.2652 0.0010  -0.0035 -0.0027 83  GLY A C   
526 O  O   . GLY A 66 ? 0.2606 0.2812 0.2662 0.0010  -0.0047 -0.0032 83  GLY A O   
527 N  N   . ASP A 67 ? 0.2687 0.2796 0.2708 0.0020  -0.0022 -0.0043 84  ASP A N   
528 C  CA  . ASP A 67 ? 0.2781 0.2820 0.2762 0.0014  -0.0003 -0.0046 84  ASP A CA  
529 C  C   . ASP A 67 ? 0.2727 0.2756 0.2726 0.0016  0.0005  -0.0054 84  ASP A C   
530 O  O   . ASP A 67 ? 0.2714 0.2790 0.2738 0.0042  0.0046  -0.0066 84  ASP A O   
531 C  CB  . ASP A 67 ? 0.2857 0.2889 0.2845 -0.0008 -0.0008 -0.0030 84  ASP A CB  
532 C  CG  . ASP A 67 ? 0.3043 0.3126 0.3120 0.0037  -0.0024 0.0006  84  ASP A CG  
533 O  OD1 . ASP A 67 ? 0.3232 0.3470 0.3478 -0.0016 -0.0091 -0.0026 84  ASP A OD1 
534 O  OD2 . ASP A 67 ? 0.3390 0.3334 0.3534 0.0072  -0.0001 0.0096  84  ASP A OD2 
535 N  N   . LEU A 68 ? 0.2713 0.2715 0.2680 0.0012  0.0037  -0.0057 85  LEU A N   
536 C  CA  . LEU A 68 ? 0.2702 0.2712 0.2681 0.0014  0.0007  -0.0052 85  LEU A CA  
537 C  C   . LEU A 68 ? 0.2629 0.2670 0.2595 0.0009  -0.0001 -0.0036 85  LEU A C   
538 O  O   . LEU A 68 ? 0.2650 0.2711 0.2565 0.0011  -0.0028 -0.0078 85  LEU A O   
539 C  CB  . LEU A 68 ? 0.2759 0.2754 0.2753 0.0000  0.0029  -0.0016 85  LEU A CB  
540 C  CG  . LEU A 68 ? 0.3001 0.2929 0.2985 -0.0002 -0.0002 -0.0001 85  LEU A CG  
541 C  CD1 . LEU A 68 ? 0.3091 0.3194 0.3247 0.0025  0.0053  0.0037  85  LEU A CD1 
542 C  CD2 . LEU A 68 ? 0.3315 0.3215 0.3141 -0.0033 0.0050  -0.0054 85  LEU A CD2 
543 N  N   . PHE A 69 ? 0.2529 0.2608 0.2477 0.0019  -0.0021 -0.0035 86  PHE A N   
544 C  CA  . PHE A 69 ? 0.2496 0.2575 0.2455 -0.0013 -0.0033 -0.0040 86  PHE A CA  
545 C  C   . PHE A 69 ? 0.2586 0.2612 0.2451 -0.0032 -0.0007 -0.0048 86  PHE A C   
546 O  O   . PHE A 69 ? 0.2667 0.2749 0.2548 -0.0074 0.0002  -0.0009 86  PHE A O   
547 C  CB  . PHE A 69 ? 0.2420 0.2517 0.2432 0.0011  -0.0033 -0.0018 86  PHE A CB  
548 C  CG  . PHE A 69 ? 0.2393 0.2393 0.2417 0.0041  -0.0032 0.0016  86  PHE A CG  
549 C  CD1 . PHE A 69 ? 0.2332 0.2344 0.2393 0.0050  0.0028  0.0026  86  PHE A CD1 
550 C  CD2 . PHE A 69 ? 0.2263 0.2413 0.2251 0.0037  -0.0019 0.0033  86  PHE A CD2 
551 C  CE1 . PHE A 69 ? 0.2282 0.2421 0.2373 0.0012  -0.0087 0.0007  86  PHE A CE1 
552 C  CE2 . PHE A 69 ? 0.2295 0.2338 0.2304 -0.0008 -0.0017 0.0029  86  PHE A CE2 
553 C  CZ  . PHE A 69 ? 0.2301 0.2364 0.2358 0.0004  -0.0019 0.0034  86  PHE A CZ  
554 N  N   . GLY A 70 ? 0.2613 0.2623 0.2450 -0.0032 0.0004  -0.0072 87  GLY A N   
555 C  CA  . GLY A 70 ? 0.2647 0.2707 0.2514 -0.0012 0.0023  -0.0061 87  GLY A CA  
556 C  C   . GLY A 70 ? 0.2643 0.2705 0.2569 -0.0009 0.0037  -0.0038 87  GLY A C   
557 O  O   . GLY A 70 ? 0.2737 0.2810 0.2614 -0.0016 0.0091  -0.0055 87  GLY A O   
558 N  N   . VAL A 71 ? 0.2567 0.2708 0.2536 0.0009  0.0025  -0.0040 88  VAL A N   
559 C  CA  . VAL A 71 ? 0.2532 0.2639 0.2514 0.0001  0.0008  -0.0018 88  VAL A CA  
560 C  C   . VAL A 71 ? 0.2463 0.2602 0.2471 0.0015  -0.0020 -0.0013 88  VAL A C   
561 O  O   . VAL A 71 ? 0.2297 0.2598 0.2366 0.0061  -0.0047 -0.0007 88  VAL A O   
562 C  CB  . VAL A 71 ? 0.2585 0.2654 0.2530 -0.0004 0.0002  -0.0013 88  VAL A CB  
563 C  CG1 . VAL A 71 ? 0.2455 0.2622 0.2456 -0.0036 -0.0025 -0.0019 88  VAL A CG1 
564 C  CG2 . VAL A 71 ? 0.2541 0.2673 0.2553 0.0009  0.0041  -0.0040 88  VAL A CG2 
565 N  N   . PRO A 72 ? 0.2480 0.2606 0.2448 0.0001  -0.0014 0.0004  89  PRO A N   
566 C  CA  . PRO A 72 ? 0.2426 0.2580 0.2460 0.0016  -0.0024 -0.0003 89  PRO A CA  
567 C  C   . PRO A 72 ? 0.2390 0.2543 0.2408 0.0008  -0.0006 -0.0001 89  PRO A C   
568 O  O   . PRO A 72 ? 0.2263 0.2537 0.2422 0.0036  -0.0028 0.0003  89  PRO A O   
569 C  CB  . PRO A 72 ? 0.2421 0.2575 0.2454 -0.0005 -0.0036 0.0004  89  PRO A CB  
570 C  CG  . PRO A 72 ? 0.2495 0.2625 0.2510 0.0002  0.0002  -0.0010 89  PRO A CG  
571 C  CD  . PRO A 72 ? 0.2478 0.2607 0.2480 -0.0014 -0.0027 -0.0018 89  PRO A CD  
572 N  N   . SER A 73 ? 0.2320 0.2479 0.2366 0.0021  0.0011  -0.0013 90  SER A N   
573 C  CA  . SER A 73 ? 0.2326 0.2477 0.2360 -0.0001 0.0019  -0.0008 90  SER A CA  
574 C  C   . SER A 73 ? 0.2265 0.2441 0.2327 0.0005  0.0009  -0.0023 90  SER A C   
575 O  O   . SER A 73 ? 0.2171 0.2463 0.2357 0.0030  0.0039  -0.0011 90  SER A O   
576 C  CB  . SER A 73 ? 0.2348 0.2458 0.2373 -0.0002 0.0018  -0.0013 90  SER A CB  
577 O  OG  . SER A 73 ? 0.2457 0.2681 0.2588 -0.0052 -0.0018 -0.0095 90  SER A OG  
578 N  N   . PHE A 74 ? 0.2233 0.2393 0.2275 -0.0006 0.0002  -0.0032 91  PHE A N   
579 C  CA  . PHE A 74 ? 0.2271 0.2366 0.2267 -0.0012 -0.0010 -0.0021 91  PHE A CA  
580 C  C   . PHE A 74 ? 0.2312 0.2421 0.2337 0.0016  -0.0010 -0.0015 91  PHE A C   
581 O  O   . PHE A 74 ? 0.2235 0.2339 0.2273 0.0036  -0.0031 -0.0026 91  PHE A O   
582 C  CB  . PHE A 74 ? 0.2273 0.2345 0.2230 0.0009  -0.0012 -0.0033 91  PHE A CB  
583 C  CG  . PHE A 74 ? 0.1980 0.2201 0.2005 0.0078  -0.0066 -0.0062 91  PHE A CG  
584 C  CD1 . PHE A 74 ? 0.1822 0.2166 0.1935 0.0052  -0.0091 -0.0068 91  PHE A CD1 
585 C  CD2 . PHE A 74 ? 0.1822 0.2131 0.1866 0.0022  -0.0113 -0.0049 91  PHE A CD2 
586 C  CE1 . PHE A 74 ? 0.1893 0.2045 0.1857 0.0031  -0.0154 -0.0050 91  PHE A CE1 
587 C  CE2 . PHE A 74 ? 0.1803 0.2054 0.1781 0.0039  -0.0126 0.0029  91  PHE A CE2 
588 C  CZ  . PHE A 74 ? 0.1790 0.1968 0.1734 0.0036  -0.0060 -0.0033 91  PHE A CZ  
589 N  N   . SER A 75 ? 0.2455 0.2532 0.2400 -0.0002 -0.0013 -0.0013 92  SER A N   
590 C  CA  . SER A 75 ? 0.2519 0.2575 0.2483 0.0010  -0.0033 -0.0025 92  SER A CA  
591 C  C   . SER A 75 ? 0.2568 0.2633 0.2533 -0.0003 -0.0033 -0.0019 92  SER A C   
592 O  O   . SER A 75 ? 0.2540 0.2646 0.2444 -0.0036 -0.0055 0.0009  92  SER A O   
593 C  CB  . SER A 75 ? 0.2551 0.2606 0.2505 -0.0014 -0.0027 -0.0020 92  SER A CB  
594 O  OG  . SER A 75 ? 0.2707 0.2664 0.2772 0.0057  -0.0086 -0.0010 92  SER A OG  
595 N  N   . VAL A 76 ? 0.2575 0.2673 0.2554 0.0012  -0.0014 -0.0037 93  VAL A N   
596 C  CA  . VAL A 76 ? 0.2675 0.2771 0.2672 -0.0006 -0.0022 -0.0038 93  VAL A CA  
597 C  C   . VAL A 76 ? 0.2780 0.2850 0.2752 -0.0001 0.0001  -0.0060 93  VAL A C   
598 O  O   . VAL A 76 ? 0.2674 0.2868 0.2803 0.0045  -0.0027 -0.0045 93  VAL A O   
599 C  CB  . VAL A 76 ? 0.2658 0.2783 0.2721 0.0005  -0.0021 -0.0039 93  VAL A CB  
600 C  CG1 . VAL A 76 ? 0.2684 0.2740 0.2759 -0.0044 -0.0035 -0.0002 93  VAL A CG1 
601 C  CG2 . VAL A 76 ? 0.2712 0.2825 0.2671 -0.0054 -0.0008 -0.0059 93  VAL A CG2 
602 N  N   . LYS A 77 ? 0.2884 0.2943 0.2823 0.0008  0.0000  -0.0028 94  LYS A N   
603 C  CA  . LYS A 77 ? 0.2943 0.2980 0.2895 0.0011  -0.0012 -0.0013 94  LYS A CA  
604 C  C   . LYS A 77 ? 0.2945 0.2982 0.2882 0.0032  -0.0028 0.0000  94  LYS A C   
605 O  O   . LYS A 77 ? 0.2946 0.3060 0.2953 0.0028  -0.0097 0.0002  94  LYS A O   
606 C  CB  . LYS A 77 ? 0.2966 0.2999 0.2953 -0.0001 -0.0010 -0.0005 94  LYS A CB  
607 C  CG  . LYS A 77 ? 0.3023 0.3006 0.2998 0.0007  -0.0024 -0.0018 94  LYS A CG  
608 C  CD  . LYS A 77 ? 0.3163 0.3041 0.3165 -0.0044 -0.0025 0.0018  94  LYS A CD  
609 N  N   . GLU A 78 ? 0.2866 0.2971 0.2800 0.0042  -0.0019 0.0007  95  GLU A N   
610 C  CA  . GLU A 78 ? 0.2818 0.2914 0.2786 0.0030  -0.0013 0.0005  95  GLU A CA  
611 C  C   . GLU A 78 ? 0.2609 0.2779 0.2591 0.0051  -0.0004 0.0013  95  GLU A C   
612 O  O   . GLU A 78 ? 0.2526 0.2761 0.2497 0.0046  -0.0019 0.0022  95  GLU A O   
613 C  CB  . GLU A 78 ? 0.2907 0.3011 0.2861 0.0039  -0.0008 0.0009  95  GLU A CB  
614 C  CG  . GLU A 78 ? 0.3294 0.3254 0.3225 -0.0014 -0.0002 -0.0012 95  GLU A CG  
615 C  CD  . GLU A 78 ? 0.3649 0.3760 0.3795 -0.0024 0.0048  0.0057  95  GLU A CD  
616 O  OE1 . GLU A 78 ? 0.3963 0.3975 0.4016 0.0072  0.0052  0.0102  95  GLU A OE1 
617 O  OE2 . GLU A 78 ? 0.4206 0.4033 0.4276 -0.0117 0.0035  0.0120  95  GLU A OE2 
618 N  N   . HIS A 79 ? 0.2378 0.2562 0.2409 0.0059  -0.0019 0.0010  96  HIS A N   
619 C  CA  . HIS A 79 ? 0.2289 0.2435 0.2329 0.0054  -0.0014 0.0000  96  HIS A CA  
620 C  C   . HIS A 79 ? 0.2063 0.2282 0.2198 0.0060  -0.0040 0.0011  96  HIS A C   
621 O  O   . HIS A 79 ? 0.1951 0.2246 0.2146 0.0047  -0.0101 -0.0009 96  HIS A O   
622 C  CB  . HIS A 79 ? 0.2267 0.2413 0.2343 0.0073  -0.0025 -0.0020 96  HIS A CB  
623 C  CG  . HIS A 79 ? 0.2464 0.2528 0.2472 0.0037  -0.0005 0.0009  96  HIS A CG  
624 N  ND1 . HIS A 79 ? 0.2704 0.2559 0.2519 -0.0047 0.0022  -0.0035 96  HIS A ND1 
625 C  CD2 . HIS A 79 ? 0.2566 0.2678 0.2597 0.0050  0.0013  0.0025  96  HIS A CD2 
626 C  CE1 . HIS A 79 ? 0.2603 0.2609 0.2611 -0.0004 0.0030  -0.0042 96  HIS A CE1 
627 N  NE2 . HIS A 79 ? 0.2693 0.2715 0.2667 0.0012  -0.0001 -0.0023 96  HIS A NE2 
628 N  N   . ARG A 80 ? 0.2023 0.2204 0.2133 0.0049  -0.0038 -0.0024 97  ARG A N   
629 C  CA  . ARG A 80 ? 0.2037 0.2135 0.2061 0.0024  -0.0029 -0.0003 97  ARG A CA  
630 C  C   . ARG A 80 ? 0.1969 0.2101 0.1998 0.0025  -0.0032 0.0000  97  ARG A C   
631 O  O   . ARG A 80 ? 0.1959 0.2135 0.2030 0.0060  -0.0121 0.0021  97  ARG A O   
632 C  CB  . ARG A 80 ? 0.2045 0.2180 0.2081 0.0033  -0.0050 -0.0001 97  ARG A CB  
633 C  CG  . ARG A 80 ? 0.2117 0.2174 0.2143 0.0030  -0.0007 0.0013  97  ARG A CG  
634 C  CD  . ARG A 80 ? 0.2130 0.2116 0.2012 0.0046  -0.0016 -0.0024 97  ARG A CD  
635 N  NE  . ARG A 80 ? 0.2208 0.2199 0.2108 0.0020  0.0025  -0.0015 97  ARG A NE  
636 C  CZ  . ARG A 80 ? 0.2204 0.2372 0.2226 0.0021  -0.0061 -0.0018 97  ARG A CZ  
637 N  NH1 . ARG A 80 ? 0.2170 0.2454 0.2347 0.0067  -0.0151 0.0030  97  ARG A NH1 
638 N  NH2 . ARG A 80 ? 0.2297 0.2428 0.2357 0.0128  -0.0025 -0.0035 97  ARG A NH2 
639 N  N   . LYS A 81 ? 0.2048 0.2089 0.2065 0.0032  0.0001  -0.0022 98  LYS A N   
640 C  CA  . LYS A 81 ? 0.1998 0.2124 0.2059 0.0013  -0.0011 -0.0007 98  LYS A CA  
641 C  C   . LYS A 81 ? 0.1882 0.2042 0.1994 0.0021  -0.0016 -0.0018 98  LYS A C   
642 O  O   . LYS A 81 ? 0.1744 0.2044 0.1910 -0.0073 0.0014  -0.0073 98  LYS A O   
643 C  CB  . LYS A 81 ? 0.2089 0.2206 0.2148 0.0015  -0.0002 -0.0027 98  LYS A CB  
644 C  CG  . LYS A 81 ? 0.2448 0.2468 0.2436 0.0004  0.0003  0.0042  98  LYS A CG  
645 C  CD  . LYS A 81 ? 0.2788 0.2870 0.2921 -0.0047 -0.0045 -0.0006 98  LYS A CD  
646 C  CE  . LYS A 81 ? 0.3071 0.3035 0.3129 -0.0050 0.0003  0.0032  98  LYS A CE  
647 N  NZ  . LYS A 81 ? 0.3049 0.3191 0.3345 -0.0069 -0.0085 0.0008  98  LYS A NZ  
648 N  N   . ILE A 82 ? 0.1862 0.1990 0.1987 0.0059  -0.0024 -0.0027 99  ILE A N   
649 C  CA  . ILE A 82 ? 0.1799 0.2034 0.1956 0.0071  -0.0048 -0.0015 99  ILE A CA  
650 C  C   . ILE A 82 ? 0.1879 0.2042 0.1994 0.0075  -0.0051 -0.0052 99  ILE A C   
651 O  O   . ILE A 82 ? 0.1632 0.1975 0.1896 0.0086  -0.0128 -0.0046 99  ILE A O   
652 C  CB  . ILE A 82 ? 0.1905 0.2008 0.1951 0.0042  -0.0043 -0.0013 99  ILE A CB  
653 C  CG1 . ILE A 82 ? 0.1777 0.2027 0.1876 0.0041  -0.0032 -0.0032 99  ILE A CG1 
654 C  CG2 . ILE A 82 ? 0.1882 0.2071 0.2005 0.0019  -0.0025 0.0025  99  ILE A CG2 
655 C  CD1 . ILE A 82 ? 0.1799 0.1926 0.1732 0.0078  -0.0064 -0.0078 99  ILE A CD1 
656 N  N   . TYR A 83 ? 0.1902 0.2147 0.1965 0.0044  -0.0054 -0.0046 100 TYR A N   
657 C  CA  . TYR A 83 ? 0.2001 0.2172 0.2048 0.0013  -0.0032 -0.0026 100 TYR A CA  
658 C  C   . TYR A 83 ? 0.1936 0.2156 0.1983 0.0010  -0.0026 -0.0008 100 TYR A C   
659 O  O   . TYR A 83 ? 0.1768 0.2111 0.1893 0.0018  -0.0058 0.0017  100 TYR A O   
660 C  CB  . TYR A 83 ? 0.2024 0.2218 0.2093 0.0044  -0.0002 -0.0027 100 TYR A CB  
661 C  CG  . TYR A 83 ? 0.2172 0.2347 0.2250 -0.0013 -0.0002 0.0002  100 TYR A CG  
662 C  CD1 . TYR A 83 ? 0.2223 0.2522 0.2391 -0.0002 0.0002  -0.0022 100 TYR A CD1 
663 C  CD2 . TYR A 83 ? 0.2340 0.2541 0.2437 0.0002  -0.0049 0.0013  100 TYR A CD2 
664 C  CE1 . TYR A 83 ? 0.2406 0.2682 0.2454 0.0052  0.0096  -0.0019 100 TYR A CE1 
665 C  CE2 . TYR A 83 ? 0.2532 0.2713 0.2564 0.0038  0.0016  -0.0003 100 TYR A CE2 
666 C  CZ  . TYR A 83 ? 0.2521 0.2810 0.2616 0.0027  0.0030  -0.0029 100 TYR A CZ  
667 O  OH  . TYR A 83 ? 0.2450 0.3234 0.2859 0.0106  -0.0004 -0.0028 100 TYR A OH  
668 N  N   . THR A 84 ? 0.2038 0.2198 0.2020 0.0010  -0.0004 -0.0006 101 THR A N   
669 C  CA  . THR A 84 ? 0.2052 0.2180 0.1999 0.0010  0.0008  -0.0017 101 THR A CA  
670 C  C   . THR A 84 ? 0.1979 0.2126 0.1941 0.0017  -0.0019 -0.0019 101 THR A C   
671 O  O   . THR A 84 ? 0.1870 0.2085 0.1820 0.0001  -0.0023 0.0009  101 THR A O   
672 C  CB  . THR A 84 ? 0.2095 0.2195 0.2036 0.0010  0.0013  -0.0033 101 THR A CB  
673 O  OG1 . THR A 84 ? 0.2265 0.2398 0.2067 -0.0009 0.0011  0.0065  101 THR A OG1 
674 C  CG2 . THR A 84 ? 0.2088 0.2317 0.1987 -0.0003 0.0030  -0.0002 101 THR A CG2 
675 N  N   . MET A 85 ? 0.1883 0.2086 0.1918 -0.0010 -0.0032 -0.0047 102 MET A N   
676 C  CA  . MET A 85 ? 0.1873 0.2073 0.1889 0.0007  -0.0027 -0.0045 102 MET A CA  
677 C  C   . MET A 85 ? 0.1772 0.2041 0.1851 0.0011  -0.0060 -0.0049 102 MET A C   
678 O  O   . MET A 85 ? 0.1600 0.2046 0.1903 -0.0029 -0.0138 -0.0042 102 MET A O   
679 C  CB  . MET A 85 ? 0.1829 0.2080 0.1888 0.0021  -0.0067 -0.0053 102 MET A CB  
680 C  CG  . MET A 85 ? 0.2101 0.2132 0.2061 -0.0019 -0.0018 -0.0024 102 MET A CG  
681 S  SD  . MET A 85 ? 0.1687 0.2542 0.2475 0.0038  -0.0287 -0.0081 102 MET A SD  
682 C  CE  . MET A 85 ? 0.2046 0.2227 0.2407 0.0067  -0.0066 0.0040  102 MET A CE  
683 N  N   . ILE A 86 ? 0.1717 0.2021 0.1786 -0.0023 -0.0047 -0.0053 103 ILE A N   
684 C  CA  . ILE A 86 ? 0.1799 0.2031 0.1846 -0.0014 -0.0019 -0.0032 103 ILE A CA  
685 C  C   . ILE A 86 ? 0.1709 0.2007 0.1851 -0.0034 -0.0022 -0.0045 103 ILE A C   
686 O  O   . ILE A 86 ? 0.1538 0.2026 0.1857 -0.0071 -0.0003 -0.0061 103 ILE A O   
687 C  CB  . ILE A 86 ? 0.1766 0.2036 0.1857 -0.0019 -0.0023 -0.0041 103 ILE A CB  
688 C  CG1 . ILE A 86 ? 0.1761 0.2030 0.1890 -0.0009 0.0001  0.0003  103 ILE A CG1 
689 C  CG2 . ILE A 86 ? 0.1892 0.2104 0.2011 -0.0100 0.0004  0.0025  103 ILE A CG2 
690 C  CD1 . ILE A 86 ? 0.1854 0.2080 0.1850 0.0055  -0.0015 -0.0058 103 ILE A CD1 
691 N  N   . TYR A 87 ? 0.1759 0.2013 0.1844 -0.0043 -0.0015 -0.0031 104 TYR A N   
692 C  CA  . TYR A 87 ? 0.1971 0.2056 0.1919 -0.0044 -0.0008 -0.0004 104 TYR A CA  
693 C  C   . TYR A 87 ? 0.2064 0.2105 0.1975 -0.0042 -0.0024 0.0002  104 TYR A C   
694 O  O   . TYR A 87 ? 0.2122 0.2108 0.2024 -0.0068 -0.0002 0.0002  104 TYR A O   
695 C  CB  . TYR A 87 ? 0.1972 0.2035 0.1858 -0.0009 -0.0033 -0.0015 104 TYR A CB  
696 C  CG  . TYR A 87 ? 0.1951 0.2082 0.1779 -0.0049 0.0000  0.0004  104 TYR A CG  
697 C  CD1 . TYR A 87 ? 0.1909 0.2094 0.1739 0.0039  0.0005  -0.0023 104 TYR A CD1 
698 C  CD2 . TYR A 87 ? 0.2023 0.2196 0.1887 0.0012  -0.0023 0.0004  104 TYR A CD2 
699 C  CE1 . TYR A 87 ? 0.2043 0.2159 0.1762 0.0013  0.0058  0.0014  104 TYR A CE1 
700 C  CE2 . TYR A 87 ? 0.1859 0.2115 0.1839 0.0058  0.0015  -0.0007 104 TYR A CE2 
701 C  CZ  . TYR A 87 ? 0.1871 0.2204 0.1813 0.0050  -0.0049 -0.0029 104 TYR A CZ  
702 O  OH  . TYR A 87 ? 0.1788 0.2589 0.2121 0.0178  -0.0145 -0.0018 104 TYR A OH  
703 N  N   . ARG A 88 ? 0.2136 0.2193 0.2081 -0.0041 -0.0019 0.0003  105 ARG A N   
704 C  CA  . ARG A 88 ? 0.2215 0.2279 0.2149 -0.0014 -0.0021 -0.0023 105 ARG A CA  
705 C  C   . ARG A 88 ? 0.2279 0.2309 0.2259 -0.0033 -0.0015 -0.0057 105 ARG A C   
706 O  O   . ARG A 88 ? 0.2355 0.2369 0.2412 -0.0012 0.0012  -0.0066 105 ARG A O   
707 C  CB  . ARG A 88 ? 0.2201 0.2277 0.2175 -0.0022 -0.0036 -0.0023 105 ARG A CB  
708 C  CG  . ARG A 88 ? 0.2410 0.2503 0.2373 -0.0013 -0.0005 -0.0010 105 ARG A CG  
709 C  CD  . ARG A 88 ? 0.2653 0.2907 0.2836 0.0035  -0.0022 -0.0061 105 ARG A CD  
710 N  NE  . ARG A 88 ? 0.3120 0.3166 0.3369 0.0009  -0.0052 -0.0014 105 ARG A NE  
711 C  CZ  . ARG A 88 ? 0.3324 0.3396 0.3412 -0.0023 -0.0025 -0.0018 105 ARG A CZ  
712 N  NH1 . ARG A 88 ? 0.3434 0.3511 0.3528 0.0029  -0.0034 -0.0001 105 ARG A NH1 
713 N  NH2 . ARG A 88 ? 0.3395 0.3401 0.3569 0.0016  -0.0007 0.0006  105 ARG A NH2 
714 N  N   . ASN A 89 ? 0.2260 0.2331 0.2274 -0.0025 -0.0016 -0.0063 106 ASN A N   
715 C  CA  . ASN A 89 ? 0.2347 0.2412 0.2339 -0.0034 0.0000  -0.0029 106 ASN A CA  
716 C  C   . ASN A 89 ? 0.2401 0.2457 0.2378 -0.0053 0.0006  -0.0004 106 ASN A C   
717 O  O   . ASN A 89 ? 0.2510 0.2497 0.2344 -0.0099 0.0022  -0.0011 106 ASN A O   
718 C  CB  . ASN A 89 ? 0.2366 0.2416 0.2350 -0.0045 -0.0010 -0.0012 106 ASN A CB  
719 C  CG  . ASN A 89 ? 0.2430 0.2576 0.2565 -0.0029 -0.0036 -0.0019 106 ASN A CG  
720 O  OD1 . ASN A 89 ? 0.2644 0.2714 0.2807 -0.0069 -0.0056 -0.0071 106 ASN A OD1 
721 N  ND2 . ASN A 89 ? 0.2512 0.2534 0.2661 -0.0003 -0.0085 -0.0129 106 ASN A ND2 
722 N  N   . LEU A 90 ? 0.2423 0.2503 0.2429 -0.0077 -0.0013 0.0011  107 LEU A N   
723 C  CA  . LEU A 90 ? 0.2487 0.2568 0.2519 -0.0066 -0.0018 0.0001  107 LEU A CA  
724 C  C   . LEU A 90 ? 0.2538 0.2611 0.2516 -0.0069 -0.0012 -0.0015 107 LEU A C   
725 O  O   . LEU A 90 ? 0.2576 0.2601 0.2428 -0.0098 -0.0012 0.0000  107 LEU A O   
726 C  CB  . LEU A 90 ? 0.2471 0.2561 0.2528 -0.0071 -0.0040 -0.0009 107 LEU A CB  
727 C  CG  . LEU A 90 ? 0.2400 0.2570 0.2607 -0.0062 -0.0062 -0.0021 107 LEU A CG  
728 C  CD1 . LEU A 90 ? 0.2517 0.2712 0.2545 -0.0047 -0.0010 -0.0055 107 LEU A CD1 
729 C  CD2 . LEU A 90 ? 0.2103 0.2700 0.2414 -0.0068 -0.0120 0.0022  107 LEU A CD2 
730 N  N   . VAL A 91 ? 0.2619 0.2672 0.2572 -0.0071 0.0008  -0.0017 108 VAL A N   
731 C  CA  . VAL A 91 ? 0.2662 0.2718 0.2613 -0.0032 -0.0010 -0.0029 108 VAL A CA  
732 C  C   . VAL A 91 ? 0.2631 0.2710 0.2610 -0.0026 0.0005  -0.0045 108 VAL A C   
733 O  O   . VAL A 91 ? 0.2642 0.2714 0.2590 0.0004  0.0040  -0.0040 108 VAL A O   
734 C  CB  . VAL A 91 ? 0.2705 0.2711 0.2645 -0.0046 -0.0018 -0.0015 108 VAL A CB  
735 C  CG1 . VAL A 91 ? 0.2909 0.2832 0.2792 -0.0036 -0.0010 -0.0034 108 VAL A CG1 
736 C  CG2 . VAL A 91 ? 0.2707 0.2677 0.2757 -0.0042 -0.0069 -0.0050 108 VAL A CG2 
737 N  N   . VAL A 92 ? 0.2630 0.2759 0.2608 0.0005  0.0011  -0.0059 109 VAL A N   
738 C  CA  . VAL A 92 ? 0.2654 0.2821 0.2689 0.0014  0.0016  -0.0064 109 VAL A CA  
739 C  C   . VAL A 92 ? 0.2753 0.2932 0.2786 0.0010  0.0002  -0.0060 109 VAL A C   
740 O  O   . VAL A 92 ? 0.2784 0.3000 0.2782 0.0006  -0.0033 -0.0119 109 VAL A O   
741 C  CB  . VAL A 92 ? 0.2627 0.2814 0.2629 0.0028  0.0017  -0.0042 109 VAL A CB  
742 C  CG1 . VAL A 92 ? 0.2664 0.2819 0.2698 0.0046  0.0041  -0.0023 109 VAL A CG1 
743 C  CG2 . VAL A 92 ? 0.2618 0.2771 0.2702 0.0020  0.0027  0.0002  109 VAL A CG2 
744 N  N   . VAL A 93 ? 0.2830 0.3002 0.2917 -0.0019 -0.0010 -0.0038 110 VAL A N   
745 C  CA  . VAL A 93 ? 0.2930 0.3020 0.3040 -0.0029 -0.0020 -0.0049 110 VAL A CA  
746 C  C   . VAL A 93 ? 0.2958 0.3028 0.3143 -0.0011 -0.0046 -0.0025 110 VAL A C   
747 O  O   . VAL A 93 ? 0.3101 0.3166 0.3435 -0.0013 -0.0072 -0.0029 110 VAL A O   
748 C  CB  . VAL A 93 ? 0.2922 0.2987 0.3020 -0.0034 -0.0020 -0.0032 110 VAL A CB  
749 C  CG1 . VAL A 93 ? 0.2993 0.3099 0.3108 -0.0014 -0.0039 -0.0013 110 VAL A CG1 
750 C  CG2 . VAL A 93 ? 0.3022 0.3012 0.3087 -0.0047 -0.0014 -0.0011 110 VAL A CG2 
751 C  C3  . 07G B .  ? 0.2926 0.3049 0.3019 0.0020  -0.0025 -0.0031 1   07G A C3  
752 C  C4  . 07G B .  ? 0.2910 0.2952 0.3021 0.0022  0.0024  -0.0080 1   07G A C4  
753 F  F1  . 07G B .  ? 0.2906 0.2828 0.2817 0.0041  0.0001  -0.0102 1   07G A F1  
754 C  C5  . 07G B .  ? 0.2963 0.3083 0.3079 0.0051  -0.0033 -0.0096 1   07G A C5  
755 F  F2  . 07G B .  ? 0.3009 0.3326 0.3131 0.0122  -0.0101 -0.0065 1   07G A F2  
756 C  C6  . 07G B .  ? 0.3013 0.3126 0.3067 0.0050  -0.0020 -0.0052 1   07G A C6  
757 C  C1  . 07G B .  ? 0.3026 0.3116 0.3089 0.0012  0.0019  -0.0021 1   07G A C1  
758 C  C2  . 07G B .  ? 0.2973 0.3109 0.3078 0.0021  -0.0012 0.0002  1   07G A C2  
759 C  C7  . 07G B .  ? 0.3115 0.3124 0.3154 0.0009  -0.0003 -0.0044 1   07G A C7  
760 N  N1  . 07G B .  ? 0.3158 0.3179 0.3238 0.0004  -0.0013 -0.0032 1   07G A N1  
761 C  C8  . 07G B .  ? 0.3397 0.3413 0.3606 0.0036  -0.0003 -0.0060 1   07G A C8  
762 O  O1  . 07G B .  ? 0.3686 0.3639 0.3824 0.0011  -0.0033 -0.0030 1   07G A O1  
763 C  C9  . 07G B .  ? 0.3081 0.3097 0.3086 0.0023  -0.0053 -0.0063 1   07G A C9  
764 C  C10 . 07G B .  ? 0.2992 0.2964 0.2813 0.0027  -0.0028 -0.0123 1   07G A C10 
765 O  O2  . 07G B .  ? 0.3008 0.2904 0.2831 0.0020  -0.0012 -0.0154 1   07G A O2  
766 N  N3  . 07G B .  ? 0.2908 0.2952 0.2776 -0.0029 0.0048  -0.0066 1   07G A N3  
767 C  C20 . 07G B .  ? 0.2774 0.2864 0.2790 0.0011  0.0027  -0.0041 1   07G A C20 
768 C  C22 . 07G B .  ? 0.2879 0.2984 0.2767 -0.0015 -0.0051 -0.0079 1   07G A C22 
769 C  C23 . 07G B .  ? 0.2706 0.2912 0.2825 0.0054  -0.0006 0.0027  1   07G A C23 
770 C  C21 . 07G B .  ? 0.2766 0.2827 0.2707 -0.0004 0.0022  -0.0022 1   07G A C21 
771 C  C11 . 07G B .  ? 0.2859 0.2897 0.2798 -0.0026 -0.0057 -0.0041 1   07G A C11 
772 C  C14 . 07G B .  ? 0.2548 0.2665 0.2663 -0.0015 -0.0073 0.0012  1   07G A C14 
773 C  C15 . 07G B .  ? 0.2561 0.2601 0.2534 -0.0047 -0.0050 -0.0035 1   07G A C15 
774 C  C16 . 07G B .  ? 0.2377 0.2503 0.2517 0.0004  -0.0066 0.0053  1   07G A C16 
775 C  C17 . 07G B .  ? 0.2446 0.2623 0.2599 -0.0042 -0.0043 0.0024  1   07G A C17 
776 CL CL1 . 07G B .  ? 0.2348 0.2789 0.2473 -0.0084 -0.0065 0.0015  1   07G A CL1 
777 C  C18 . 07G B .  ? 0.2428 0.2699 0.2614 -0.0044 -0.0071 -0.0010 1   07G A C18 
778 C  C13 . 07G B .  ? 0.2630 0.2729 0.2750 -0.0001 -0.0027 -0.0055 1   07G A C13 
779 N  N2  . 07G B .  ? 0.2518 0.2768 0.2803 0.0007  -0.0070 -0.0061 1   07G A N2  
780 C  C12 . 07G B .  ? 0.2736 0.2902 0.2885 0.0011  -0.0010 -0.0037 1   07G A C12 
781 C  C19 . 07G B .  ? 0.2798 0.3018 0.3040 0.0036  -0.0016 -0.0041 1   07G A C19 
782 O  O4  . 07G B .  ? 0.2774 0.3210 0.3158 0.0057  0.0086  -0.0048 1   07G A O4  
783 O  O3  . 07G B .  ? 0.2883 0.3226 0.3328 0.0005  0.0062  0.0019  1   07G A O3  
784 O  O   . HOH C .  ? 0.3491 0.3510 0.3573 0.0090  -0.0094 -0.0005 2   HOH A O   
785 O  O   . HOH C .  ? 0.2643 0.3228 0.3024 -0.0090 -0.0033 -0.0098 3   HOH A O   
786 O  O   . HOH C .  ? 0.3155 0.3248 0.3178 -0.0044 0.0042  0.0040  4   HOH A O   
787 O  O   . HOH C .  ? 0.3597 0.3156 0.3127 -0.0239 -0.0101 0.0031  5   HOH A O   
788 O  O   . HOH C .  ? 0.3661 0.3641 0.3331 0.0115  -0.0045 -0.0122 6   HOH A O   
789 O  O   . HOH C .  ? 0.3688 0.3485 0.3506 -0.0108 -0.0026 -0.0054 7   HOH A O   
790 O  O   . HOH C .  ? 0.2781 0.3090 0.3370 0.0022  -0.0118 0.0051  8   HOH A O   
791 O  O   . HOH C .  ? 0.2505 0.2513 0.2251 0.0059  0.0241  0.0037  9   HOH A O   
792 O  O   . HOH C .  ? 0.2142 0.2912 0.2708 0.0215  -0.0004 -0.0261 10  HOH A O   
793 O  O   . HOH C .  ? 0.4089 0.4217 0.4069 -0.0006 -0.0046 -0.0147 11  HOH A O   
794 O  O   . HOH C .  ? 0.2826 0.3709 0.2994 -0.0014 -0.0024 -0.0126 12  HOH A O   
795 O  O   . HOH C .  ? 0.4597 0.4507 0.4649 -0.0058 0.0088  0.0137  13  HOH A O   
796 O  O   . HOH C .  ? 0.3272 0.3119 0.3097 0.0003  0.0141  -0.0027 14  HOH A O   
797 O  O   . HOH C .  ? 0.2825 0.3233 0.2562 0.0126  -0.0015 -0.0117 15  HOH A O   
798 O  O   . HOH C .  ? 0.3426 0.3404 0.3577 0.0005  -0.0137 0.0003  16  HOH A O   
799 O  O   . HOH C .  ? 0.3649 0.3336 0.3534 -0.0020 -0.0020 -0.0131 17  HOH A O   
800 O  O   . HOH C .  ? 0.5395 0.5624 0.5352 0.0012  0.0090  -0.0003 126 HOH A O   
801 O  O   . HOH C .  ? 0.7395 0.7443 0.7363 0.0036  0.0047  0.0021  127 HOH A O   
802 O  O   . HOH C .  ? 0.8926 0.8801 0.8942 0.0033  -0.0006 0.0001  128 HOH A O   
803 O  O   . HOH C .  ? 0.6993 0.7003 0.6858 0.0027  0.0002  0.0016  129 HOH A O   
804 O  O   . HOH C .  ? 0.3897 0.3976 0.3609 -0.0035 0.0068  -0.0034 130 HOH A O   
805 O  O   . HOH C .  ? 0.3723 0.3596 0.3904 0.0025  0.0004  0.0165  131 HOH A O   
806 O  O   . HOH C .  ? 0.4808 0.4943 0.4707 -0.0006 0.0124  0.0067  132 HOH A O   
807 O  O   . HOH C .  ? 0.3010 0.3034 0.3279 0.0116  0.0044  0.0171  133 HOH A O   
808 O  O   . HOH C .  ? 0.3311 0.3833 0.3298 0.0045  0.0032  -0.0059 134 HOH A O   
809 O  O   . HOH C .  ? 0.6660 0.6690 0.6642 -0.0015 -0.0016 -0.0025 135 HOH A O   
810 O  O   . HOH C .  ? 0.5656 0.5604 0.5394 -0.0021 0.0121  0.0043  136 HOH A O   
811 O  O   . HOH C .  ? 0.5083 0.5255 0.5177 0.0037  -0.0063 0.0067  137 HOH A O   
812 O  O   . HOH C .  ? 0.5282 0.5207 0.5526 -0.0010 -0.0016 0.0006  138 HOH A O   
813 O  O   . HOH C .  ? 0.4586 0.4617 0.4450 0.0036  0.0199  -0.0042 139 HOH A O   
814 O  O   . HOH C .  ? 0.4541 0.4325 0.4580 -0.0029 -0.0093 0.0107  140 HOH A O   
815 O  O   . HOH C .  ? 0.3797 0.3527 0.3697 -0.0035 -0.0022 0.0095  141 HOH A O   
816 O  O   . HOH C .  ? 0.4705 0.4526 0.4697 -0.0037 -0.0040 -0.0004 142 HOH A O   
817 O  O   . HOH C .  ? 0.4432 0.4535 0.4540 -0.0002 0.0048  0.0116  143 HOH A O   
818 O  O   . HOH C .  ? 0.4463 0.4352 0.4682 -0.0040 -0.0061 0.0036  144 HOH A O   
819 O  O   . HOH C .  ? 0.4646 0.4775 0.4870 -0.0080 0.0093  0.0091  145 HOH A O   
820 O  O   . HOH C .  ? 0.4275 0.4294 0.4155 -0.0043 0.0050  0.0072  146 HOH A O   
821 O  O   . HOH C .  ? 0.3737 0.3801 0.3506 -0.0042 0.0023  0.0029  147 HOH A O   
822 O  O   . HOH C .  ? 0.4924 0.4885 0.5075 0.0060  -0.0060 0.0058  148 HOH A O   
823 O  O   . HOH C .  ? 0.4236 0.4592 0.4183 -0.0095 0.0072  0.0076  149 HOH A O   
824 O  O   . HOH C .  ? 0.4458 0.4701 0.4281 0.0159  -0.0089 -0.0002 150 HOH A O   
825 O  O   . HOH C .  ? 0.4056 0.4214 0.3945 0.0007  0.0051  -0.0072 151 HOH A O   
826 O  O   . HOH C .  ? 0.4308 0.4468 0.4533 -0.0003 -0.0056 -0.0041 152 HOH A O   
827 O  O   . HOH C .  ? 0.3919 0.4153 0.4038 0.0056  -0.0067 0.0016  153 HOH A O   
828 O  O   . HOH C .  ? 0.4132 0.3987 0.3871 -0.0065 0.0027  -0.0004 154 HOH A O   
829 O  O   . HOH C .  ? 0.3834 0.3549 0.3710 -0.0078 -0.0007 0.0021  155 HOH A O   
830 O  O   . HOH C .  ? 0.4292 0.4016 0.4195 -0.0105 -0.0040 0.0033  156 HOH A O   
831 O  O   . HOH C .  ? 0.3896 0.3790 0.4029 -0.0052 0.0006  -0.0112 157 HOH A O   
832 O  O   . HOH C .  ? 0.5140 0.4798 0.4972 -0.0050 0.0078  -0.0018 158 HOH A O   
833 O  O   . HOH C .  ? 0.3032 0.3325 0.3332 -0.0059 -0.0152 0.0073  159 HOH A O   
834 O  O   . HOH C .  ? 0.5065 0.5174 0.5147 -0.0030 -0.0019 0.0065  160 HOH A O   
835 O  O   . HOH C .  ? 0.4606 0.4781 0.4727 0.0047  0.0095  -0.0027 161 HOH A O   
836 O  O   . HOH C .  ? 0.5763 0.5964 0.5759 0.0021  -0.0079 0.0012  162 HOH A O   
837 O  O   . HOH C .  ? 0.4864 0.4304 0.4221 -0.0095 -0.0040 -0.0043 163 HOH A O   
838 O  O   . HOH C .  ? 0.4902 0.4772 0.4971 -0.0077 -0.0008 0.0026  164 HOH A O   
839 O  O   . HOH C .  ? 0.4583 0.4623 0.4674 -0.0008 0.0012  -0.0024 165 HOH A O   
840 O  O   . HOH C .  ? 0.5905 0.6020 0.6033 0.0051  -0.0005 0.0075  166 HOH A O   
841 O  O   . HOH C .  ? 0.4005 0.4109 0.3569 -0.0028 -0.0108 -0.0026 167 HOH A O   
842 O  O   . HOH C .  ? 0.4603 0.4357 0.4723 -0.0081 0.0013  0.0010  168 HOH A O   
843 O  O   . HOH C .  ? 0.4634 0.4745 0.4772 -0.0009 -0.0065 -0.0061 169 HOH A O   
844 O  O   . HOH C .  ? 0.5894 0.5912 0.5879 0.0020  0.0088  -0.0020 170 HOH A O   
845 O  O   . HOH C .  ? 0.5402 0.5514 0.5299 -0.0030 -0.0015 -0.0064 171 HOH A O   
846 O  O   . HOH C .  ? 0.5168 0.5221 0.5104 -0.0108 -0.0021 0.0010  172 HOH A O   
847 O  O   . HOH C .  ? 0.4151 0.3989 0.3882 -0.0040 0.0004  -0.0001 173 HOH A O   
848 O  O   . HOH C .  ? 0.5326 0.5672 0.5570 0.0042  -0.0051 0.0052  174 HOH A O   
849 O  O   . HOH C .  ? 0.3835 0.4329 0.4157 0.0109  0.0012  -0.0038 175 HOH A O   
850 O  O   . HOH C .  ? 0.4455 0.4277 0.4287 0.0025  0.0131  -0.0036 176 HOH A O   
851 O  O   . HOH C .  ? 0.5157 0.5058 0.5265 0.0013  -0.0061 0.0055  177 HOH A O   
852 O  O   . HOH C .  ? 0.4914 0.5174 0.4985 -0.0006 0.0059  0.0045  178 HOH A O   
853 O  O   . HOH C .  ? 0.6116 0.6135 0.6182 0.0016  -0.0010 0.0051  179 HOH A O   
854 O  O   . HOH C .  ? 0.6159 0.6061 0.6106 0.0010  -0.0030 -0.0060 180 HOH A O   
855 O  O   . HOH C .  ? 0.5796 0.5832 0.5819 0.0114  0.0036  0.0004  181 HOH A O   
856 O  O   . HOH C .  ? 0.4179 0.4515 0.4021 0.0010  -0.0062 -0.0171 182 HOH A O   
857 O  O   . HOH C .  ? 0.3648 0.4054 0.4198 0.0057  -0.0071 -0.0010 183 HOH A O   
858 O  O   . HOH C .  ? 0.5348 0.5439 0.5332 0.0026  -0.0022 0.0011  184 HOH A O   
859 O  O   . HOH C .  ? 0.6291 0.6162 0.6116 -0.0088 0.0110  0.0021  185 HOH A O   
860 O  O   . HOH C .  ? 0.5098 0.5485 0.5307 0.0022  -0.0086 -0.0016 186 HOH A O   
861 O  O   . HOH C .  ? 0.4464 0.4801 0.4792 -0.0035 -0.0131 0.0076  187 HOH A O   
862 O  O   . HOH C .  ? 0.5640 0.5586 0.5527 -0.0119 0.0014  0.0087  188 HOH A O   
863 O  O   . HOH C .  ? 0.5045 0.5007 0.4934 -0.0050 0.0072  0.0004  189 HOH A O   
864 O  O   . HOH C .  ? 0.5284 0.5347 0.5254 -0.0006 -0.0042 -0.0097 190 HOH A O   
865 O  O   . HOH C .  ? 0.6603 0.6535 0.6607 -0.0095 0.0024  0.0053  191 HOH A O   
866 O  O   . HOH C .  ? 0.4485 0.4925 0.4844 0.0001  0.0080  0.0001  192 HOH A O   
867 O  O   . HOH C .  ? 0.6151 0.6131 0.5998 0.0041  0.0033  -0.0052 193 HOH A O   
868 O  O   . HOH C .  ? 0.4243 0.4320 0.4409 0.0048  0.0111  -0.0011 194 HOH A O   
869 O  O   . HOH C .  ? 0.4971 0.5156 0.4934 -0.0022 -0.0073 -0.0002 195 HOH A O   
870 O  O   . HOH C .  ? 0.5565 0.5554 0.5570 0.0015  0.0051  -0.0034 196 HOH A O   
871 O  O   . HOH C .  ? 0.4596 0.4500 0.4238 0.0004  0.0054  -0.0009 197 HOH A O   
872 O  O   . HOH C .  ? 0.4518 0.4735 0.4528 0.0090  -0.0064 -0.0019 198 HOH A O   
873 O  O   . HOH C .  ? 0.4440 0.4537 0.4424 -0.0010 0.0128  -0.0052 199 HOH A O   
874 O  O   . HOH C .  ? 0.4856 0.5033 0.5039 0.0008  -0.0015 -0.0041 200 HOH A O   
875 O  O   . HOH C .  ? 0.5721 0.5641 0.5685 -0.0091 0.0082  0.0068  201 HOH A O   
876 O  O   . HOH C .  ? 0.4955 0.5181 0.5061 0.0007  -0.0035 -0.0116 202 HOH A O   
877 O  O   . HOH C .  ? 0.5110 0.5007 0.5052 0.0004  -0.0040 0.0014  203 HOH A O   
878 O  O   . HOH C .  ? 0.5486 0.5615 0.5528 0.0016  -0.0021 0.0012  204 HOH A O   
879 O  O   . HOH C .  ? 0.5195 0.5209 0.5053 0.0119  -0.0013 0.0033  205 HOH A O   
880 O  O   . HOH C .  ? 0.5869 0.5691 0.5849 -0.0048 -0.0006 -0.0067 206 HOH A O   
881 O  O   . HOH C .  ? 0.6119 0.6061 0.6176 0.0029  -0.0013 0.0009  207 HOH A O   
882 O  O   . HOH C .  ? 0.7837 0.7756 0.7749 0.0011  0.0030  0.0055  208 HOH A O   
883 O  O   . HOH C .  ? 0.7452 0.7387 0.7317 -0.0011 0.0036  -0.0027 209 HOH A O   
884 O  O   . HOH C .  ? 0.6799 0.6832 0.6856 -0.0025 -0.0018 -0.0005 210 HOH A O   
885 O  O   . HOH C .  ? 0.5900 0.6004 0.6071 0.0031  -0.0012 0.0024  211 HOH A O   
886 O  O   . HOH C .  ? 0.6054 0.6071 0.6044 0.0057  0.0040  -0.0067 212 HOH A O   
887 O  O   . HOH C .  ? 0.4701 0.4931 0.4897 -0.0070 -0.0032 -0.0035 213 HOH A O   
888 O  O   . HOH C .  ? 0.4882 0.5031 0.4807 0.0091  0.0102  -0.0115 214 HOH A O   
889 O  O   . HOH C .  ? 0.6263 0.6207 0.6104 0.0021  0.0045  -0.0003 215 HOH A O   
890 O  O   . HOH C .  ? 0.6729 0.6630 0.6596 -0.0025 0.0041  0.0051  216 HOH A O   
891 O  O   . HOH C .  ? 0.6034 0.5984 0.6119 -0.0018 0.0061  0.0054  217 HOH A O   
892 O  O   . HOH C .  ? 0.6525 0.6375 0.6419 0.0021  -0.0014 0.0016  218 HOH A O   
893 O  O   . HOH C .  ? 0.7434 0.7395 0.7387 -0.0041 0.0032  -0.0039 219 HOH A O   
894 O  O   . HOH C .  ? 0.7001 0.6993 0.6886 -0.0019 -0.0005 0.0060  220 HOH A O   
895 O  O   . HOH C .  ? 0.5087 0.4907 0.4926 -0.0065 -0.0003 0.0054  221 HOH A O   
896 O  O   . HOH C .  ? 0.6331 0.6319 0.6307 0.0033  0.0065  -0.0031 222 HOH A O   
897 O  O   . HOH C .  ? 0.5921 0.5899 0.5884 0.0048  -0.0030 0.0059  223 HOH A O   
898 O  O   . HOH C .  ? 0.4842 0.4790 0.4657 -0.0053 0.0037  0.0038  224 HOH A O   
899 O  O   . HOH C .  ? 0.6678 0.6623 0.6516 -0.0042 -0.0029 -0.0019 225 HOH A O   
# 
